data_5KUY
#
_entry.id   5KUY
#
_cell.length_a   154.259
_cell.length_b   219.322
_cell.length_c   104.524
_cell.angle_alpha   90.00
_cell.angle_beta   117.78
_cell.angle_gamma   90.00
#
_symmetry.space_group_name_H-M   'C 1 2 1'
#
loop_
_entity.id
_entity.type
_entity.pdbx_description
1 polymer 'Hemagglutinin HA1'
2 polymer 'Hemagglutinin HA2'
3 polymer 'Designed influenza inhibitor HSB.2A'
4 branched 2-acetamido-2-deoxy-beta-D-glucopyranose-(1-4)-2-acetamido-2-deoxy-beta-D-glucopyranose
5 branched beta-D-mannopyranose-(1-4)-2-acetamido-2-deoxy-beta-D-glucopyranose-(1-4)-2-acetamido-2-deoxy-beta-D-glucopyranose
6 non-polymer 2-acetamido-2-deoxy-beta-D-glucopyranose
7 water water
#
loop_
_entity_poly.entity_id
_entity_poly.type
_entity_poly.pdbx_seq_one_letter_code
_entity_poly.pdbx_strand_id
1 'polypeptide(L)'
;ADPGATLCLGHHAVPNGTLVKTITDDQIEVTNATELVQSSSTGKICNNPHRILDGIDCTLIDALLGDPHCDVFQNETWDL
FVERSKAFSNCYPYDVPDYASLRSLVASSGTLEFITEGFTWTGVTQNGGSNACKRGPGSGFFSRLNWLTKSGSTYPVLNV
TMPNNDNFDKLYIWGVHHPSTNQEQTSLYVQASGRVTVSTRRSQQTIIPNIGSRPWVRGLSSRISIYWTIVKPGDVLVIN
SNGNLIAPRGYFKMRTGKSSIMRSDAPIDTCISECITPNGSIPNDKPFQNVNKITYGACPKYVKQNTLKLATGMRNVPEK
QTR
;
A,C,E
2 'polypeptide(L)'
;GLFGAIAGFIENGWEGMIDGWYGFRHQNSEGTGQAADLKSTQAAIDQINGKLNRVIEKTNEKFHQIEKEFSEVEGRIQDL
EKYVEDTKIDLWSYNAELLVALENQHTIDLTDSEMNKLFEKTGRQLRENAEDMGNGCFKIYHKCDNACIESIRNGTYDHD
VYRDEALNNRFQIKGVS
;
B,D,F
3 'polypeptide(L)'
;MGIVNVPNCNTTKYQQLARTAVAIYNYHEQAHLTFVENLNCKEQGNYYYITLAATDDAGKKAIYEAKIGVVESAGWTGVE
EFKLVGSLEGSHHHHHH
;
G,H,I
#
# COMPACT_ATOMS: atom_id res chain seq x y z
N ALA A 1 -20.12 -73.70 -28.03
CA ALA A 1 -19.14 -73.00 -27.20
C ALA A 1 -19.84 -72.08 -26.20
N ASP A 2 -19.07 -71.51 -25.31
CA ASP A 2 -19.56 -70.67 -24.24
C ASP A 2 -19.57 -69.20 -24.66
N PRO A 3 -20.51 -68.40 -24.15
CA PRO A 3 -20.51 -66.97 -24.46
C PRO A 3 -19.34 -66.22 -23.84
N GLY A 4 -18.70 -66.79 -22.82
CA GLY A 4 -17.69 -66.06 -22.07
C GLY A 4 -18.31 -65.09 -21.09
N ALA A 5 -17.59 -64.00 -20.82
CA ALA A 5 -18.03 -63.00 -19.87
C ALA A 5 -17.63 -61.62 -20.35
N THR A 6 -18.31 -60.61 -19.81
CA THR A 6 -18.01 -59.21 -20.09
C THR A 6 -17.84 -58.49 -18.76
N LEU A 7 -16.80 -57.67 -18.66
CA LEU A 7 -16.51 -56.92 -17.44
C LEU A 7 -16.29 -55.46 -17.83
N CYS A 8 -17.19 -54.59 -17.38
CA CYS A 8 -17.19 -53.19 -17.77
C CYS A 8 -16.73 -52.33 -16.62
N LEU A 9 -15.78 -51.42 -16.91
CA LEU A 9 -15.35 -50.41 -15.96
C LEU A 9 -16.19 -49.16 -16.12
N GLY A 10 -16.52 -48.52 -14.99
CA GLY A 10 -17.34 -47.34 -15.04
C GLY A 10 -17.10 -46.44 -13.85
N HIS A 11 -17.84 -45.35 -13.83
CA HIS A 11 -17.75 -44.35 -12.77
C HIS A 11 -19.15 -43.83 -12.48
N HIS A 12 -19.31 -43.17 -11.35
CA HIS A 12 -20.64 -42.77 -10.94
C HIS A 12 -21.03 -41.44 -11.60
N ALA A 13 -22.30 -41.09 -11.42
CA ALA A 13 -22.84 -39.83 -11.91
C ALA A 13 -24.06 -39.48 -11.06
N VAL A 14 -24.44 -38.21 -11.11
CA VAL A 14 -25.59 -37.74 -10.35
C VAL A 14 -26.53 -37.02 -11.31
N PRO A 15 -27.81 -36.91 -10.95
CA PRO A 15 -28.73 -36.11 -11.76
C PRO A 15 -28.71 -34.62 -11.42
N ASN A 16 -27.97 -34.22 -10.40
CA ASN A 16 -27.91 -32.83 -9.94
C ASN A 16 -26.45 -32.35 -9.96
N GLY A 17 -25.90 -32.19 -11.16
CA GLY A 17 -24.56 -31.69 -11.29
C GLY A 17 -24.44 -30.20 -10.95
N THR A 18 -23.19 -29.75 -10.86
CA THR A 18 -22.88 -28.36 -10.58
C THR A 18 -21.89 -27.85 -11.62
N LEU A 19 -22.12 -26.64 -12.13
CA LEU A 19 -21.21 -26.03 -13.07
C LEU A 19 -20.07 -25.33 -12.34
N VAL A 20 -18.85 -25.53 -12.83
CA VAL A 20 -17.66 -24.90 -12.27
C VAL A 20 -16.80 -24.35 -13.41
N LYS A 21 -15.90 -23.45 -13.04
CA LYS A 21 -14.95 -22.87 -13.98
C LYS A 21 -13.64 -23.63 -13.96
N THR A 22 -13.01 -23.73 -15.12
CA THR A 22 -11.66 -24.29 -15.21
C THR A 22 -10.76 -23.37 -16.02
N ILE A 23 -9.55 -23.84 -16.32
CA ILE A 23 -8.63 -23.07 -17.16
C ILE A 23 -9.19 -22.93 -18.57
N THR A 24 -9.80 -24.00 -19.09
CA THR A 24 -10.28 -24.00 -20.47
C THR A 24 -11.78 -23.74 -20.61
N ASP A 25 -12.59 -24.13 -19.63
CA ASP A 25 -14.05 -24.04 -19.74
C ASP A 25 -14.59 -22.97 -18.81
N ASP A 26 -15.48 -22.14 -19.33
CA ASP A 26 -16.17 -21.18 -18.49
C ASP A 26 -17.17 -21.86 -17.57
N GLN A 27 -17.82 -22.92 -18.06
CA GLN A 27 -18.76 -23.70 -17.26
C GLN A 27 -18.64 -25.16 -17.69
N ILE A 28 -18.46 -26.05 -16.73
CA ILE A 28 -18.41 -27.49 -17.00
C ILE A 28 -19.01 -28.20 -15.79
N GLU A 29 -19.73 -29.29 -16.04
CA GLU A 29 -20.53 -29.94 -15.01
C GLU A 29 -19.71 -31.01 -14.29
N VAL A 30 -19.61 -30.88 -12.97
CA VAL A 30 -19.00 -31.89 -12.13
C VAL A 30 -20.06 -32.40 -11.17
N THR A 31 -19.73 -33.48 -10.45
CA THR A 31 -20.73 -34.10 -9.58
C THR A 31 -20.99 -33.31 -8.32
N ASN A 32 -19.99 -32.57 -7.83
CA ASN A 32 -20.16 -31.87 -6.56
C ASN A 32 -19.20 -30.71 -6.52
N ALA A 33 -19.57 -29.68 -5.76
CA ALA A 33 -18.72 -28.52 -5.58
C ALA A 33 -19.05 -27.86 -4.26
N THR A 34 -18.13 -27.03 -3.78
CA THR A 34 -18.34 -26.28 -2.56
C THR A 34 -18.03 -24.81 -2.79
N GLU A 35 -18.79 -23.96 -2.12
CA GLU A 35 -18.66 -22.52 -2.27
C GLU A 35 -17.49 -22.01 -1.44
N LEU A 36 -16.65 -21.15 -2.05
CA LEU A 36 -15.49 -20.60 -1.38
C LEU A 36 -15.64 -19.14 -0.98
N VAL A 37 -16.73 -18.48 -1.37
CA VAL A 37 -16.94 -17.08 -1.09
C VAL A 37 -18.11 -16.95 -0.12
N GLN A 38 -17.84 -16.43 1.07
CA GLN A 38 -18.91 -16.14 2.03
C GLN A 38 -19.63 -14.88 1.58
N SER A 39 -20.93 -15.00 1.30
CA SER A 39 -21.66 -13.88 0.74
C SER A 39 -22.92 -13.51 1.53
N SER A 40 -23.18 -14.14 2.66
CA SER A 40 -24.34 -13.82 3.46
C SER A 40 -23.92 -13.56 4.90
N SER A 41 -24.79 -12.86 5.63
CA SER A 41 -24.55 -12.58 7.04
C SER A 41 -25.90 -12.58 7.76
N THR A 42 -25.87 -12.97 9.04
CA THR A 42 -27.07 -12.88 9.87
C THR A 42 -27.51 -11.45 10.09
N GLY A 43 -26.63 -10.47 9.83
CA GLY A 43 -26.94 -9.08 10.08
C GLY A 43 -26.75 -8.65 11.51
N LYS A 44 -26.21 -9.52 12.37
CA LYS A 44 -25.98 -9.21 13.77
C LYS A 44 -24.51 -9.42 14.11
N ILE A 45 -24.03 -8.64 15.07
CA ILE A 45 -22.65 -8.72 15.54
C ILE A 45 -22.63 -9.60 16.79
N CYS A 46 -21.89 -10.70 16.73
CA CYS A 46 -21.80 -11.61 17.86
C CYS A 46 -20.87 -11.05 18.93
N ASN A 47 -21.30 -11.14 20.19
CA ASN A 47 -20.58 -10.54 21.31
C ASN A 47 -19.53 -11.47 21.91
N ASN A 48 -19.28 -12.62 21.29
CA ASN A 48 -18.17 -13.48 21.67
C ASN A 48 -17.45 -13.98 20.43
N PRO A 49 -16.13 -14.24 20.53
CA PRO A 49 -15.28 -14.14 21.72
C PRO A 49 -14.62 -12.78 21.89
N HIS A 50 -14.90 -11.83 21.00
CA HIS A 50 -14.34 -10.49 21.12
C HIS A 50 -15.19 -9.64 22.06
N ARG A 51 -14.54 -8.77 22.81
CA ARG A 51 -15.26 -7.81 23.64
C ARG A 51 -15.76 -6.68 22.77
N ILE A 52 -17.08 -6.62 22.58
CA ILE A 52 -17.71 -5.58 21.80
C ILE A 52 -18.21 -4.50 22.75
N LEU A 53 -17.87 -3.26 22.45
CA LEU A 53 -18.35 -2.10 23.20
C LEU A 53 -19.24 -1.28 22.27
N ASP A 54 -20.53 -1.21 22.57
CA ASP A 54 -21.50 -0.50 21.74
C ASP A 54 -21.51 0.96 22.16
N GLY A 55 -21.08 1.84 21.25
CA GLY A 55 -21.05 3.27 21.55
C GLY A 55 -22.41 3.91 21.64
N ILE A 56 -23.43 3.29 21.03
CA ILE A 56 -24.80 3.80 21.02
C ILE A 56 -24.81 5.25 20.53
N ASP A 57 -25.03 6.20 21.44
CA ASP A 57 -25.12 7.61 21.07
C ASP A 57 -23.78 8.32 21.09
N CYS A 58 -22.68 7.60 21.31
CA CYS A 58 -21.39 8.22 21.60
C CYS A 58 -20.34 7.76 20.61
N THR A 59 -19.63 8.73 20.03
CA THR A 59 -18.41 8.42 19.31
C THR A 59 -17.29 8.12 20.31
N LEU A 60 -16.21 7.51 19.81
CA LEU A 60 -15.08 7.21 20.68
C LEU A 60 -14.45 8.48 21.23
N ILE A 61 -14.32 9.52 20.40
CA ILE A 61 -13.70 10.76 20.85
C ILE A 61 -14.55 11.41 21.95
N ASP A 62 -15.87 11.41 21.78
CA ASP A 62 -16.73 12.01 22.80
C ASP A 62 -16.70 11.23 24.11
N ALA A 63 -16.59 9.90 24.04
CA ALA A 63 -16.41 9.15 25.29
C ALA A 63 -15.05 9.40 25.89
N LEU A 64 -14.04 9.66 25.06
CA LEU A 64 -12.71 9.98 25.55
C LEU A 64 -12.70 11.33 26.27
N LEU A 65 -13.22 12.36 25.61
CA LEU A 65 -13.23 13.69 26.21
C LEU A 65 -14.05 13.72 27.49
N GLY A 66 -15.19 13.02 27.50
CA GLY A 66 -16.04 12.99 28.68
C GLY A 66 -17.31 13.80 28.51
N ASP A 67 -17.87 13.78 27.30
CA ASP A 67 -19.19 14.33 27.06
C ASP A 67 -20.18 13.73 28.06
N PRO A 68 -20.98 14.55 28.75
CA PRO A 68 -21.82 14.03 29.84
C PRO A 68 -22.68 12.83 29.48
N HIS A 69 -23.33 12.81 28.31
CA HIS A 69 -24.14 11.63 28.02
C HIS A 69 -23.30 10.42 27.65
N CYS A 70 -21.98 10.55 27.64
CA CYS A 70 -21.05 9.43 27.45
C CYS A 70 -20.35 9.05 28.75
N ASP A 71 -20.86 9.47 29.90
CA ASP A 71 -20.21 9.16 31.17
C ASP A 71 -20.11 7.66 31.40
N VAL A 72 -21.05 6.88 30.88
CA VAL A 72 -21.08 5.44 31.15
C VAL A 72 -19.86 4.73 30.58
N PHE A 73 -19.13 5.35 29.65
CA PHE A 73 -17.98 4.72 29.02
C PHE A 73 -16.67 5.00 29.77
N GLN A 74 -16.72 5.63 30.93
CA GLN A 74 -15.50 5.93 31.67
C GLN A 74 -14.74 4.67 32.02
N ASN A 75 -13.44 4.66 31.75
CA ASN A 75 -12.53 3.57 32.08
C ASN A 75 -12.90 2.28 31.36
N GLU A 76 -13.57 2.39 30.22
CA GLU A 76 -14.01 1.21 29.48
C GLU A 76 -12.86 0.61 28.67
N THR A 77 -13.01 -0.67 28.34
CA THR A 77 -12.08 -1.39 27.49
C THR A 77 -12.86 -2.08 26.39
N TRP A 78 -12.14 -2.49 25.34
CA TRP A 78 -12.80 -3.14 24.21
C TRP A 78 -11.76 -3.83 23.34
N ASP A 79 -12.22 -4.84 22.62
CA ASP A 79 -11.53 -5.33 21.44
C ASP A 79 -12.01 -4.61 20.19
N LEU A 80 -13.32 -4.36 20.11
CA LEU A 80 -13.91 -3.61 19.02
C LEU A 80 -14.89 -2.60 19.57
N PHE A 81 -14.64 -1.32 19.30
CA PHE A 81 -15.59 -0.26 19.58
C PHE A 81 -16.46 -0.06 18.35
N VAL A 82 -17.78 -0.06 18.55
CA VAL A 82 -18.74 0.07 17.46
C VAL A 82 -19.38 1.45 17.54
N GLU A 83 -19.19 2.25 16.49
CA GLU A 83 -19.77 3.59 16.41
C GLU A 83 -21.04 3.55 15.58
N ARG A 84 -22.13 4.06 16.14
CA ARG A 84 -23.41 4.11 15.46
C ARG A 84 -23.58 5.43 14.73
N SER A 85 -24.32 5.39 13.62
CA SER A 85 -24.53 6.60 12.84
C SER A 85 -25.48 7.57 13.54
N LYS A 86 -26.22 7.12 14.54
CA LYS A 86 -27.09 7.99 15.31
C LYS A 86 -26.35 8.76 16.40
N ALA A 87 -25.03 8.59 16.51
CA ALA A 87 -24.27 9.24 17.57
C ALA A 87 -24.31 10.76 17.39
N PHE A 88 -24.22 11.47 18.50
CA PHE A 88 -24.26 12.93 18.47
C PHE A 88 -23.42 13.48 19.61
N SER A 89 -22.89 14.67 19.40
CA SER A 89 -22.22 15.42 20.46
C SER A 89 -23.23 16.32 21.14
N ASN A 90 -23.07 16.49 22.45
CA ASN A 90 -23.97 17.33 23.23
C ASN A 90 -23.20 18.06 24.32
N CYS A 91 -22.00 18.52 23.98
CA CYS A 91 -21.18 19.28 24.93
C CYS A 91 -20.71 20.56 24.25
N TYR A 92 -19.57 21.08 24.66
CA TYR A 92 -19.05 22.31 24.07
C TYR A 92 -18.65 22.07 22.62
N PRO A 93 -19.03 22.95 21.69
CA PRO A 93 -18.62 22.76 20.30
C PRO A 93 -17.12 22.80 20.15
N TYR A 94 -16.57 21.80 19.47
CA TYR A 94 -15.13 21.60 19.41
C TYR A 94 -14.75 21.05 18.05
N ASP A 95 -13.44 20.99 17.81
CA ASP A 95 -12.90 20.26 16.68
C ASP A 95 -11.55 19.68 17.09
N VAL A 96 -11.14 18.64 16.38
CA VAL A 96 -9.86 17.97 16.63
C VAL A 96 -9.08 17.96 15.32
N PRO A 97 -8.05 18.80 15.21
CA PRO A 97 -7.11 18.64 14.09
C PRO A 97 -6.49 17.25 14.13
N ASP A 98 -6.49 16.60 12.98
CA ASP A 98 -6.14 15.17 12.88
C ASP A 98 -7.04 14.35 13.80
N TYR A 99 -8.34 14.59 13.70
CA TYR A 99 -9.35 13.75 14.35
C TYR A 99 -9.14 12.28 14.04
N ALA A 100 -8.87 11.96 12.77
CA ALA A 100 -8.74 10.57 12.35
C ALA A 100 -7.58 9.88 13.08
N SER A 101 -6.46 10.58 13.26
CA SER A 101 -5.32 9.96 13.93
C SER A 101 -5.60 9.72 15.40
N LEU A 102 -6.24 10.69 16.08
CA LEU A 102 -6.55 10.48 17.50
C LEU A 102 -7.55 9.36 17.67
N ARG A 103 -8.59 9.31 16.85
CA ARG A 103 -9.54 8.22 16.89
C ARG A 103 -8.86 6.89 16.63
N SER A 104 -7.88 6.87 15.72
CA SER A 104 -7.17 5.64 15.40
C SER A 104 -6.34 5.16 16.59
N LEU A 105 -5.52 6.04 17.16
CA LEU A 105 -4.59 5.61 18.21
C LEU A 105 -5.32 5.23 19.49
N VAL A 106 -6.45 5.86 19.78
CA VAL A 106 -7.22 5.49 20.97
C VAL A 106 -7.93 4.16 20.73
N ALA A 107 -8.56 4.00 19.56
CA ALA A 107 -9.17 2.72 19.20
C ALA A 107 -8.16 1.59 19.27
N SER A 108 -6.96 1.81 18.72
CA SER A 108 -5.92 0.79 18.75
C SER A 108 -5.43 0.54 20.17
N SER A 109 -5.52 1.54 21.05
CA SER A 109 -5.11 1.35 22.43
C SER A 109 -6.07 0.43 23.17
N GLY A 110 -7.37 0.56 22.92
CA GLY A 110 -8.36 -0.35 23.46
C GLY A 110 -8.84 -0.05 24.87
N THR A 111 -8.53 1.13 25.41
CA THR A 111 -8.96 1.46 26.76
C THR A 111 -9.17 2.96 26.88
N LEU A 112 -10.08 3.34 27.78
CA LEU A 112 -10.25 4.72 28.21
C LEU A 112 -9.85 4.91 29.67
N GLU A 113 -8.98 4.03 30.17
CA GLU A 113 -8.55 4.06 31.56
C GLU A 113 -7.88 5.40 31.87
N PHE A 114 -8.50 6.18 32.72
CA PHE A 114 -8.03 7.52 33.06
C PHE A 114 -7.47 7.53 34.47
N ILE A 115 -6.35 8.21 34.65
CA ILE A 115 -5.69 8.34 35.94
C ILE A 115 -5.55 9.82 36.24
N THR A 116 -6.28 10.29 37.26
CA THR A 116 -6.21 11.69 37.64
C THR A 116 -4.87 12.01 38.28
N GLU A 117 -4.27 13.13 37.90
CA GLU A 117 -3.01 13.57 38.45
C GLU A 117 -3.20 14.90 39.16
N GLY A 118 -2.37 15.13 40.17
CA GLY A 118 -2.50 16.32 40.99
C GLY A 118 -1.88 17.57 40.37
N PHE A 119 -2.47 18.07 39.30
CA PHE A 119 -2.03 19.33 38.73
C PHE A 119 -2.34 20.46 39.70
N THR A 120 -1.43 21.42 39.78
CA THR A 120 -1.62 22.61 40.60
C THR A 120 -1.78 23.81 39.67
N TRP A 121 -2.96 24.41 39.70
CA TRP A 121 -3.27 25.56 38.85
C TRP A 121 -3.38 26.77 39.77
N THR A 122 -2.23 27.40 40.04
CA THR A 122 -2.16 28.51 40.98
C THR A 122 -2.63 29.79 40.31
N GLY A 123 -3.61 30.46 40.91
CA GLY A 123 -4.05 31.75 40.46
C GLY A 123 -5.23 31.77 39.51
N VAL A 124 -5.80 30.61 39.17
CA VAL A 124 -6.91 30.58 38.22
C VAL A 124 -8.12 29.91 38.85
N THR A 125 -9.28 30.17 38.26
CA THR A 125 -10.52 29.49 38.62
C THR A 125 -10.65 28.22 37.79
N GLN A 126 -10.92 27.11 38.46
CA GLN A 126 -11.04 25.81 37.81
C GLN A 126 -12.50 25.44 37.58
N ASN A 127 -12.68 24.36 36.81
CA ASN A 127 -13.96 23.66 36.72
C ASN A 127 -15.04 24.51 36.04
N GLY A 128 -14.65 25.29 35.03
CA GLY A 128 -15.64 26.03 34.27
C GLY A 128 -16.60 25.09 33.57
N GLY A 129 -17.86 25.50 33.49
CA GLY A 129 -18.90 24.70 32.87
C GLY A 129 -19.67 25.51 31.84
N SER A 130 -20.69 24.86 31.27
CA SER A 130 -21.42 25.44 30.16
C SER A 130 -22.82 24.87 30.11
N ASN A 131 -23.78 25.71 29.74
CA ASN A 131 -25.14 25.25 29.48
C ASN A 131 -25.25 24.52 28.15
N ALA A 132 -24.23 24.59 27.31
CA ALA A 132 -24.14 23.74 26.12
C ALA A 132 -23.59 22.36 26.44
N CYS A 133 -23.30 22.07 27.70
CA CYS A 133 -22.71 20.79 28.08
C CYS A 133 -23.22 20.37 29.45
N LYS A 134 -24.54 20.32 29.60
CA LYS A 134 -25.13 20.06 30.91
C LYS A 134 -24.82 18.64 31.40
N ARG A 135 -24.46 18.55 32.68
CA ARG A 135 -24.39 17.29 33.41
C ARG A 135 -25.33 17.41 34.60
N GLY A 136 -26.47 16.74 34.51
CA GLY A 136 -27.60 17.02 35.37
C GLY A 136 -28.40 18.18 34.80
N PRO A 137 -29.24 18.79 35.63
CA PRO A 137 -30.05 19.92 35.13
C PRO A 137 -29.23 21.19 34.91
N GLY A 138 -28.03 21.28 35.48
CA GLY A 138 -27.22 22.47 35.41
C GLY A 138 -26.05 22.35 34.44
N SER A 139 -25.30 23.45 34.36
CA SER A 139 -24.15 23.53 33.47
C SER A 139 -23.11 22.48 33.83
N GLY A 140 -22.27 22.13 32.84
CA GLY A 140 -21.24 21.14 33.02
C GLY A 140 -20.18 21.27 31.95
N PHE A 141 -19.34 20.23 31.86
CA PHE A 141 -18.20 20.27 30.96
C PHE A 141 -17.68 18.87 30.74
N PHE A 142 -16.73 18.74 29.81
CA PHE A 142 -16.05 17.46 29.59
C PHE A 142 -15.43 16.98 30.89
N SER A 143 -15.67 15.71 31.23
CA SER A 143 -15.23 15.21 32.52
C SER A 143 -13.71 15.15 32.63
N ARG A 144 -13.01 14.99 31.51
CA ARG A 144 -11.56 14.83 31.53
C ARG A 144 -10.82 16.14 31.25
N LEU A 145 -11.54 17.23 31.02
CA LEU A 145 -10.92 18.52 30.79
C LEU A 145 -11.29 19.48 31.90
N ASN A 146 -10.46 20.52 32.06
CA ASN A 146 -10.56 21.46 33.18
C ASN A 146 -10.50 22.86 32.61
N TRP A 147 -11.62 23.55 32.61
CA TRP A 147 -11.72 24.88 32.00
C TRP A 147 -11.21 25.91 33.00
N LEU A 148 -10.05 26.49 32.69
CA LEU A 148 -9.41 27.46 33.57
C LEU A 148 -9.72 28.88 33.12
N THR A 149 -10.05 29.74 34.08
CA THR A 149 -10.32 31.15 33.80
C THR A 149 -9.67 31.99 34.90
N LYS A 150 -9.83 33.31 34.79
CA LYS A 150 -9.20 34.22 35.72
C LYS A 150 -9.73 34.05 37.15
N SER A 151 -8.89 34.42 38.11
CA SER A 151 -9.29 34.51 39.52
C SER A 151 -9.03 35.92 39.98
N GLY A 152 -10.07 36.58 40.50
CA GLY A 152 -9.98 37.99 40.82
C GLY A 152 -10.00 38.83 39.56
N SER A 153 -8.87 39.47 39.25
CA SER A 153 -8.74 40.25 38.03
C SER A 153 -7.48 39.89 37.24
N THR A 154 -6.86 38.75 37.55
CA THR A 154 -5.62 38.37 36.90
C THR A 154 -5.69 36.92 36.41
N TYR A 155 -4.91 36.64 35.38
CA TYR A 155 -4.67 35.29 34.89
C TYR A 155 -3.16 35.16 34.76
N PRO A 156 -2.50 34.46 35.68
CA PRO A 156 -1.04 34.42 35.67
C PRO A 156 -0.50 33.53 34.56
N VAL A 157 0.81 33.53 34.41
CA VAL A 157 1.49 32.62 33.49
C VAL A 157 1.56 31.25 34.16
N LEU A 158 0.73 30.32 33.69
CA LEU A 158 0.76 28.97 34.22
C LEU A 158 2.00 28.23 33.75
N ASN A 159 2.64 27.52 34.68
CA ASN A 159 3.86 26.77 34.37
C ASN A 159 3.85 25.54 35.27
N VAL A 160 3.19 24.49 34.82
CA VAL A 160 3.06 23.26 35.58
C VAL A 160 3.89 22.18 34.91
N THR A 161 4.26 21.18 35.70
CA THR A 161 5.12 20.10 35.24
C THR A 161 4.62 18.79 35.81
N MET A 162 4.60 17.76 34.98
CA MET A 162 4.19 16.42 35.39
C MET A 162 5.16 15.42 34.78
N PRO A 163 6.09 14.89 35.56
CA PRO A 163 7.01 13.89 35.04
C PRO A 163 6.35 12.53 34.95
N ASN A 164 6.86 11.70 34.04
CA ASN A 164 6.40 10.33 33.91
C ASN A 164 7.47 9.43 34.53
N ASN A 165 7.16 8.93 35.72
CA ASN A 165 8.06 8.03 36.44
C ASN A 165 7.65 6.58 36.27
N ASP A 166 6.57 6.31 35.53
CA ASP A 166 6.09 4.96 35.31
C ASP A 166 6.78 4.32 34.10
N ASN A 167 6.49 3.04 33.89
CA ASN A 167 7.09 2.26 32.82
C ASN A 167 6.16 2.08 31.62
N PHE A 168 5.19 2.98 31.44
CA PHE A 168 4.28 2.92 30.32
C PHE A 168 4.11 4.33 29.76
N ASP A 169 3.50 4.41 28.57
CA ASP A 169 3.26 5.69 27.94
C ASP A 169 1.99 6.33 28.49
N LYS A 170 2.02 7.66 28.59
CA LYS A 170 0.88 8.44 29.04
C LYS A 170 0.33 9.26 27.88
N LEU A 171 -0.99 9.27 27.73
CA LEU A 171 -1.68 10.06 26.71
C LEU A 171 -2.39 11.22 27.39
N TYR A 172 -1.96 12.44 27.09
CA TYR A 172 -2.61 13.65 27.61
C TYR A 172 -3.46 14.29 26.53
N ILE A 173 -4.73 14.52 26.85
CA ILE A 173 -5.65 15.24 25.98
C ILE A 173 -5.91 16.61 26.60
N TRP A 174 -5.71 17.65 25.81
CA TRP A 174 -5.88 19.02 26.28
C TRP A 174 -6.46 19.86 25.16
N GLY A 175 -6.78 21.11 25.46
CA GLY A 175 -7.46 21.94 24.49
C GLY A 175 -7.16 23.42 24.63
N VAL A 176 -7.58 24.17 23.61
CA VAL A 176 -7.44 25.62 23.55
C VAL A 176 -8.79 26.21 23.21
N HIS A 177 -9.21 27.22 23.97
CA HIS A 177 -10.52 27.85 23.77
C HIS A 177 -10.39 29.04 22.84
N HIS A 178 -11.26 29.09 21.82
CA HIS A 178 -11.30 30.18 20.86
C HIS A 178 -12.51 31.06 21.10
N PRO A 179 -12.37 32.22 21.75
CA PRO A 179 -13.53 33.08 22.01
C PRO A 179 -14.07 33.70 20.73
N SER A 180 -15.25 34.31 20.86
CA SER A 180 -15.89 34.95 19.72
C SER A 180 -15.61 36.44 19.63
N THR A 181 -15.39 37.11 20.76
CA THR A 181 -15.16 38.55 20.80
C THR A 181 -13.95 38.84 21.68
N ASN A 182 -13.41 40.05 21.53
CA ASN A 182 -12.32 40.47 22.40
C ASN A 182 -12.78 40.64 23.84
N GLN A 183 -14.02 41.10 24.04
CA GLN A 183 -14.55 41.20 25.40
C GLN A 183 -14.63 39.83 26.05
N GLU A 184 -15.10 38.82 25.30
CA GLU A 184 -15.13 37.45 25.81
C GLU A 184 -13.72 36.98 26.17
N GLN A 185 -12.73 37.34 25.36
CA GLN A 185 -11.36 36.93 25.62
C GLN A 185 -10.84 37.53 26.92
N THR A 186 -10.97 38.85 27.09
CA THR A 186 -10.43 39.49 28.28
C THR A 186 -11.25 39.21 29.53
N SER A 187 -12.56 38.98 29.37
CA SER A 187 -13.39 38.65 30.53
C SER A 187 -12.98 37.33 31.16
N LEU A 188 -12.55 36.36 30.34
CA LEU A 188 -12.18 35.05 30.83
C LEU A 188 -10.70 34.94 31.19
N TYR A 189 -9.82 35.60 30.44
CA TYR A 189 -8.39 35.37 30.56
C TYR A 189 -7.57 36.63 30.74
N VAL A 190 -8.21 37.80 30.92
CA VAL A 190 -7.54 39.07 31.16
C VAL A 190 -6.67 39.47 29.98
N GLN A 191 -5.66 38.66 29.66
CA GLN A 191 -4.77 38.94 28.54
C GLN A 191 -5.58 39.04 27.25
N ALA A 192 -5.22 40.01 26.41
CA ALA A 192 -5.93 40.21 25.15
C ALA A 192 -5.67 39.10 24.14
N SER A 193 -4.60 38.33 24.33
CA SER A 193 -4.27 37.25 23.43
C SER A 193 -3.62 36.13 24.24
N GLY A 194 -4.21 34.94 24.20
CA GLY A 194 -3.72 33.81 24.95
C GLY A 194 -2.65 33.04 24.20
N ARG A 195 -2.22 31.94 24.83
CA ARG A 195 -1.18 31.07 24.28
C ARG A 195 -1.11 29.79 25.10
N VAL A 196 -1.06 28.64 24.43
CA VAL A 196 -0.93 27.36 25.10
C VAL A 196 0.26 26.63 24.50
N THR A 197 1.24 26.32 25.35
CA THR A 197 2.45 25.62 24.93
C THR A 197 2.58 24.35 25.77
N VAL A 198 2.51 23.20 25.11
CA VAL A 198 2.66 21.90 25.75
C VAL A 198 3.89 21.23 25.14
N SER A 199 4.80 20.77 26.00
CA SER A 199 6.09 20.31 25.51
C SER A 199 6.61 19.16 26.34
N THR A 200 7.49 18.37 25.73
CA THR A 200 8.29 17.37 26.41
C THR A 200 9.76 17.61 26.08
N ARG A 201 10.64 16.69 26.43
CA ARG A 201 12.04 16.83 26.00
C ARG A 201 12.22 16.60 24.51
N ARG A 202 11.26 15.95 23.85
CA ARG A 202 11.40 15.59 22.46
C ARG A 202 10.51 16.39 21.51
N SER A 203 9.52 17.11 22.04
CA SER A 203 8.57 17.78 21.17
C SER A 203 7.98 18.98 21.89
N GLN A 204 7.41 19.90 21.10
CA GLN A 204 6.70 21.04 21.64
C GLN A 204 5.58 21.42 20.69
N GLN A 205 4.47 21.89 21.25
CA GLN A 205 3.33 22.40 20.50
C GLN A 205 2.92 23.73 21.10
N THR A 206 2.76 24.74 20.24
CA THR A 206 2.27 26.03 20.67
C THR A 206 1.06 26.40 19.83
N ILE A 207 -0.04 26.74 20.49
CA ILE A 207 -1.29 27.10 19.83
C ILE A 207 -1.64 28.52 20.24
N ILE A 208 -1.93 29.37 19.25
CA ILE A 208 -2.41 30.72 19.48
C ILE A 208 -3.91 30.72 19.24
N PRO A 209 -4.74 31.14 20.19
CA PRO A 209 -6.18 31.16 19.96
C PRO A 209 -6.55 32.15 18.87
N ASN A 210 -7.72 31.92 18.28
CA ASN A 210 -8.27 32.79 17.25
C ASN A 210 -9.59 33.35 17.75
N ILE A 211 -9.76 34.66 17.64
CA ILE A 211 -10.95 35.33 18.14
C ILE A 211 -11.80 35.72 16.94
N GLY A 212 -13.04 35.24 16.92
CA GLY A 212 -13.92 35.52 15.81
C GLY A 212 -15.18 34.67 15.90
N SER A 213 -16.12 35.01 15.03
CA SER A 213 -17.43 34.36 15.01
C SER A 213 -17.41 33.14 14.10
N ARG A 214 -17.83 32.01 14.64
CA ARG A 214 -18.11 30.79 13.91
C ARG A 214 -19.62 30.59 13.86
N PRO A 215 -20.11 29.65 13.05
CA PRO A 215 -21.55 29.37 13.06
C PRO A 215 -22.00 28.88 14.43
N TRP A 216 -23.26 29.17 14.75
CA TRP A 216 -23.80 28.71 16.03
C TRP A 216 -23.91 27.20 16.05
N VAL A 217 -23.39 26.60 17.12
CA VAL A 217 -23.59 25.18 17.42
C VAL A 217 -24.07 25.13 18.87
N ARG A 218 -25.31 24.71 19.07
CA ARG A 218 -25.93 24.63 20.39
C ARG A 218 -25.82 25.97 21.13
N GLY A 219 -26.06 27.06 20.39
CA GLY A 219 -26.14 28.38 20.97
C GLY A 219 -24.84 29.13 21.08
N LEU A 220 -23.72 28.53 20.69
CA LEU A 220 -22.41 29.12 20.90
C LEU A 220 -21.67 29.33 19.58
N SER A 221 -20.93 30.42 19.51
CA SER A 221 -20.07 30.73 18.38
C SER A 221 -18.60 30.48 18.65
N SER A 222 -18.24 30.19 19.91
CA SER A 222 -16.86 29.90 20.28
C SER A 222 -16.55 28.42 20.09
N ARG A 223 -15.28 28.07 20.21
CA ARG A 223 -14.83 26.71 19.97
C ARG A 223 -13.73 26.32 20.94
N ILE A 224 -13.55 25.02 21.09
CA ILE A 224 -12.41 24.41 21.77
C ILE A 224 -11.70 23.52 20.76
N SER A 225 -10.40 23.67 20.64
CA SER A 225 -9.60 22.81 19.76
C SER A 225 -8.86 21.80 20.62
N ILE A 226 -9.00 20.51 20.27
CA ILE A 226 -8.43 19.42 21.03
C ILE A 226 -7.09 19.01 20.45
N TYR A 227 -6.10 18.83 21.32
CA TYR A 227 -4.78 18.35 20.94
C TYR A 227 -4.39 17.21 21.89
N TRP A 228 -3.27 16.56 21.58
CA TRP A 228 -2.82 15.46 22.42
C TRP A 228 -1.31 15.41 22.43
N THR A 229 -0.77 14.84 23.51
CA THR A 229 0.67 14.68 23.71
C THR A 229 0.89 13.35 24.39
N ILE A 230 1.84 12.56 23.87
CA ILE A 230 2.22 11.30 24.48
C ILE A 230 3.54 11.49 25.20
N VAL A 231 3.59 11.12 26.47
CA VAL A 231 4.80 11.24 27.29
C VAL A 231 5.34 9.84 27.55
N LYS A 232 6.56 9.59 27.09
CA LYS A 232 7.22 8.31 27.26
C LYS A 232 7.82 8.19 28.66
N PRO A 233 8.08 6.96 29.12
CA PRO A 233 8.71 6.78 30.43
C PRO A 233 10.04 7.52 30.51
N GLY A 234 10.21 8.27 31.60
CA GLY A 234 11.39 9.07 31.80
C GLY A 234 11.30 10.48 31.26
N ASP A 235 10.29 10.79 30.47
CA ASP A 235 10.12 12.14 29.96
C ASP A 235 9.20 12.91 30.90
N VAL A 236 8.89 14.15 30.54
CA VAL A 236 8.17 15.04 31.44
C VAL A 236 7.24 15.92 30.64
N LEU A 237 6.05 16.15 31.19
CA LEU A 237 5.05 17.02 30.59
C LEU A 237 5.19 18.41 31.18
N VAL A 238 5.31 19.43 30.32
CA VAL A 238 5.31 20.82 30.75
C VAL A 238 4.20 21.55 30.01
N ILE A 239 3.35 22.24 30.77
CA ILE A 239 2.26 23.03 30.22
C ILE A 239 2.51 24.48 30.57
N ASN A 240 2.49 25.34 29.56
CA ASN A 240 2.79 26.77 29.71
C ASN A 240 1.68 27.56 29.05
N SER A 241 1.05 28.46 29.79
CA SER A 241 -0.07 29.19 29.23
C SER A 241 -0.32 30.47 30.01
N ASN A 242 -0.69 31.53 29.30
CA ASN A 242 -1.15 32.77 29.90
C ASN A 242 -2.58 33.09 29.46
N GLY A 243 -3.34 32.08 29.09
CA GLY A 243 -4.74 32.23 28.75
C GLY A 243 -5.20 31.17 27.77
N ASN A 244 -6.49 30.84 27.87
CA ASN A 244 -7.23 29.99 26.93
C ASN A 244 -6.88 28.51 27.03
N LEU A 245 -6.26 28.08 28.11
CA LEU A 245 -5.92 26.66 28.27
C LEU A 245 -7.13 25.88 28.77
N ILE A 246 -7.48 24.83 28.04
CA ILE A 246 -8.41 23.82 28.53
C ILE A 246 -7.54 22.66 29.00
N ALA A 247 -7.38 22.56 30.29
CA ALA A 247 -6.33 21.76 30.90
C ALA A 247 -6.74 20.30 31.04
N PRO A 248 -5.77 19.40 30.97
CA PRO A 248 -6.04 18.00 31.30
C PRO A 248 -6.14 17.81 32.80
N ARG A 249 -6.89 16.79 33.20
CA ARG A 249 -6.99 16.40 34.60
C ARG A 249 -6.09 15.22 34.93
N GLY A 250 -5.40 14.66 33.92
CA GLY A 250 -4.63 13.45 34.09
C GLY A 250 -4.29 12.87 32.72
N TYR A 251 -3.97 11.59 32.71
CA TYR A 251 -3.58 10.92 31.49
C TYR A 251 -4.41 9.66 31.27
N PHE A 252 -4.48 9.24 30.01
CA PHE A 252 -5.05 7.95 29.64
C PHE A 252 -3.93 6.93 29.52
N LYS A 253 -4.13 5.76 30.12
CA LYS A 253 -3.13 4.72 30.04
C LYS A 253 -3.10 4.14 28.63
N MET A 254 -1.89 3.93 28.12
CA MET A 254 -1.69 3.49 26.75
C MET A 254 -1.34 2.01 26.71
N ARG A 255 -1.95 1.30 25.76
CA ARG A 255 -1.68 -0.12 25.58
C ARG A 255 -1.50 -0.42 24.10
N THR A 256 -0.77 -1.50 23.82
CA THR A 256 -0.68 -2.07 22.49
C THR A 256 -1.41 -3.40 22.47
N GLY A 257 -2.01 -3.72 21.33
CA GLY A 257 -2.76 -4.96 21.23
C GLY A 257 -3.62 -5.00 19.99
N LYS A 258 -4.70 -5.77 20.08
CA LYS A 258 -5.51 -6.14 18.92
C LYS A 258 -6.79 -5.31 18.80
N SER A 259 -6.94 -4.26 19.58
CA SER A 259 -8.19 -3.53 19.60
C SER A 259 -8.34 -2.66 18.35
N SER A 260 -9.58 -2.30 18.05
CA SER A 260 -9.87 -1.44 16.90
C SER A 260 -11.27 -0.85 17.06
N ILE A 261 -11.72 -0.14 16.04
CA ILE A 261 -13.02 0.52 16.01
C ILE A 261 -13.67 0.23 14.67
N MET A 262 -15.00 0.19 14.66
CA MET A 262 -15.75 -0.07 13.43
C MET A 262 -17.04 0.73 13.44
N ARG A 263 -17.42 1.22 12.26
CA ARG A 263 -18.71 1.88 12.07
C ARG A 263 -19.74 0.85 11.62
N SER A 264 -20.83 0.72 12.36
CA SER A 264 -21.87 -0.24 12.01
C SER A 264 -23.17 0.14 12.69
N ASP A 265 -24.29 -0.17 12.03
CA ASP A 265 -25.61 -0.09 12.63
C ASP A 265 -26.19 -1.47 12.88
N ALA A 266 -25.39 -2.52 12.81
CA ALA A 266 -25.91 -3.86 13.06
C ALA A 266 -26.12 -4.07 14.55
N PRO A 267 -27.26 -4.65 14.94
CA PRO A 267 -27.48 -4.96 16.37
C PRO A 267 -26.50 -6.03 16.86
N ILE A 268 -26.29 -6.03 18.16
CA ILE A 268 -25.37 -6.96 18.81
C ILE A 268 -26.18 -8.09 19.42
N ASP A 269 -25.70 -9.32 19.24
CA ASP A 269 -26.44 -10.51 19.61
C ASP A 269 -25.53 -11.44 20.40
N THR A 270 -26.15 -12.34 21.16
CA THR A 270 -25.42 -13.31 21.98
C THR A 270 -25.15 -14.54 21.15
N CYS A 271 -24.00 -14.55 20.49
CA CYS A 271 -23.54 -15.69 19.69
C CYS A 271 -22.01 -15.67 19.67
N ILE A 272 -21.43 -16.64 18.98
CA ILE A 272 -19.98 -16.78 18.86
C ILE A 272 -19.62 -16.63 17.39
N SER A 273 -18.65 -15.75 17.10
CA SER A 273 -18.15 -15.59 15.75
C SER A 273 -16.82 -14.85 15.80
N GLU A 274 -15.81 -15.42 15.14
CA GLU A 274 -14.48 -14.81 15.13
C GLU A 274 -14.42 -13.60 14.21
N CYS A 275 -15.27 -13.53 13.20
CA CYS A 275 -15.18 -12.51 12.17
C CYS A 275 -16.34 -11.53 12.29
N ILE A 276 -16.03 -10.24 12.16
CA ILE A 276 -17.01 -9.17 12.26
C ILE A 276 -16.87 -8.25 11.06
N THR A 277 -17.99 -7.84 10.49
CA THR A 277 -18.08 -6.85 9.42
C THR A 277 -19.15 -5.84 9.80
N PRO A 278 -19.15 -4.66 9.17
CA PRO A 278 -20.26 -3.71 9.42
C PRO A 278 -21.63 -4.31 9.13
N ASN A 279 -21.74 -5.25 8.18
CA ASN A 279 -23.01 -5.91 7.92
C ASN A 279 -23.38 -6.92 9.00
N GLY A 280 -22.48 -7.21 9.93
CA GLY A 280 -22.67 -8.23 10.91
C GLY A 280 -21.55 -9.27 10.86
N SER A 281 -21.65 -10.23 11.76
CA SER A 281 -20.67 -11.30 11.80
C SER A 281 -20.89 -12.27 10.64
N ILE A 282 -19.80 -12.88 10.17
CA ILE A 282 -19.90 -13.88 9.11
C ILE A 282 -19.09 -15.11 9.52
N PRO A 283 -19.50 -16.31 9.10
CA PRO A 283 -18.66 -17.48 9.34
C PRO A 283 -17.34 -17.36 8.61
N ASN A 284 -16.35 -18.11 9.08
CA ASN A 284 -15.01 -18.06 8.49
C ASN A 284 -14.54 -19.43 8.02
N ASP A 285 -15.47 -20.30 7.64
CA ASP A 285 -15.07 -21.59 7.10
C ASP A 285 -14.53 -21.49 5.68
N LYS A 286 -15.05 -20.54 4.88
CA LYS A 286 -14.60 -20.29 3.52
C LYS A 286 -13.44 -19.32 3.50
N PRO A 287 -12.50 -19.46 2.57
CA PRO A 287 -11.32 -18.59 2.56
C PRO A 287 -11.58 -17.19 1.99
N PHE A 288 -12.71 -16.96 1.32
CA PHE A 288 -12.99 -15.68 0.72
C PHE A 288 -14.38 -15.22 1.13
N GLN A 289 -14.62 -13.92 1.02
CA GLN A 289 -15.92 -13.36 1.35
C GLN A 289 -16.20 -12.14 0.49
N ASN A 290 -17.48 -11.87 0.28
CA ASN A 290 -17.97 -10.79 -0.56
C ASN A 290 -18.83 -9.81 0.23
N VAL A 291 -18.84 -9.91 1.55
CA VAL A 291 -19.77 -9.12 2.35
C VAL A 291 -19.29 -7.68 2.49
N ASN A 292 -18.03 -7.48 2.91
CA ASN A 292 -17.53 -6.14 3.12
C ASN A 292 -16.01 -6.16 3.17
N LYS A 293 -15.38 -5.15 2.57
CA LYS A 293 -13.93 -5.03 2.67
C LYS A 293 -13.48 -4.59 4.06
N ILE A 294 -14.38 -4.13 4.90
CA ILE A 294 -14.07 -3.81 6.29
C ILE A 294 -14.38 -5.04 7.14
N THR A 295 -13.35 -5.59 7.78
CA THR A 295 -13.52 -6.77 8.62
C THR A 295 -12.65 -6.64 9.86
N TYR A 296 -12.97 -7.46 10.85
CA TYR A 296 -12.19 -7.55 12.08
C TYR A 296 -12.16 -8.99 12.55
N GLY A 297 -10.96 -9.51 12.81
CA GLY A 297 -10.77 -10.83 13.35
C GLY A 297 -10.27 -11.83 12.34
N ALA A 298 -10.53 -13.10 12.61
CA ALA A 298 -10.12 -14.19 11.74
C ALA A 298 -11.14 -14.30 10.62
N CYS A 299 -10.85 -13.65 9.50
CA CYS A 299 -11.87 -13.43 8.48
C CYS A 299 -11.41 -13.96 7.13
N PRO A 300 -12.35 -14.40 6.30
CA PRO A 300 -12.01 -14.67 4.91
C PRO A 300 -11.56 -13.39 4.23
N LYS A 301 -10.71 -13.54 3.21
CA LYS A 301 -10.21 -12.39 2.49
C LYS A 301 -11.27 -11.86 1.53
N TYR A 302 -11.38 -10.53 1.47
CA TYR A 302 -12.40 -9.92 0.62
C TYR A 302 -12.03 -10.03 -0.86
N VAL A 303 -13.00 -10.41 -1.68
CA VAL A 303 -12.84 -10.51 -3.12
C VAL A 303 -14.06 -9.91 -3.81
N LYS A 304 -13.91 -9.61 -5.10
CA LYS A 304 -14.99 -9.00 -5.85
C LYS A 304 -16.07 -9.99 -6.27
N GLN A 305 -15.71 -11.26 -6.50
CA GLN A 305 -16.68 -12.24 -6.97
C GLN A 305 -17.66 -12.61 -5.87
N ASN A 306 -18.93 -12.78 -6.24
CA ASN A 306 -19.93 -13.23 -5.28
C ASN A 306 -20.05 -14.75 -5.22
N THR A 307 -19.35 -15.47 -6.08
CA THR A 307 -19.34 -16.94 -6.01
C THR A 307 -18.08 -17.47 -6.67
N LEU A 308 -17.51 -18.51 -6.05
CA LEU A 308 -16.37 -19.22 -6.63
C LEU A 308 -16.50 -20.68 -6.17
N LYS A 309 -16.94 -21.55 -7.08
CA LYS A 309 -17.22 -22.93 -6.74
C LYS A 309 -15.98 -23.79 -7.00
N LEU A 310 -15.57 -24.53 -5.98
CA LEU A 310 -14.43 -25.44 -6.08
C LEU A 310 -14.95 -26.85 -6.31
N ALA A 311 -14.54 -27.47 -7.42
CA ALA A 311 -15.00 -28.81 -7.74
C ALA A 311 -14.50 -29.79 -6.69
N THR A 312 -15.39 -30.68 -6.24
CA THR A 312 -15.05 -31.71 -5.27
C THR A 312 -15.43 -33.10 -5.79
N GLY A 313 -15.65 -33.23 -7.09
CA GLY A 313 -15.98 -34.52 -7.68
C GLY A 313 -15.58 -34.54 -9.14
N MET A 314 -15.77 -35.70 -9.75
CA MET A 314 -15.39 -35.87 -11.15
C MET A 314 -16.40 -35.19 -12.07
N ARG A 315 -16.06 -35.19 -13.36
CA ARG A 315 -16.97 -34.72 -14.39
C ARG A 315 -18.28 -35.52 -14.35
N ASN A 316 -19.40 -34.81 -14.43
CA ASN A 316 -20.73 -35.42 -14.34
C ASN A 316 -21.24 -35.68 -15.75
N VAL A 317 -21.36 -36.96 -16.11
CA VAL A 317 -21.79 -37.37 -17.44
C VAL A 317 -23.05 -38.23 -17.30
N PRO A 318 -24.24 -37.64 -17.29
CA PRO A 318 -25.45 -38.43 -17.07
C PRO A 318 -25.72 -39.39 -18.23
N GLU A 319 -26.53 -40.39 -17.93
CA GLU A 319 -26.79 -41.49 -18.85
C GLU A 319 -27.52 -41.06 -20.12
N GLY B 1 -11.18 -34.86 -20.42
CA GLY B 1 -10.00 -34.85 -19.57
C GLY B 1 -8.73 -35.18 -20.31
N LEU B 2 -7.59 -35.07 -19.62
CA LEU B 2 -6.30 -35.32 -20.25
C LEU B 2 -6.09 -36.78 -20.59
N PHE B 3 -6.87 -37.70 -20.00
CA PHE B 3 -6.60 -39.12 -20.14
C PHE B 3 -7.62 -39.87 -20.98
N GLY B 4 -8.75 -39.24 -21.32
CA GLY B 4 -9.65 -39.81 -22.29
C GLY B 4 -10.60 -40.87 -21.80
N ALA B 5 -10.68 -41.08 -20.48
CA ALA B 5 -11.59 -42.10 -19.92
C ALA B 5 -12.95 -41.48 -19.62
N ILE B 6 -13.02 -40.63 -18.60
CA ILE B 6 -14.28 -39.99 -18.24
C ILE B 6 -14.64 -38.99 -19.31
N ALA B 7 -15.91 -39.03 -19.76
CA ALA B 7 -16.35 -38.28 -20.94
C ALA B 7 -15.45 -38.58 -22.13
N GLY B 8 -15.02 -39.84 -22.23
CA GLY B 8 -14.13 -40.30 -23.27
C GLY B 8 -14.53 -41.67 -23.79
N PHE B 9 -13.63 -42.65 -23.69
CA PHE B 9 -13.99 -43.98 -24.18
C PHE B 9 -15.01 -44.67 -23.26
N ILE B 10 -15.23 -44.15 -22.06
CA ILE B 10 -16.38 -44.52 -21.26
C ILE B 10 -17.50 -43.53 -21.57
N GLU B 11 -18.59 -44.02 -22.12
CA GLU B 11 -19.58 -43.15 -22.76
C GLU B 11 -20.26 -42.23 -21.75
N ASN B 12 -20.61 -42.74 -20.57
CA ASN B 12 -21.27 -41.93 -19.56
C ASN B 12 -21.07 -42.61 -18.20
N GLY B 13 -21.57 -41.92 -17.15
CA GLY B 13 -21.47 -42.44 -15.80
C GLY B 13 -22.69 -43.27 -15.39
N TRP B 14 -22.57 -43.90 -14.22
CA TRP B 14 -23.58 -44.79 -13.67
C TRP B 14 -24.24 -44.09 -12.49
N GLU B 15 -25.47 -43.59 -12.69
CA GLU B 15 -26.21 -43.00 -11.59
C GLU B 15 -26.59 -44.06 -10.55
N GLY B 16 -26.71 -45.32 -10.96
CA GLY B 16 -27.10 -46.39 -10.05
C GLY B 16 -26.00 -46.82 -9.09
N MET B 17 -24.76 -46.43 -9.33
CA MET B 17 -23.65 -46.78 -8.44
C MET B 17 -23.55 -45.71 -7.37
N ILE B 18 -24.05 -46.03 -6.17
CA ILE B 18 -24.17 -45.06 -5.09
C ILE B 18 -23.26 -45.40 -3.91
N ASP B 19 -22.42 -46.42 -4.05
CA ASP B 19 -21.53 -46.84 -2.96
C ASP B 19 -20.06 -46.70 -3.35
N GLY B 20 -19.76 -45.97 -4.41
CA GLY B 20 -18.39 -45.75 -4.80
C GLY B 20 -18.34 -44.84 -6.02
N TRP B 21 -17.14 -44.37 -6.31
CA TRP B 21 -16.92 -43.49 -7.46
C TRP B 21 -16.54 -44.27 -8.72
N TYR B 22 -15.88 -45.41 -8.57
CA TYR B 22 -15.50 -46.26 -9.68
C TYR B 22 -15.88 -47.69 -9.34
N GLY B 23 -16.15 -48.49 -10.37
CA GLY B 23 -16.56 -49.85 -10.10
C GLY B 23 -16.67 -50.68 -11.36
N PHE B 24 -17.19 -51.90 -11.16
CA PHE B 24 -17.30 -52.90 -12.20
C PHE B 24 -18.77 -53.28 -12.40
N ARG B 25 -19.14 -53.48 -13.66
CA ARG B 25 -20.35 -54.19 -14.04
C ARG B 25 -19.95 -55.41 -14.84
N HIS B 26 -20.60 -56.53 -14.59
CA HIS B 26 -20.23 -57.79 -15.23
C HIS B 26 -21.45 -58.50 -15.77
N GLN B 27 -21.20 -59.37 -16.74
CA GLN B 27 -22.19 -60.32 -17.23
C GLN B 27 -21.49 -61.66 -17.39
N ASN B 28 -21.98 -62.68 -16.69
CA ASN B 28 -21.37 -64.00 -16.75
C ASN B 28 -22.47 -65.06 -16.73
N SER B 29 -22.09 -66.28 -16.35
CA SER B 29 -23.03 -67.40 -16.36
C SER B 29 -24.11 -67.24 -15.30
N GLU B 30 -23.81 -66.58 -14.19
CA GLU B 30 -24.77 -66.40 -13.11
C GLU B 30 -25.60 -65.14 -13.23
N GLY B 31 -25.37 -64.31 -14.26
CA GLY B 31 -26.19 -63.13 -14.44
C GLY B 31 -25.39 -61.84 -14.56
N THR B 32 -26.00 -60.74 -14.13
CA THR B 32 -25.36 -59.43 -14.16
C THR B 32 -25.21 -58.91 -12.74
N GLY B 33 -24.29 -57.96 -12.57
CA GLY B 33 -24.02 -57.43 -11.24
C GLY B 33 -23.21 -56.16 -11.33
N GLN B 34 -23.03 -55.54 -10.16
CA GLN B 34 -22.34 -54.27 -10.04
C GLN B 34 -21.62 -54.19 -8.71
N ALA B 35 -20.40 -53.66 -8.71
CA ALA B 35 -19.62 -53.54 -7.49
C ALA B 35 -18.68 -52.34 -7.60
N ALA B 36 -18.63 -51.52 -6.56
CA ALA B 36 -17.70 -50.41 -6.53
C ALA B 36 -16.30 -50.87 -6.17
N ASP B 37 -15.30 -50.16 -6.69
CA ASP B 37 -13.90 -50.41 -6.37
C ASP B 37 -13.48 -49.45 -5.25
N LEU B 38 -12.97 -50.00 -4.16
CA LEU B 38 -12.71 -49.20 -2.97
C LEU B 38 -11.42 -48.39 -3.11
N LYS B 39 -10.34 -49.03 -3.56
CA LYS B 39 -9.04 -48.37 -3.59
C LYS B 39 -9.05 -47.15 -4.50
N SER B 40 -9.60 -47.29 -5.70
CA SER B 40 -9.61 -46.16 -6.64
C SER B 40 -10.53 -45.06 -6.16
N THR B 41 -11.66 -45.42 -5.55
CA THR B 41 -12.55 -44.40 -4.98
C THR B 41 -11.85 -43.63 -3.87
N GLN B 42 -11.14 -44.35 -2.99
CA GLN B 42 -10.48 -43.69 -1.87
C GLN B 42 -9.31 -42.83 -2.32
N ALA B 43 -8.63 -43.23 -3.39
CA ALA B 43 -7.51 -42.43 -3.88
C ALA B 43 -7.98 -41.09 -4.44
N ALA B 44 -9.11 -41.08 -5.16
CA ALA B 44 -9.65 -39.83 -5.65
C ALA B 44 -10.19 -38.98 -4.51
N ILE B 45 -10.85 -39.60 -3.53
CA ILE B 45 -11.41 -38.86 -2.41
C ILE B 45 -10.31 -38.27 -1.55
N ASP B 46 -9.23 -39.02 -1.32
CA ASP B 46 -8.14 -38.52 -0.49
C ASP B 46 -7.44 -37.32 -1.14
N GLN B 47 -7.26 -37.37 -2.47
CA GLN B 47 -6.59 -36.26 -3.14
C GLN B 47 -7.44 -35.00 -3.11
N ILE B 48 -8.75 -35.13 -3.31
CA ILE B 48 -9.63 -33.97 -3.31
C ILE B 48 -9.78 -33.41 -1.90
N ASN B 49 -9.89 -34.27 -0.90
CA ASN B 49 -9.96 -33.81 0.48
C ASN B 49 -8.67 -33.09 0.88
N GLY B 50 -7.51 -33.63 0.47
CA GLY B 50 -6.26 -32.96 0.77
C GLY B 50 -6.16 -31.60 0.11
N LYS B 51 -6.57 -31.53 -1.15
CA LYS B 51 -6.61 -30.27 -1.87
C LYS B 51 -7.61 -29.30 -1.23
N LEU B 52 -8.77 -29.81 -0.83
CA LEU B 52 -9.80 -28.94 -0.25
C LEU B 52 -9.35 -28.41 1.10
N ASN B 53 -8.75 -29.24 1.93
CA ASN B 53 -8.30 -28.80 3.24
C ASN B 53 -7.20 -27.74 3.14
N ARG B 54 -6.35 -27.83 2.11
CA ARG B 54 -5.33 -26.79 1.93
C ARG B 54 -5.95 -25.48 1.50
N VAL B 55 -7.04 -25.53 0.73
CA VAL B 55 -7.65 -24.29 0.23
C VAL B 55 -8.41 -23.57 1.33
N ILE B 56 -9.13 -24.29 2.19
CA ILE B 56 -9.97 -23.67 3.21
C ILE B 56 -9.24 -23.54 4.54
N GLU B 57 -7.93 -23.72 4.55
CA GLU B 57 -7.17 -23.57 5.79
C GLU B 57 -7.23 -22.14 6.26
N LYS B 58 -7.77 -21.93 7.47
CA LYS B 58 -7.91 -20.60 8.03
C LYS B 58 -6.53 -20.00 8.28
N THR B 59 -6.19 -18.97 7.52
CA THR B 59 -4.84 -18.40 7.58
C THR B 59 -4.82 -16.88 7.62
N ASN B 60 -5.95 -16.22 7.87
CA ASN B 60 -6.03 -14.77 7.78
C ASN B 60 -6.69 -14.22 9.05
N GLU B 61 -5.93 -13.45 9.82
CA GLU B 61 -6.46 -12.78 11.01
C GLU B 61 -5.86 -11.39 11.11
N LYS B 62 -6.69 -10.36 10.93
CA LYS B 62 -6.24 -8.97 10.98
C LYS B 62 -7.08 -8.22 12.00
N PHE B 63 -6.48 -7.18 12.59
CA PHE B 63 -7.18 -6.42 13.62
C PHE B 63 -7.31 -4.96 13.22
N HIS B 64 -6.54 -4.06 13.83
CA HIS B 64 -6.64 -2.66 13.47
C HIS B 64 -5.96 -2.43 12.12
N GLN B 65 -6.70 -1.86 11.17
CA GLN B 65 -6.20 -1.64 9.83
C GLN B 65 -6.36 -0.17 9.45
N ILE B 66 -6.56 0.10 8.16
CA ILE B 66 -6.80 1.45 7.69
C ILE B 66 -8.29 1.64 7.49
N GLU B 67 -8.72 2.89 7.47
CA GLU B 67 -10.10 3.19 7.10
C GLU B 67 -10.29 2.96 5.60
N LYS B 68 -11.52 2.59 5.23
CA LYS B 68 -11.83 2.25 3.85
C LYS B 68 -13.09 2.92 3.33
N GLU B 69 -13.84 3.62 4.18
CA GLU B 69 -14.93 4.49 3.75
C GLU B 69 -14.68 5.87 4.34
N PHE B 70 -15.08 6.90 3.59
CA PHE B 70 -14.79 8.28 3.97
C PHE B 70 -16.01 9.14 3.72
N SER B 71 -16.30 10.04 4.67
CA SER B 71 -17.47 10.90 4.57
C SER B 71 -17.13 12.31 4.06
N GLU B 72 -15.85 12.67 3.97
CA GLU B 72 -15.45 13.98 3.49
C GLU B 72 -14.37 13.86 2.43
N VAL B 73 -14.29 14.87 1.56
CA VAL B 73 -13.24 14.95 0.56
C VAL B 73 -11.98 15.49 1.20
N GLU B 74 -10.86 14.79 1.00
CA GLU B 74 -9.59 15.20 1.61
C GLU B 74 -8.46 15.31 0.60
N GLY B 75 -8.54 14.57 -0.50
CA GLY B 75 -7.51 14.66 -1.52
C GLY B 75 -6.42 13.60 -1.34
N ARG B 76 -5.17 14.06 -1.18
CA ARG B 76 -4.01 13.22 -1.45
C ARG B 76 -3.99 11.97 -0.58
N ILE B 77 -4.06 12.12 0.74
CA ILE B 77 -3.91 10.97 1.62
C ILE B 77 -5.08 10.00 1.46
N GLN B 78 -6.29 10.52 1.24
CA GLN B 78 -7.43 9.65 1.02
C GLN B 78 -7.34 8.95 -0.34
N ASP B 79 -6.84 9.66 -1.36
CA ASP B 79 -6.59 9.02 -2.66
C ASP B 79 -5.70 7.80 -2.50
N LEU B 80 -4.65 7.92 -1.69
CA LEU B 80 -3.71 6.82 -1.53
C LEU B 80 -4.32 5.69 -0.71
N GLU B 81 -5.08 6.03 0.33
CA GLU B 81 -5.74 5.01 1.15
C GLU B 81 -6.72 4.18 0.31
N LYS B 82 -7.48 4.85 -0.58
CA LYS B 82 -8.41 4.11 -1.43
C LYS B 82 -7.66 3.30 -2.47
N TYR B 83 -6.60 3.86 -3.05
CA TYR B 83 -5.83 3.16 -4.07
C TYR B 83 -5.16 1.92 -3.50
N VAL B 84 -4.65 2.01 -2.27
CA VAL B 84 -4.01 0.86 -1.63
C VAL B 84 -5.01 -0.28 -1.45
N GLU B 85 -6.22 0.04 -1.00
CA GLU B 85 -7.22 -1.00 -0.78
C GLU B 85 -7.75 -1.57 -2.09
N ASP B 86 -7.92 -0.71 -3.10
CA ASP B 86 -8.36 -1.21 -4.40
C ASP B 86 -7.31 -2.11 -5.03
N THR B 87 -6.03 -1.76 -4.87
CA THR B 87 -4.96 -2.61 -5.40
C THR B 87 -4.96 -3.97 -4.72
N LYS B 88 -5.13 -3.99 -3.40
CA LYS B 88 -5.14 -5.24 -2.66
C LYS B 88 -6.30 -6.14 -3.10
N ILE B 89 -7.51 -5.58 -3.18
CA ILE B 89 -8.69 -6.35 -3.52
C ILE B 89 -8.56 -6.97 -4.91
N ASP B 90 -8.02 -6.22 -5.87
CA ASP B 90 -7.90 -6.74 -7.23
C ASP B 90 -6.90 -7.89 -7.30
N LEU B 91 -5.81 -7.80 -6.54
CA LEU B 91 -4.81 -8.86 -6.54
C LEU B 91 -5.33 -10.11 -5.84
N TRP B 92 -6.12 -9.95 -4.77
CA TRP B 92 -6.71 -11.11 -4.12
C TRP B 92 -7.84 -11.69 -4.95
N SER B 93 -8.62 -10.82 -5.61
CA SER B 93 -9.65 -11.32 -6.51
C SER B 93 -9.03 -12.12 -7.65
N TYR B 94 -7.88 -11.68 -8.17
CA TYR B 94 -7.20 -12.44 -9.21
C TYR B 94 -6.69 -13.77 -8.66
N ASN B 95 -6.07 -13.76 -7.47
CA ASN B 95 -5.58 -15.00 -6.88
C ASN B 95 -6.71 -16.00 -6.69
N ALA B 96 -7.85 -15.56 -6.19
CA ALA B 96 -8.96 -16.46 -5.94
C ALA B 96 -9.51 -17.05 -7.24
N GLU B 97 -9.58 -16.23 -8.29
CA GLU B 97 -10.07 -16.71 -9.58
C GLU B 97 -9.11 -17.73 -10.18
N LEU B 98 -7.81 -17.43 -10.14
CA LEU B 98 -6.83 -18.34 -10.71
C LEU B 98 -6.77 -19.65 -9.93
N LEU B 99 -6.88 -19.57 -8.59
CA LEU B 99 -6.77 -20.76 -7.77
C LEU B 99 -7.85 -21.79 -8.11
N VAL B 100 -9.11 -21.35 -8.16
CA VAL B 100 -10.18 -22.30 -8.41
C VAL B 100 -10.12 -22.83 -9.84
N ALA B 101 -9.63 -22.03 -10.79
CA ALA B 101 -9.53 -22.52 -12.16
C ALA B 101 -8.47 -23.60 -12.30
N LEU B 102 -7.31 -23.39 -11.67
CA LEU B 102 -6.27 -24.41 -11.68
C LEU B 102 -6.72 -25.66 -10.92
N GLU B 103 -7.27 -25.47 -9.73
CA GLU B 103 -7.71 -26.61 -8.92
C GLU B 103 -8.76 -27.44 -9.65
N ASN B 104 -9.74 -26.78 -10.26
CA ASN B 104 -10.82 -27.51 -10.92
C ASN B 104 -10.33 -28.25 -12.15
N GLN B 105 -9.45 -27.63 -12.94
CA GLN B 105 -8.85 -28.32 -14.07
C GLN B 105 -8.10 -29.57 -13.62
N HIS B 106 -7.41 -29.47 -12.49
CA HIS B 106 -6.63 -30.59 -11.97
C HIS B 106 -7.52 -31.66 -11.35
N THR B 107 -8.61 -31.25 -10.69
CA THR B 107 -9.54 -32.22 -10.13
C THR B 107 -10.19 -33.07 -11.20
N ILE B 108 -10.59 -32.44 -12.31
CA ILE B 108 -11.16 -33.18 -13.43
C ILE B 108 -10.13 -34.14 -14.02
N ASP B 109 -8.88 -33.70 -14.08
CA ASP B 109 -7.84 -34.54 -14.68
C ASP B 109 -7.44 -35.70 -13.77
N LEU B 110 -7.38 -35.46 -12.45
CA LEU B 110 -6.98 -36.53 -11.55
C LEU B 110 -8.06 -37.59 -11.41
N THR B 111 -9.34 -37.20 -11.47
CA THR B 111 -10.41 -38.20 -11.44
C THR B 111 -10.48 -38.97 -12.76
N ASP B 112 -10.19 -38.29 -13.87
CA ASP B 112 -10.02 -39.00 -15.14
C ASP B 112 -8.87 -39.99 -15.08
N SER B 113 -7.75 -39.58 -14.49
CA SER B 113 -6.58 -40.46 -14.39
C SER B 113 -6.88 -41.69 -13.54
N GLU B 114 -7.62 -41.52 -12.45
CA GLU B 114 -7.93 -42.66 -11.59
C GLU B 114 -8.78 -43.68 -12.33
N MET B 115 -9.71 -43.21 -13.15
CA MET B 115 -10.51 -44.13 -13.97
C MET B 115 -9.62 -44.89 -14.94
N ASN B 116 -8.70 -44.18 -15.59
CA ASN B 116 -7.81 -44.82 -16.56
C ASN B 116 -6.87 -45.81 -15.88
N LYS B 117 -6.40 -45.47 -14.66
CA LYS B 117 -5.53 -46.37 -13.94
C LYS B 117 -6.24 -47.67 -13.57
N LEU B 118 -7.49 -47.59 -13.12
CA LEU B 118 -8.24 -48.80 -12.78
C LEU B 118 -8.49 -49.66 -14.01
N PHE B 119 -8.76 -49.03 -15.17
CA PHE B 119 -8.97 -49.79 -16.40
C PHE B 119 -7.69 -50.51 -16.82
N GLU B 120 -6.56 -49.79 -16.82
CA GLU B 120 -5.30 -50.41 -17.22
C GLU B 120 -4.90 -51.52 -16.27
N LYS B 121 -5.14 -51.35 -14.97
CA LYS B 121 -4.78 -52.38 -14.00
C LYS B 121 -5.60 -53.65 -14.24
N THR B 122 -6.88 -53.49 -14.62
CA THR B 122 -7.73 -54.64 -14.85
C THR B 122 -7.29 -55.39 -16.11
N GLY B 123 -6.95 -54.66 -17.18
CA GLY B 123 -6.48 -55.31 -18.39
C GLY B 123 -5.16 -56.03 -18.19
N ARG B 124 -4.32 -55.53 -17.29
CA ARG B 124 -3.06 -56.21 -17.01
C ARG B 124 -3.29 -57.50 -16.22
N GLN B 125 -4.34 -57.54 -15.39
CA GLN B 125 -4.69 -58.79 -14.72
C GLN B 125 -5.12 -59.85 -15.72
N LEU B 126 -5.95 -59.46 -16.69
CA LEU B 126 -6.55 -60.43 -17.60
C LEU B 126 -5.56 -60.96 -18.62
N ARG B 127 -4.47 -60.24 -18.88
CA ARG B 127 -3.42 -60.65 -19.81
C ARG B 127 -4.03 -61.07 -21.14
N GLU B 128 -3.76 -62.29 -21.60
CA GLU B 128 -4.24 -62.77 -22.88
C GLU B 128 -5.59 -63.46 -22.79
N ASN B 129 -6.25 -63.39 -21.64
CA ASN B 129 -7.55 -64.04 -21.46
C ASN B 129 -8.72 -63.13 -21.84
N ALA B 130 -8.46 -61.88 -22.20
CA ALA B 130 -9.52 -60.93 -22.49
C ALA B 130 -9.04 -59.94 -23.53
N GLU B 131 -9.99 -59.23 -24.14
CA GLU B 131 -9.70 -58.20 -25.12
C GLU B 131 -10.44 -56.92 -24.77
N ASP B 132 -9.79 -55.79 -25.08
CA ASP B 132 -10.35 -54.47 -24.83
C ASP B 132 -11.35 -54.13 -25.93
N MET B 133 -12.62 -53.99 -25.56
CA MET B 133 -13.69 -53.72 -26.51
C MET B 133 -13.74 -52.25 -26.95
N GLY B 134 -12.92 -51.39 -26.37
CA GLY B 134 -12.85 -50.00 -26.78
C GLY B 134 -13.82 -49.05 -26.10
N ASN B 135 -14.73 -49.58 -25.28
CA ASN B 135 -15.70 -48.75 -24.57
C ASN B 135 -15.59 -48.92 -23.05
N GLY B 136 -14.43 -49.32 -22.55
CA GLY B 136 -14.25 -49.56 -21.15
C GLY B 136 -14.59 -50.95 -20.68
N CYS B 137 -14.99 -51.84 -21.57
CA CYS B 137 -15.36 -53.21 -21.22
C CYS B 137 -14.32 -54.19 -21.77
N PHE B 138 -14.12 -55.27 -21.02
CA PHE B 138 -13.28 -56.38 -21.44
C PHE B 138 -14.18 -57.56 -21.81
N LYS B 139 -13.96 -58.13 -22.98
CA LYS B 139 -14.56 -59.40 -23.34
C LYS B 139 -13.67 -60.51 -22.80
N ILE B 140 -14.19 -61.31 -21.88
CA ILE B 140 -13.44 -62.37 -21.24
C ILE B 140 -13.80 -63.68 -21.91
N TYR B 141 -12.80 -64.37 -22.46
CA TYR B 141 -13.00 -65.53 -23.33
C TYR B 141 -12.98 -66.85 -22.60
N HIS B 142 -13.56 -66.93 -21.40
CA HIS B 142 -13.70 -68.20 -20.71
C HIS B 142 -14.90 -68.13 -19.78
N LYS B 143 -15.29 -69.29 -19.27
CA LYS B 143 -16.31 -69.34 -18.24
C LYS B 143 -15.77 -68.70 -16.97
N CYS B 144 -16.52 -67.75 -16.42
CA CYS B 144 -16.03 -66.92 -15.32
C CYS B 144 -17.20 -66.61 -14.40
N ASP B 145 -17.43 -67.48 -13.42
CA ASP B 145 -18.55 -67.34 -12.50
C ASP B 145 -18.32 -66.16 -11.54
N ASN B 146 -19.22 -66.01 -10.56
CA ASN B 146 -19.13 -64.89 -9.63
C ASN B 146 -17.82 -64.91 -8.86
N ALA B 147 -17.39 -66.09 -8.40
CA ALA B 147 -16.12 -66.19 -7.71
C ALA B 147 -14.96 -65.76 -8.62
N CYS B 148 -15.08 -66.00 -9.92
CA CYS B 148 -14.04 -65.61 -10.86
C CYS B 148 -14.02 -64.09 -11.04
N ILE B 149 -15.20 -63.48 -11.18
CA ILE B 149 -15.27 -62.02 -11.25
C ILE B 149 -14.77 -61.38 -9.95
N GLU B 150 -15.11 -62.00 -8.81
CA GLU B 150 -14.64 -61.48 -7.53
C GLU B 150 -13.13 -61.47 -7.46
N SER B 151 -12.48 -62.49 -8.02
CA SER B 151 -11.02 -62.56 -7.97
C SER B 151 -10.38 -61.48 -8.84
N ILE B 152 -11.06 -61.03 -9.89
CA ILE B 152 -10.54 -59.91 -10.66
C ILE B 152 -10.66 -58.61 -9.86
N ARG B 153 -11.78 -58.42 -9.18
CA ARG B 153 -12.02 -57.17 -8.49
C ARG B 153 -11.15 -57.03 -7.25
N ASN B 154 -10.74 -58.14 -6.64
CA ASN B 154 -9.87 -58.09 -5.48
C ASN B 154 -8.42 -58.46 -5.80
N GLY B 155 -8.08 -58.58 -7.08
CA GLY B 155 -6.69 -58.66 -7.48
C GLY B 155 -6.01 -60.00 -7.26
N THR B 156 -6.76 -61.09 -7.23
CA THR B 156 -6.18 -62.42 -7.05
C THR B 156 -6.34 -63.31 -8.28
N TYR B 157 -6.91 -62.78 -9.36
CA TYR B 157 -7.13 -63.54 -10.59
C TYR B 157 -5.83 -64.08 -11.16
N ASP B 158 -5.72 -65.41 -11.24
CA ASP B 158 -4.56 -66.07 -11.82
C ASP B 158 -4.86 -66.38 -13.27
N HIS B 159 -4.22 -65.63 -14.19
CA HIS B 159 -4.54 -65.76 -15.60
C HIS B 159 -4.12 -67.11 -16.16
N ASP B 160 -3.10 -67.75 -15.60
CA ASP B 160 -2.62 -69.03 -16.09
C ASP B 160 -3.67 -70.12 -15.95
N VAL B 161 -4.62 -69.96 -15.02
CA VAL B 161 -5.66 -70.97 -14.82
C VAL B 161 -6.55 -71.08 -16.04
N TYR B 162 -6.83 -69.96 -16.72
CA TYR B 162 -7.77 -69.92 -17.81
C TYR B 162 -7.13 -69.71 -19.17
N ARG B 163 -5.80 -69.57 -19.23
CA ARG B 163 -5.14 -69.14 -20.46
C ARG B 163 -5.39 -70.11 -21.61
N ASP B 164 -5.29 -71.41 -21.36
CA ASP B 164 -5.53 -72.39 -22.41
C ASP B 164 -6.95 -72.30 -22.93
N GLU B 165 -7.92 -72.24 -22.01
CA GLU B 165 -9.31 -72.09 -22.43
C GLU B 165 -9.53 -70.79 -23.19
N ALA B 166 -8.91 -69.70 -22.73
CA ALA B 166 -9.17 -68.40 -23.34
C ALA B 166 -8.52 -68.29 -24.71
N LEU B 167 -7.27 -68.74 -24.85
CA LEU B 167 -6.60 -68.69 -26.14
C LEU B 167 -7.33 -69.52 -27.19
N ASN B 168 -7.92 -70.64 -26.76
CA ASN B 168 -8.66 -71.49 -27.71
C ASN B 168 -9.88 -70.76 -28.25
N ASN B 169 -10.63 -70.09 -27.36
CA ASN B 169 -11.81 -69.35 -27.81
C ASN B 169 -11.42 -68.15 -28.66
N ARG B 170 -10.30 -67.49 -28.32
CA ARG B 170 -9.95 -66.25 -29.00
C ARG B 170 -9.55 -66.47 -30.45
N PHE B 171 -8.82 -67.55 -30.73
CA PHE B 171 -8.23 -67.75 -32.04
C PHE B 171 -8.99 -68.75 -32.89
N GLN B 172 -10.26 -68.97 -32.58
CA GLN B 172 -11.16 -69.62 -33.52
C GLN B 172 -11.30 -68.74 -34.76
N ILE B 173 -10.86 -69.25 -35.90
CA ILE B 173 -11.05 -68.53 -37.16
C ILE B 173 -11.92 -69.37 -38.07
N LYS B 174 -12.24 -68.83 -39.24
CA LYS B 174 -13.06 -69.53 -40.22
C LYS B 174 -12.24 -70.59 -40.93
N GLY B 175 -12.83 -71.78 -41.08
CA GLY B 175 -12.20 -72.87 -41.80
C GLY B 175 -12.84 -73.06 -43.16
N VAL B 176 -12.03 -73.43 -44.15
CA VAL B 176 -12.53 -73.68 -45.49
C VAL B 176 -12.12 -75.07 -45.96
N PRO C 3 11.68 -71.62 -20.89
CA PRO C 3 13.02 -71.04 -20.69
C PRO C 3 13.21 -69.75 -21.48
N GLY C 4 13.03 -68.61 -20.82
CA GLY C 4 13.03 -67.32 -21.46
C GLY C 4 13.77 -66.25 -20.68
N ALA C 5 13.31 -65.01 -20.75
CA ALA C 5 13.95 -63.91 -20.05
C ALA C 5 12.88 -62.98 -19.48
N THR C 6 13.28 -62.22 -18.47
CA THR C 6 12.42 -61.23 -17.82
C THR C 6 13.15 -59.90 -17.79
N LEU C 7 12.44 -58.82 -18.12
CA LEU C 7 13.02 -57.49 -18.18
C LEU C 7 12.12 -56.53 -17.39
N CYS C 8 12.64 -55.98 -16.29
CA CYS C 8 11.87 -55.16 -15.39
C CYS C 8 12.30 -53.70 -15.51
N LEU C 9 11.31 -52.80 -15.65
CA LEU C 9 11.55 -51.37 -15.63
C LEU C 9 11.44 -50.85 -14.21
N GLY C 10 12.31 -49.90 -13.86
CA GLY C 10 12.30 -49.36 -12.52
C GLY C 10 12.87 -47.96 -12.46
N HIS C 11 12.89 -47.42 -11.24
CA HIS C 11 13.39 -46.09 -10.96
C HIS C 11 14.16 -46.14 -9.66
N HIS C 12 14.99 -45.13 -9.42
CA HIS C 12 15.84 -45.22 -8.25
C HIS C 12 15.09 -44.73 -7.00
N ALA C 13 15.74 -44.90 -5.86
CA ALA C 13 15.21 -44.44 -4.60
C ALA C 13 16.38 -44.17 -3.67
N VAL C 14 16.11 -43.40 -2.62
CA VAL C 14 17.14 -43.05 -1.65
C VAL C 14 16.65 -43.43 -0.27
N PRO C 15 17.55 -43.64 0.68
CA PRO C 15 17.13 -43.88 2.06
C PRO C 15 16.87 -42.63 2.87
N ASN C 16 17.17 -41.44 2.34
CA ASN C 16 17.02 -40.18 3.07
C ASN C 16 16.16 -39.22 2.24
N GLY C 17 14.87 -39.55 2.11
CA GLY C 17 13.96 -38.69 1.40
C GLY C 17 13.68 -37.38 2.14
N THR C 18 13.03 -36.46 1.44
CA THR C 18 12.66 -35.17 1.98
C THR C 18 11.18 -34.93 1.77
N LEU C 19 10.52 -34.41 2.80
CA LEU C 19 9.10 -34.10 2.71
C LEU C 19 8.90 -32.72 2.08
N VAL C 20 7.95 -32.64 1.15
CA VAL C 20 7.60 -31.39 0.48
C VAL C 20 6.08 -31.28 0.42
N LYS C 21 5.61 -30.06 0.16
CA LYS C 21 4.19 -29.79 0.01
C LYS C 21 3.79 -29.84 -1.46
N THR C 22 2.57 -30.32 -1.71
CA THR C 22 1.99 -30.26 -3.05
C THR C 22 0.58 -29.69 -3.00
N ILE C 23 -0.12 -29.71 -4.15
CA ILE C 23 -1.50 -29.26 -4.19
C ILE C 23 -2.39 -30.17 -3.36
N THR C 24 -2.16 -31.47 -3.40
CA THR C 24 -3.02 -32.43 -2.73
C THR C 24 -2.49 -32.90 -1.38
N ASP C 25 -1.17 -32.95 -1.19
CA ASP C 25 -0.58 -33.49 0.03
C ASP C 25 0.11 -32.38 0.82
N ASP C 26 -0.12 -32.37 2.13
CA ASP C 26 0.62 -31.45 2.99
C ASP C 26 2.07 -31.87 3.13
N GLN C 27 2.35 -33.18 3.13
CA GLN C 27 3.71 -33.69 3.19
C GLN C 27 3.78 -34.96 2.35
N ILE C 28 4.77 -35.04 1.46
CA ILE C 28 5.00 -36.23 0.65
C ILE C 28 6.49 -36.34 0.38
N GLU C 29 6.99 -37.57 0.34
CA GLU C 29 8.43 -37.83 0.32
C GLU C 29 8.95 -37.90 -1.11
N VAL C 30 9.95 -37.08 -1.43
CA VAL C 30 10.67 -37.14 -2.68
C VAL C 30 12.13 -37.44 -2.39
N THR C 31 12.90 -37.70 -3.44
CA THR C 31 14.29 -38.11 -3.26
C THR C 31 15.20 -36.93 -2.92
N ASN C 32 14.84 -35.72 -3.35
CA ASN C 32 15.72 -34.57 -3.21
C ASN C 32 14.88 -33.30 -3.20
N ALA C 33 15.38 -32.28 -2.53
CA ALA C 33 14.71 -30.99 -2.49
C ALA C 33 15.74 -29.90 -2.21
N THR C 34 15.35 -28.66 -2.49
CA THR C 34 16.19 -27.51 -2.21
C THR C 34 15.37 -26.46 -1.45
N GLU C 35 16.04 -25.76 -0.54
CA GLU C 35 15.37 -24.75 0.28
C GLU C 35 15.24 -23.44 -0.49
N LEU C 36 14.07 -22.83 -0.44
CA LEU C 36 13.81 -21.58 -1.15
C LEU C 36 13.74 -20.35 -0.24
N VAL C 37 13.79 -20.53 1.08
CA VAL C 37 13.67 -19.43 2.02
C VAL C 37 15.00 -19.28 2.75
N GLN C 38 15.65 -18.14 2.56
CA GLN C 38 16.86 -17.82 3.31
C GLN C 38 16.45 -17.38 4.71
N SER C 39 16.90 -18.12 5.73
CA SER C 39 16.43 -17.88 7.08
C SER C 39 17.57 -17.66 8.09
N SER C 40 18.82 -17.61 7.63
CA SER C 40 19.95 -17.40 8.52
C SER C 40 20.82 -16.25 7.99
N SER C 41 21.62 -15.70 8.89
CA SER C 41 22.54 -14.62 8.55
C SER C 41 23.81 -14.76 9.39
N THR C 42 24.93 -14.32 8.82
CA THR C 42 26.17 -14.27 9.59
C THR C 42 26.09 -13.27 10.74
N GLY C 43 25.14 -12.35 10.71
CA GLY C 43 25.05 -11.32 11.70
C GLY C 43 25.95 -10.13 11.48
N LYS C 44 26.64 -10.07 10.34
CA LYS C 44 27.55 -8.99 10.02
C LYS C 44 27.16 -8.35 8.70
N ILE C 45 27.43 -7.06 8.58
CA ILE C 45 27.16 -6.30 7.37
C ILE C 45 28.43 -6.25 6.54
N CYS C 46 28.38 -6.79 5.33
CA CYS C 46 29.55 -6.79 4.46
C CYS C 46 29.74 -5.41 3.83
N ASN C 47 30.98 -4.94 3.82
CA ASN C 47 31.31 -3.60 3.35
C ASN C 47 31.56 -3.54 1.85
N ASN C 48 31.31 -4.62 1.13
CA ASN C 48 31.35 -4.62 -0.33
C ASN C 48 30.15 -5.40 -0.86
N PRO C 49 29.64 -5.02 -2.04
CA PRO C 49 30.12 -3.97 -2.94
C PRO C 49 29.48 -2.60 -2.68
N HIS C 50 28.60 -2.52 -1.68
CA HIS C 50 27.97 -1.26 -1.33
C HIS C 50 28.89 -0.46 -0.41
N ARG C 51 28.89 0.86 -0.57
CA ARG C 51 29.65 1.71 0.33
C ARG C 51 28.83 1.91 1.60
N ILE C 52 29.29 1.31 2.70
CA ILE C 52 28.62 1.40 3.99
C ILE C 52 29.28 2.51 4.79
N LEU C 53 28.46 3.41 5.34
CA LEU C 53 28.96 4.46 6.22
C LEU C 53 28.38 4.23 7.61
N ASP C 54 29.25 3.93 8.57
CA ASP C 54 28.83 3.61 9.93
C ASP C 54 28.70 4.92 10.72
N GLY C 55 27.48 5.23 11.14
CA GLY C 55 27.24 6.46 11.87
C GLY C 55 27.80 6.46 13.28
N ILE C 56 28.06 5.29 13.85
CA ILE C 56 28.59 5.14 15.20
C ILE C 56 27.72 5.92 16.18
N ASP C 57 28.22 7.04 16.70
CA ASP C 57 27.49 7.82 17.69
C ASP C 57 26.57 8.87 17.08
N CYS C 58 26.45 8.91 15.76
CA CYS C 58 25.81 10.03 15.07
C CYS C 58 24.65 9.54 14.22
N THR C 59 23.50 10.19 14.37
CA THR C 59 22.42 10.05 13.42
C THR C 59 22.75 10.84 12.15
N LEU C 60 22.01 10.55 11.08
CA LEU C 60 22.24 11.27 9.83
C LEU C 60 21.96 12.76 9.99
N ILE C 61 20.90 13.11 10.71
CA ILE C 61 20.55 14.51 10.89
C ILE C 61 21.63 15.26 11.66
N ASP C 62 22.19 14.63 12.71
CA ASP C 62 23.23 15.30 13.49
C ASP C 62 24.49 15.48 12.66
N ALA C 63 24.80 14.52 11.79
CA ALA C 63 25.94 14.69 10.88
C ALA C 63 25.64 15.75 9.83
N LEU C 64 24.38 15.90 9.44
CA LEU C 64 24.00 16.94 8.50
C LEU C 64 24.16 18.33 9.11
N LEU C 65 23.55 18.55 10.27
CA LEU C 65 23.61 19.85 10.92
C LEU C 65 25.03 20.22 11.29
N GLY C 66 25.82 19.26 11.77
CA GLY C 66 27.19 19.52 12.16
C GLY C 66 27.40 19.52 13.66
N ASP C 67 26.72 18.62 14.35
CA ASP C 67 27.00 18.35 15.75
C ASP C 67 28.50 18.09 15.92
N PRO C 68 29.18 18.78 16.85
CA PRO C 68 30.65 18.68 16.90
C PRO C 68 31.20 17.26 16.93
N HIS C 69 30.62 16.35 17.71
CA HIS C 69 31.17 15.00 17.68
C HIS C 69 30.84 14.26 16.39
N CYS C 70 30.09 14.86 15.48
CA CYS C 70 29.83 14.32 14.15
C CYS C 70 30.63 15.04 13.06
N ASP C 71 31.68 15.77 13.44
CA ASP C 71 32.46 16.51 12.46
C ASP C 71 33.11 15.58 11.44
N VAL C 72 33.43 14.34 11.85
CA VAL C 72 34.15 13.43 10.98
C VAL C 72 33.35 13.06 9.72
N PHE C 73 32.04 13.28 9.74
CA PHE C 73 31.20 12.92 8.61
C PHE C 73 31.04 14.03 7.59
N GLN C 74 31.79 15.13 7.72
CA GLN C 74 31.69 16.23 6.77
C GLN C 74 32.02 15.76 5.37
N ASN C 75 31.15 16.11 4.41
CA ASN C 75 31.34 15.80 2.99
C ASN C 75 31.37 14.30 2.73
N GLU C 76 30.74 13.50 3.58
CA GLU C 76 30.76 12.06 3.38
C GLU C 76 29.74 11.65 2.32
N THR C 77 29.97 10.47 1.74
CA THR C 77 29.04 9.85 0.80
C THR C 77 28.77 8.43 1.25
N TRP C 78 27.69 7.85 0.72
CA TRP C 78 27.32 6.49 1.10
C TRP C 78 26.34 5.93 0.09
N ASP C 79 26.32 4.61 0.00
CA ASP C 79 25.16 3.92 -0.56
C ASP C 79 24.17 3.53 0.53
N LEU C 80 24.68 3.13 1.70
CA LEU C 80 23.84 2.81 2.84
C LEU C 80 24.43 3.47 4.08
N PHE C 81 23.67 4.36 4.69
CA PHE C 81 24.01 4.92 5.99
C PHE C 81 23.41 4.05 7.07
N VAL C 82 24.23 3.63 8.03
CA VAL C 82 23.79 2.75 9.11
C VAL C 82 23.73 3.56 10.40
N GLU C 83 22.54 3.63 10.99
CA GLU C 83 22.32 4.35 12.24
C GLU C 83 22.31 3.37 13.40
N ARG C 84 23.12 3.65 14.41
CA ARG C 84 23.21 2.83 15.60
C ARG C 84 22.24 3.32 16.68
N SER C 85 21.76 2.40 17.50
CA SER C 85 20.82 2.77 18.56
C SER C 85 21.50 3.51 19.70
N LYS C 86 22.83 3.45 19.79
CA LYS C 86 23.58 4.19 20.81
C LYS C 86 23.85 5.63 20.42
N ALA C 87 23.38 6.08 19.26
CA ALA C 87 23.66 7.44 18.82
C ALA C 87 23.04 8.46 19.78
N PHE C 88 23.66 9.63 19.86
CA PHE C 88 23.17 10.66 20.75
C PHE C 88 23.47 12.03 20.17
N SER C 89 22.63 12.99 20.51
CA SER C 89 22.88 14.39 20.19
C SER C 89 23.65 15.04 21.33
N ASN C 90 24.55 15.96 21.00
CA ASN C 90 25.36 16.61 22.02
C ASN C 90 25.64 18.05 21.62
N CYS C 91 24.62 18.73 21.08
CA CYS C 91 24.73 20.13 20.70
C CYS C 91 23.54 20.91 21.25
N TYR C 92 23.14 21.97 20.57
CA TYR C 92 22.00 22.75 21.04
C TYR C 92 20.74 21.90 20.92
N PRO C 93 19.88 21.90 21.95
CA PRO C 93 18.63 21.11 21.85
C PRO C 93 17.76 21.62 20.72
N TYR C 94 17.30 20.69 19.88
CA TYR C 94 16.58 21.04 18.67
C TYR C 94 15.49 20.02 18.40
N ASP C 95 14.65 20.35 17.41
CA ASP C 95 13.70 19.40 16.85
C ASP C 95 13.54 19.71 15.36
N VAL C 96 13.07 18.72 14.62
CA VAL C 96 12.83 18.87 13.19
C VAL C 96 11.39 18.51 12.86
N PRO C 97 10.52 19.48 12.60
CA PRO C 97 9.20 19.15 12.04
C PRO C 97 9.38 18.40 10.73
N ASP C 98 8.66 17.29 10.59
CA ASP C 98 8.88 16.34 9.50
C ASP C 98 10.34 15.86 9.49
N TYR C 99 10.82 15.46 10.68
CA TYR C 99 12.11 14.79 10.80
C TYR C 99 12.24 13.62 9.84
N ALA C 100 11.20 12.79 9.74
CA ALA C 100 11.26 11.60 8.90
C ALA C 100 11.49 11.96 7.43
N SER C 101 10.86 13.04 6.96
CA SER C 101 11.02 13.43 5.57
C SER C 101 12.43 13.95 5.30
N LEU C 102 12.97 14.80 6.18
CA LEU C 102 14.31 15.32 5.98
C LEU C 102 15.35 14.20 6.04
N ARG C 103 15.22 13.31 7.02
CA ARG C 103 16.11 12.16 7.10
C ARG C 103 16.01 11.32 5.84
N SER C 104 14.80 11.18 5.28
CA SER C 104 14.61 10.38 4.08
C SER C 104 15.28 11.02 2.87
N LEU C 105 15.01 12.30 2.61
CA LEU C 105 15.50 12.89 1.37
C LEU C 105 17.02 13.03 1.37
N VAL C 106 17.63 13.23 2.53
CA VAL C 106 19.09 13.29 2.60
C VAL C 106 19.67 11.90 2.41
N ALA C 107 19.10 10.90 3.07
CA ALA C 107 19.54 9.52 2.87
C ALA C 107 19.46 9.12 1.41
N SER C 108 18.36 9.44 0.74
CA SER C 108 18.21 9.11 -0.67
C SER C 108 19.18 9.90 -1.53
N SER C 109 19.60 11.08 -1.09
CA SER C 109 20.58 11.86 -1.84
C SER C 109 21.95 11.20 -1.80
N GLY C 110 22.33 10.65 -0.65
CA GLY C 110 23.54 9.87 -0.55
C GLY C 110 24.81 10.66 -0.33
N THR C 111 24.72 11.95 -0.02
CA THR C 111 25.93 12.75 0.18
C THR C 111 25.63 13.86 1.18
N LEU C 112 26.67 14.28 1.88
CA LEU C 112 26.64 15.47 2.73
C LEU C 112 27.55 16.57 2.19
N GLU C 113 27.82 16.54 0.88
CA GLU C 113 28.71 17.54 0.27
C GLU C 113 28.17 18.94 0.49
N PHE C 114 28.90 19.73 1.27
CA PHE C 114 28.49 21.07 1.64
C PHE C 114 29.37 22.09 0.92
N ILE C 115 28.74 23.15 0.44
CA ILE C 115 29.43 24.22 -0.28
C ILE C 115 29.09 25.53 0.41
N THR C 116 30.09 26.16 1.03
CA THR C 116 29.88 27.42 1.74
C THR C 116 29.63 28.55 0.75
N GLU C 117 28.64 29.39 1.06
CA GLU C 117 28.28 30.53 0.22
C GLU C 117 28.49 31.83 0.99
N GLY C 118 28.78 32.89 0.25
CA GLY C 118 29.09 34.18 0.86
C GLY C 118 27.88 35.01 1.24
N PHE C 119 27.14 34.55 2.25
CA PHE C 119 26.04 35.36 2.77
C PHE C 119 26.58 36.59 3.49
N THR C 120 25.88 37.71 3.34
CA THR C 120 26.21 38.95 4.02
C THR C 120 25.11 39.28 5.02
N TRP C 121 25.43 39.26 6.30
CA TRP C 121 24.46 39.52 7.36
C TRP C 121 24.81 40.88 7.98
N THR C 122 24.29 41.94 7.37
CA THR C 122 24.62 43.30 7.76
C THR C 122 23.83 43.70 9.00
N GLY C 123 24.54 44.15 10.03
CA GLY C 123 23.91 44.67 11.22
C GLY C 123 23.71 43.70 12.37
N VAL C 124 24.15 42.44 12.23
CA VAL C 124 23.96 41.44 13.26
C VAL C 124 25.32 40.87 13.65
N THR C 125 25.36 40.24 14.83
CA THR C 125 26.51 39.49 15.29
C THR C 125 26.40 38.05 14.80
N GLN C 126 27.47 37.56 14.17
CA GLN C 126 27.48 36.22 13.63
C GLN C 126 28.17 35.24 14.58
N ASN C 127 28.04 33.95 14.25
CA ASN C 127 28.85 32.90 14.84
C ASN C 127 28.59 32.72 16.33
N GLY C 128 27.33 32.87 16.73
CA GLY C 128 26.98 32.58 18.12
C GLY C 128 27.22 31.12 18.45
N GLY C 129 27.69 30.87 19.67
CA GLY C 129 27.99 29.54 20.13
C GLY C 129 27.34 29.25 21.47
N SER C 130 27.66 28.06 21.99
CA SER C 130 27.00 27.58 23.19
C SER C 130 27.90 26.57 23.90
N ASN C 131 27.88 26.61 25.24
CA ASN C 131 28.54 25.59 26.03
C ASN C 131 27.78 24.27 26.05
N ALA C 132 26.52 24.27 25.59
CA ALA C 132 25.79 23.04 25.36
C ALA C 132 26.17 22.40 24.03
N CYS C 133 27.12 22.98 23.32
CA CYS C 133 27.55 22.47 22.03
C CYS C 133 29.04 22.72 21.86
N LYS C 134 29.83 22.26 22.84
CA LYS C 134 31.26 22.53 22.81
C LYS C 134 31.93 21.87 21.62
N ARG C 135 32.82 22.62 20.98
CA ARG C 135 33.70 22.10 19.93
C ARG C 135 35.12 22.37 20.45
N GLY C 136 35.77 21.33 20.97
CA GLY C 136 36.96 21.53 21.76
C GLY C 136 36.59 21.90 23.19
N PRO C 137 37.52 22.48 23.93
CA PRO C 137 37.21 22.88 25.31
C PRO C 137 36.27 24.06 25.41
N GLY C 138 36.08 24.82 24.34
CA GLY C 138 35.27 26.02 24.37
C GLY C 138 33.91 25.84 23.71
N SER C 139 33.13 26.91 23.77
CA SER C 139 31.78 26.91 23.20
C SER C 139 31.82 26.69 21.70
N GLY C 140 30.69 26.24 21.16
CA GLY C 140 30.58 25.97 19.74
C GLY C 140 29.14 25.90 19.31
N PHE C 141 28.93 25.40 18.10
CA PHE C 141 27.59 25.38 17.50
C PHE C 141 27.62 24.41 16.33
N PHE C 142 26.44 24.19 15.74
CA PHE C 142 26.35 23.39 14.53
C PHE C 142 27.24 23.98 13.46
N SER C 143 28.06 23.14 12.84
CA SER C 143 29.07 23.64 11.90
C SER C 143 28.44 24.25 10.66
N ARG C 144 27.24 23.80 10.27
CA ARG C 144 26.60 24.28 9.05
C ARG C 144 25.59 25.37 9.32
N LEU C 145 25.37 25.76 10.57
CA LEU C 145 24.43 26.82 10.92
C LEU C 145 25.17 27.99 11.56
N ASN C 146 24.53 29.16 11.51
CA ASN C 146 25.15 30.42 11.91
C ASN C 146 24.18 31.16 12.82
N TRP C 147 24.49 31.22 14.11
CA TRP C 147 23.60 31.82 15.10
C TRP C 147 23.78 33.33 15.09
N LEU C 148 22.76 34.05 14.63
CA LEU C 148 22.80 35.50 14.51
C LEU C 148 22.10 36.13 15.70
N THR C 149 22.71 37.19 16.25
CA THR C 149 22.14 37.93 17.36
C THR C 149 22.33 39.42 17.10
N LYS C 150 21.85 40.23 18.04
CA LYS C 150 21.89 41.68 17.88
C LYS C 150 23.32 42.18 17.81
N SER C 151 23.51 43.33 17.16
CA SER C 151 24.79 44.03 17.15
C SER C 151 24.56 45.43 17.69
N GLY C 152 25.30 45.79 18.74
CA GLY C 152 25.03 47.04 19.43
C GLY C 152 23.76 46.94 20.25
N SER C 153 22.72 47.65 19.82
CA SER C 153 21.42 47.58 20.47
C SER C 153 20.29 47.36 19.47
N THR C 154 20.62 46.94 18.25
CA THR C 154 19.62 46.77 17.20
C THR C 154 19.77 45.41 16.54
N TYR C 155 18.66 44.93 15.99
CA TYR C 155 18.63 43.74 15.13
C TYR C 155 17.83 44.16 13.90
N PRO C 156 18.48 44.44 12.78
CA PRO C 156 17.75 44.95 11.62
C PRO C 156 16.96 43.84 10.94
N VAL C 157 16.17 44.25 9.95
CA VAL C 157 15.45 43.28 9.11
C VAL C 157 16.46 42.71 8.12
N LEU C 158 16.84 41.45 8.34
CA LEU C 158 17.76 40.79 7.42
C LEU C 158 17.02 40.46 6.13
N ASN C 159 17.67 40.73 5.00
CA ASN C 159 17.07 40.50 3.69
C ASN C 159 18.21 40.19 2.71
N VAL C 160 18.59 38.92 2.65
CA VAL C 160 19.67 38.47 1.79
C VAL C 160 19.10 37.61 0.67
N THR C 161 19.88 37.46 -0.39
CA THR C 161 19.46 36.72 -1.58
C THR C 161 20.62 35.86 -2.08
N MET C 162 20.30 34.64 -2.49
CA MET C 162 21.29 33.72 -3.06
C MET C 162 20.69 32.99 -4.26
N PRO C 163 21.05 33.39 -5.47
CA PRO C 163 20.53 32.69 -6.66
C PRO C 163 21.28 31.39 -6.91
N ASN C 164 20.58 30.47 -7.58
CA ASN C 164 21.15 29.18 -7.97
C ASN C 164 21.42 29.22 -9.47
N ASN C 165 22.68 29.38 -9.84
CA ASN C 165 23.10 29.40 -11.22
C ASN C 165 23.74 28.09 -11.67
N ASP C 166 23.81 27.09 -10.79
CA ASP C 166 24.38 25.81 -11.15
C ASP C 166 23.31 24.93 -11.79
N ASN C 167 23.73 23.75 -12.24
CA ASN C 167 22.83 22.82 -12.93
C ASN C 167 22.33 21.70 -12.03
N PHE C 168 22.33 21.91 -10.72
CA PHE C 168 21.85 20.92 -9.77
C PHE C 168 20.99 21.61 -8.72
N ASP C 169 20.30 20.79 -7.93
CA ASP C 169 19.46 21.30 -6.85
C ASP C 169 20.32 21.59 -5.62
N LYS C 170 19.94 22.65 -4.90
CA LYS C 170 20.61 23.03 -3.67
C LYS C 170 19.67 22.75 -2.50
N LEU C 171 20.20 22.14 -1.44
CA LEU C 171 19.45 21.90 -0.22
C LEU C 171 19.95 22.84 0.85
N TYR C 172 19.08 23.74 1.30
CA TYR C 172 19.40 24.68 2.37
C TYR C 172 18.77 24.21 3.66
N ILE C 173 19.58 24.08 4.71
CA ILE C 173 19.12 23.76 6.05
C ILE C 173 19.24 25.02 6.90
N TRP C 174 18.15 25.40 7.56
CA TRP C 174 18.13 26.59 8.39
C TRP C 174 17.23 26.33 9.59
N GLY C 175 17.21 27.29 10.52
CA GLY C 175 16.50 27.09 11.77
C GLY C 175 15.93 28.36 12.37
N VAL C 176 15.10 28.15 13.40
CA VAL C 176 14.48 29.22 14.16
C VAL C 176 14.72 28.96 15.63
N HIS C 177 15.16 29.99 16.35
CA HIS C 177 15.46 29.86 17.77
C HIS C 177 14.23 30.20 18.60
N HIS C 178 13.87 29.31 19.52
CA HIS C 178 12.72 29.52 20.40
C HIS C 178 13.22 29.83 21.80
N PRO C 179 13.25 31.09 22.22
CA PRO C 179 13.72 31.41 23.57
C PRO C 179 12.75 30.91 24.63
N SER C 180 13.21 30.93 25.87
CA SER C 180 12.40 30.49 27.00
C SER C 180 11.70 31.64 27.70
N THR C 181 12.26 32.84 27.69
CA THR C 181 11.68 33.99 28.37
C THR C 181 11.64 35.19 27.42
N ASN C 182 10.82 36.17 27.78
CA ASN C 182 10.80 37.42 27.02
C ASN C 182 12.10 38.19 27.19
N GLN C 183 12.71 38.12 28.38
CA GLN C 183 14.00 38.74 28.59
C GLN C 183 15.05 38.16 27.66
N GLU C 184 15.05 36.83 27.52
CA GLU C 184 15.96 36.16 26.60
C GLU C 184 15.72 36.61 25.16
N GLN C 185 14.46 36.78 24.77
CA GLN C 185 14.14 37.19 23.41
C GLN C 185 14.70 38.57 23.10
N THR C 186 14.43 39.55 23.96
CA THR C 186 14.86 40.91 23.69
C THR C 186 16.36 41.07 23.89
N SER C 187 16.97 40.28 24.77
CA SER C 187 18.42 40.35 24.96
C SER C 187 19.17 39.93 23.70
N LEU C 188 18.64 38.95 22.98
CA LEU C 188 19.32 38.43 21.80
C LEU C 188 18.90 39.15 20.51
N TYR C 189 17.62 39.50 20.37
CA TYR C 189 17.09 39.93 19.09
C TYR C 189 16.34 41.26 19.17
N VAL C 190 16.36 41.94 20.32
CA VAL C 190 15.76 43.26 20.50
C VAL C 190 14.25 43.23 20.28
N GLN C 191 13.81 42.84 19.08
CA GLN C 191 12.38 42.75 18.80
C GLN C 191 11.71 41.79 19.78
N ALA C 192 10.52 42.17 20.24
CA ALA C 192 9.78 41.34 21.19
C ALA C 192 9.25 40.06 20.56
N SER C 193 9.17 40.00 19.24
CA SER C 193 8.68 38.82 18.54
C SER C 193 9.42 38.71 17.22
N GLY C 194 10.10 37.58 17.01
CA GLY C 194 10.86 37.38 15.80
C GLY C 194 10.01 36.82 14.67
N ARG C 195 10.69 36.57 13.54
CA ARG C 195 10.02 36.06 12.35
C ARG C 195 11.07 35.63 11.33
N VAL C 196 10.90 34.46 10.73
CA VAL C 196 11.81 33.95 9.71
C VAL C 196 10.98 33.57 8.50
N THR C 197 11.25 34.20 7.36
CA THR C 197 10.57 33.91 6.11
C THR C 197 11.60 33.50 5.08
N VAL C 198 11.49 32.25 4.60
CA VAL C 198 12.40 31.70 3.61
C VAL C 198 11.57 31.31 2.39
N SER C 199 11.98 31.79 1.21
CA SER C 199 11.15 31.64 0.04
C SER C 199 12.01 31.50 -1.21
N THR C 200 11.39 30.90 -2.23
CA THR C 200 11.89 30.88 -3.59
C THR C 200 10.79 31.46 -4.47
N ARG C 201 10.95 31.35 -5.78
CA ARG C 201 9.86 31.75 -6.66
C ARG C 201 8.69 30.77 -6.59
N ARG C 202 8.93 29.56 -6.09
CA ARG C 202 7.94 28.49 -6.10
C ARG C 202 7.37 28.17 -4.74
N SER C 203 7.99 28.63 -3.65
CA SER C 203 7.54 28.25 -2.31
C SER C 203 7.91 29.34 -1.32
N GLN C 204 7.24 29.33 -0.18
CA GLN C 204 7.56 30.23 0.92
C GLN C 204 7.23 29.56 2.24
N GLN C 205 8.07 29.82 3.25
CA GLN C 205 7.82 29.38 4.61
C GLN C 205 8.07 30.55 5.56
N THR C 206 7.13 30.79 6.46
CA THR C 206 7.30 31.77 7.53
C THR C 206 7.07 31.09 8.86
N ILE C 207 8.03 31.24 9.77
CA ILE C 207 7.98 30.63 11.09
C ILE C 207 7.98 31.74 12.13
N ILE C 208 7.05 31.65 13.07
CA ILE C 208 7.00 32.57 14.21
C ILE C 208 7.55 31.83 15.42
N PRO C 209 8.57 32.35 16.10
CA PRO C 209 9.13 31.65 17.25
C PRO C 209 8.13 31.52 18.39
N ASN C 210 8.40 30.57 19.27
CA ASN C 210 7.57 30.31 20.44
C ASN C 210 8.39 30.59 21.70
N ILE C 211 7.81 31.37 22.61
CA ILE C 211 8.47 31.74 23.86
C ILE C 211 7.74 31.06 25.00
N GLY C 212 8.47 30.28 25.79
CA GLY C 212 7.87 29.57 26.91
C GLY C 212 8.85 28.60 27.52
N SER C 213 8.45 28.07 28.66
CA SER C 213 9.29 27.16 29.43
C SER C 213 9.07 25.73 28.94
N ARG C 214 10.14 25.08 28.53
CA ARG C 214 10.18 23.67 28.17
C ARG C 214 11.01 22.89 29.17
N PRO C 215 10.97 21.55 29.11
CA PRO C 215 11.88 20.77 29.96
C PRO C 215 13.33 21.02 29.60
N TRP C 216 14.19 20.90 30.59
CA TRP C 216 15.63 21.08 30.36
C TRP C 216 16.19 19.93 29.54
N VAL C 217 16.96 20.27 28.51
CA VAL C 217 17.75 19.31 27.76
C VAL C 217 19.18 19.85 27.74
N ARG C 218 20.09 19.14 28.40
CA ARG C 218 21.50 19.55 28.50
C ARG C 218 21.61 20.99 29.04
N GLY C 219 20.79 21.30 30.04
CA GLY C 219 20.87 22.56 30.73
C GLY C 219 20.06 23.69 30.13
N LEU C 220 19.38 23.47 29.02
CA LEU C 220 18.68 24.53 28.31
C LEU C 220 17.20 24.23 28.19
N SER C 221 16.39 25.29 28.29
CA SER C 221 14.97 25.22 28.06
C SER C 221 14.57 25.77 26.70
N SER C 222 15.49 26.42 26.00
CA SER C 222 15.21 26.93 24.67
C SER C 222 15.46 25.85 23.63
N ARG C 223 15.02 26.10 22.40
CA ARG C 223 15.10 25.12 21.34
C ARG C 223 15.42 25.80 20.02
N ILE C 224 15.89 25.00 19.07
CA ILE C 224 16.03 25.39 17.68
C ILE C 224 15.17 24.46 16.84
N SER C 225 14.34 25.02 15.97
CA SER C 225 13.54 24.23 15.05
C SER C 225 14.18 24.26 13.68
N ILE C 226 14.42 23.08 13.11
CA ILE C 226 15.13 22.95 11.84
C ILE C 226 14.11 22.86 10.71
N TYR C 227 14.36 23.59 9.63
CA TYR C 227 13.55 23.55 8.42
C TYR C 227 14.48 23.42 7.23
N TRP C 228 13.91 23.18 6.05
CA TRP C 228 14.73 23.02 4.87
C TRP C 228 14.03 23.59 3.65
N THR C 229 14.83 23.99 2.65
CA THR C 229 14.33 24.54 1.40
C THR C 229 15.21 24.06 0.26
N ILE C 230 14.59 23.60 -0.83
CA ILE C 230 15.29 23.19 -2.04
C ILE C 230 15.14 24.30 -3.09
N VAL C 231 16.25 24.71 -3.68
CA VAL C 231 16.27 25.73 -4.72
C VAL C 231 16.66 25.06 -6.03
N LYS C 232 15.76 25.12 -7.01
CA LYS C 232 16.00 24.51 -8.31
C LYS C 232 16.92 25.40 -9.15
N PRO C 233 17.59 24.82 -10.15
CA PRO C 233 18.43 25.63 -11.05
C PRO C 233 17.62 26.73 -11.71
N GLY C 234 18.17 27.95 -11.67
CA GLY C 234 17.48 29.11 -12.19
C GLY C 234 16.63 29.84 -11.20
N ASP C 235 16.37 29.26 -10.03
CA ASP C 235 15.61 29.92 -8.99
C ASP C 235 16.55 30.65 -8.03
N VAL C 236 15.99 31.25 -6.99
CA VAL C 236 16.76 32.11 -6.10
C VAL C 236 16.22 31.96 -4.68
N LEU C 237 17.13 31.94 -3.71
CA LEU C 237 16.80 31.87 -2.30
C LEU C 237 16.77 33.28 -1.72
N VAL C 238 15.67 33.62 -1.05
CA VAL C 238 15.54 34.87 -0.31
C VAL C 238 15.21 34.54 1.14
N ILE C 239 15.99 35.09 2.06
CA ILE C 239 15.79 34.90 3.50
C ILE C 239 15.50 36.25 4.12
N ASN C 240 14.39 36.34 4.84
CA ASN C 240 13.92 37.59 5.44
C ASN C 240 13.59 37.34 6.91
N SER C 241 14.18 38.14 7.80
CA SER C 241 13.99 37.91 9.22
C SER C 241 14.27 39.19 10.01
N ASN C 242 13.50 39.39 11.07
CA ASN C 242 13.74 40.47 12.03
C ASN C 242 14.01 39.91 13.43
N GLY C 243 14.48 38.68 13.51
CA GLY C 243 14.86 38.06 14.77
C GLY C 243 14.71 36.56 14.73
N ASN C 244 15.58 35.88 15.50
CA ASN C 244 15.53 34.45 15.80
C ASN C 244 15.97 33.56 14.64
N LEU C 245 16.65 34.11 13.64
CA LEU C 245 17.09 33.31 12.51
C LEU C 245 18.38 32.56 12.84
N ILE C 246 18.35 31.24 12.64
CA ILE C 246 19.55 30.42 12.63
C ILE C 246 19.90 30.23 11.16
N ALA C 247 20.90 30.96 10.70
CA ALA C 247 21.11 31.11 9.27
C ALA C 247 21.92 29.94 8.70
N PRO C 248 21.67 29.58 7.44
CA PRO C 248 22.55 28.62 6.77
C PRO C 248 23.86 29.28 6.35
N ARG C 249 24.90 28.46 6.27
CA ARG C 249 26.20 28.91 5.78
C ARG C 249 26.42 28.57 4.32
N GLY C 250 25.48 27.87 3.69
CA GLY C 250 25.66 27.38 2.34
C GLY C 250 24.60 26.33 2.05
N TYR C 251 24.89 25.49 1.06
CA TYR C 251 23.96 24.48 0.62
C TYR C 251 24.62 23.11 0.61
N PHE C 252 23.78 22.08 0.69
CA PHE C 252 24.19 20.71 0.46
C PHE C 252 23.89 20.35 -1.00
N LYS C 253 24.86 19.75 -1.66
CA LYS C 253 24.66 19.30 -3.03
C LYS C 253 23.71 18.11 -3.04
N MET C 254 22.73 18.13 -3.93
CA MET C 254 21.69 17.11 -3.97
C MET C 254 21.92 16.17 -5.13
N ARG C 255 21.72 14.88 -4.89
CA ARG C 255 21.89 13.85 -5.90
C ARG C 255 20.70 12.90 -5.88
N THR C 256 20.48 12.26 -7.03
CA THR C 256 19.56 11.15 -7.13
C THR C 256 20.37 9.87 -7.39
N GLY C 257 19.88 8.76 -6.87
CA GLY C 257 20.60 7.50 -7.01
C GLY C 257 20.03 6.43 -6.11
N LYS C 258 20.89 5.49 -5.73
CA LYS C 258 20.47 4.27 -5.06
C LYS C 258 20.71 4.30 -3.56
N SER C 259 21.04 5.44 -2.99
CA SER C 259 21.43 5.48 -1.59
C SER C 259 20.21 5.39 -0.68
N SER C 260 20.45 4.97 0.56
CA SER C 260 19.40 4.87 1.56
C SER C 260 20.03 4.83 2.95
N ILE C 261 19.18 4.63 3.95
CA ILE C 261 19.59 4.61 5.35
C ILE C 261 18.92 3.40 6.02
N MET C 262 19.61 2.83 7.00
CA MET C 262 19.11 1.66 7.70
C MET C 262 19.51 1.73 9.17
N ARG C 263 18.60 1.31 10.05
CA ARG C 263 18.90 1.18 11.47
C ARG C 263 19.37 -0.24 11.74
N SER C 264 20.56 -0.37 12.30
CA SER C 264 21.10 -1.69 12.62
C SER C 264 22.18 -1.55 13.67
N ASP C 265 22.28 -2.58 14.52
CA ASP C 265 23.39 -2.70 15.46
C ASP C 265 24.34 -3.83 15.06
N ALA C 266 24.23 -4.33 13.84
CA ALA C 266 25.11 -5.39 13.35
C ALA C 266 26.49 -4.82 13.04
N PRO C 267 27.55 -5.51 13.43
CA PRO C 267 28.90 -5.04 13.09
C PRO C 267 29.16 -5.13 11.60
N ILE C 268 30.10 -4.32 11.15
CA ILE C 268 30.49 -4.24 9.75
C ILE C 268 31.77 -5.04 9.55
N ASP C 269 31.81 -5.84 8.49
CA ASP C 269 32.91 -6.75 8.26
C ASP C 269 33.39 -6.62 6.82
N THR C 270 34.62 -7.08 6.58
CA THR C 270 35.21 -7.02 5.24
C THR C 270 34.85 -8.32 4.53
N CYS C 271 33.73 -8.29 3.81
CA CYS C 271 33.27 -9.42 3.01
C CYS C 271 32.45 -8.86 1.84
N ILE C 272 31.91 -9.77 1.03
CA ILE C 272 31.12 -9.40 -0.14
C ILE C 272 29.71 -9.95 0.04
N SER C 273 28.71 -9.10 -0.13
CA SER C 273 27.32 -9.52 -0.10
C SER C 273 26.45 -8.44 -0.73
N GLU C 274 25.62 -8.82 -1.70
CA GLU C 274 24.77 -7.86 -2.38
C GLU C 274 23.57 -7.44 -1.53
N CYS C 275 23.16 -8.27 -0.58
CA CYS C 275 21.94 -8.04 0.18
C CYS C 275 22.28 -7.72 1.63
N ILE C 276 21.59 -6.72 2.18
CA ILE C 276 21.81 -6.24 3.54
C ILE C 276 20.47 -6.21 4.28
N THR C 277 20.48 -6.66 5.52
CA THR C 277 19.35 -6.58 6.44
C THR C 277 19.85 -6.03 7.76
N PRO C 278 18.96 -5.52 8.61
CA PRO C 278 19.39 -5.11 9.96
C PRO C 278 20.06 -6.22 10.74
N ASN C 279 19.69 -7.49 10.50
CA ASN C 279 20.34 -8.62 11.16
C ASN C 279 21.72 -8.90 10.59
N GLY C 280 22.10 -8.25 9.50
CA GLY C 280 23.33 -8.55 8.79
C GLY C 280 23.04 -8.89 7.35
N SER C 281 24.12 -9.15 6.61
CA SER C 281 23.99 -9.52 5.22
C SER C 281 23.50 -10.97 5.09
N ILE C 282 22.77 -11.23 4.01
CA ILE C 282 22.29 -12.58 3.72
C ILE C 282 22.59 -12.90 2.26
N PRO C 283 22.91 -14.14 1.92
CA PRO C 283 23.08 -14.49 0.51
C PRO C 283 21.75 -14.35 -0.23
N ASN C 284 21.83 -14.22 -1.55
CA ASN C 284 20.65 -13.99 -2.37
C ASN C 284 20.50 -15.06 -3.46
N ASP C 285 20.98 -16.28 -3.18
CA ASP C 285 20.80 -17.37 -4.15
C ASP C 285 19.38 -17.89 -4.14
N LYS C 286 18.70 -17.84 -2.99
CA LYS C 286 17.31 -18.25 -2.84
C LYS C 286 16.37 -17.09 -3.14
N PRO C 287 15.19 -17.36 -3.70
CA PRO C 287 14.29 -16.27 -4.08
C PRO C 287 13.50 -15.66 -2.92
N PHE C 288 13.47 -16.30 -1.75
CA PHE C 288 12.70 -15.80 -0.63
C PHE C 288 13.56 -15.77 0.62
N GLN C 289 13.14 -14.96 1.59
CA GLN C 289 13.87 -14.87 2.84
C GLN C 289 12.91 -14.56 3.99
N ASN C 290 13.30 -15.00 5.19
CA ASN C 290 12.49 -14.87 6.39
C ASN C 290 13.21 -14.05 7.46
N VAL C 291 14.31 -13.39 7.10
CA VAL C 291 15.17 -12.74 8.10
C VAL C 291 14.58 -11.41 8.54
N ASN C 292 14.24 -10.53 7.59
CA ASN C 292 13.74 -9.21 7.95
C ASN C 292 13.03 -8.61 6.74
N LYS C 293 11.92 -7.92 7.00
CA LYS C 293 11.23 -7.21 5.92
C LYS C 293 11.98 -5.96 5.49
N ILE C 294 12.96 -5.52 6.25
CA ILE C 294 13.81 -4.39 5.88
C ILE C 294 15.04 -4.93 5.18
N THR C 295 15.23 -4.55 3.92
CA THR C 295 16.37 -5.03 3.15
C THR C 295 16.90 -3.88 2.28
N TYR C 296 18.14 -4.07 1.80
CA TYR C 296 18.75 -3.14 0.87
C TYR C 296 19.59 -3.93 -0.11
N GLY C 297 19.36 -3.71 -1.40
CA GLY C 297 20.13 -4.33 -2.46
C GLY C 297 19.38 -5.42 -3.19
N ALA C 298 20.13 -6.32 -3.80
CA ALA C 298 19.57 -7.44 -4.57
C ALA C 298 19.21 -8.55 -3.59
N CYS C 299 17.96 -8.56 -3.16
CA CYS C 299 17.58 -9.37 -2.02
C CYS C 299 16.45 -10.33 -2.36
N PRO C 300 16.41 -11.49 -1.72
CA PRO C 300 15.22 -12.32 -1.79
C PRO C 300 14.02 -11.58 -1.21
N LYS C 301 12.84 -11.93 -1.69
CA LYS C 301 11.62 -11.29 -1.21
C LYS C 301 11.23 -11.83 0.15
N TYR C 302 10.79 -10.94 1.03
CA TYR C 302 10.41 -11.38 2.37
C TYR C 302 9.07 -12.10 2.34
N VAL C 303 9.02 -13.24 3.04
CA VAL C 303 7.80 -14.02 3.19
C VAL C 303 7.69 -14.45 4.65
N LYS C 304 6.48 -14.88 5.04
CA LYS C 304 6.27 -15.26 6.43
C LYS C 304 6.81 -16.65 6.74
N GLN C 305 6.87 -17.54 5.76
CA GLN C 305 7.30 -18.91 6.01
C GLN C 305 8.81 -18.97 6.28
N ASN C 306 9.20 -19.82 7.25
CA ASN C 306 10.61 -20.03 7.54
C ASN C 306 11.21 -21.16 6.71
N THR C 307 10.41 -21.90 5.96
CA THR C 307 10.94 -22.93 5.06
C THR C 307 9.93 -23.19 3.95
N LEU C 308 10.46 -23.40 2.74
CA LEU C 308 9.66 -23.79 1.58
C LEU C 308 10.54 -24.67 0.71
N LYS C 309 10.29 -25.98 0.73
CA LYS C 309 11.14 -26.93 0.04
C LYS C 309 10.60 -27.19 -1.36
N LEU C 310 11.47 -27.02 -2.37
CA LEU C 310 11.12 -27.25 -3.76
C LEU C 310 11.61 -28.64 -4.18
N ALA C 311 10.69 -29.48 -4.62
CA ALA C 311 11.07 -30.83 -5.01
C ALA C 311 11.99 -30.80 -6.21
N THR C 312 13.09 -31.55 -6.12
CA THR C 312 14.07 -31.65 -7.20
C THR C 312 14.30 -33.09 -7.60
N GLY C 313 13.38 -33.99 -7.23
CA GLY C 313 13.48 -35.38 -7.62
C GLY C 313 12.10 -36.02 -7.62
N MET C 314 12.08 -37.27 -8.03
CA MET C 314 10.84 -38.01 -8.12
C MET C 314 10.36 -38.43 -6.73
N ARG C 315 9.15 -38.98 -6.69
CA ARG C 315 8.62 -39.58 -5.48
C ARG C 315 9.56 -40.66 -4.98
N ASN C 316 9.83 -40.66 -3.68
CA ASN C 316 10.75 -41.63 -3.06
C ASN C 316 9.94 -42.79 -2.50
N VAL C 317 10.08 -43.96 -3.11
CA VAL C 317 9.37 -45.16 -2.66
C VAL C 317 10.40 -46.24 -2.35
N PRO C 318 10.96 -46.28 -1.13
CA PRO C 318 11.99 -47.27 -0.79
C PRO C 318 11.47 -48.69 -0.72
N GLY D 1 0.89 -40.60 -8.60
CA GLY D 1 0.95 -39.64 -9.69
C GLY D 1 -0.18 -39.80 -10.67
N LEU D 2 -0.28 -38.90 -11.64
CA LEU D 2 -1.34 -38.98 -12.62
C LEU D 2 -1.18 -40.15 -13.57
N PHE D 3 0.01 -40.74 -13.66
CA PHE D 3 0.28 -41.74 -14.68
C PHE D 3 0.41 -43.16 -14.14
N GLY D 4 0.46 -43.33 -12.82
CA GLY D 4 0.30 -44.65 -12.24
C GLY D 4 1.53 -45.54 -12.26
N ALA D 5 2.70 -45.03 -12.63
CA ALA D 5 3.91 -45.84 -12.64
C ALA D 5 4.63 -45.78 -11.30
N ILE D 6 5.23 -44.63 -10.98
CA ILE D 6 5.94 -44.47 -9.73
C ILE D 6 4.94 -44.45 -8.59
N ALA D 7 5.21 -45.25 -7.55
CA ALA D 7 4.26 -45.50 -6.47
C ALA D 7 2.92 -45.97 -7.05
N GLY D 8 3.00 -46.76 -8.11
CA GLY D 8 1.83 -47.27 -8.80
C GLY D 8 2.00 -48.72 -9.19
N PHE D 9 1.94 -49.03 -10.49
CA PHE D 9 2.12 -50.42 -10.87
C PHE D 9 3.57 -50.88 -10.74
N ILE D 10 4.52 -49.96 -10.59
CA ILE D 10 5.86 -50.29 -10.15
C ILE D 10 5.90 -50.16 -8.64
N GLU D 11 6.16 -51.28 -7.95
CA GLU D 11 5.88 -51.34 -6.52
C GLU D 11 6.77 -50.41 -5.71
N ASN D 12 8.06 -50.34 -6.04
CA ASN D 12 8.96 -49.47 -5.30
C ASN D 12 10.19 -49.16 -6.16
N GLY D 13 11.05 -48.28 -5.62
CA GLY D 13 12.26 -47.89 -6.30
C GLY D 13 13.45 -48.77 -5.93
N TRP D 14 14.55 -48.56 -6.65
CA TRP D 14 15.77 -49.34 -6.50
C TRP D 14 16.84 -48.46 -5.85
N GLU D 15 17.11 -48.69 -4.58
CA GLU D 15 18.20 -47.98 -3.92
C GLU D 15 19.56 -48.36 -4.50
N GLY D 16 19.67 -49.56 -5.08
CA GLY D 16 20.92 -50.02 -5.66
C GLY D 16 21.28 -49.38 -6.99
N MET D 17 20.35 -48.67 -7.62
CA MET D 17 20.60 -48.00 -8.88
C MET D 17 21.12 -46.60 -8.58
N ILE D 18 22.44 -46.42 -8.72
CA ILE D 18 23.11 -45.19 -8.32
C ILE D 18 23.68 -44.43 -9.51
N ASP D 19 23.42 -44.90 -10.74
CA ASP D 19 23.97 -44.27 -11.93
C ASP D 19 22.89 -43.74 -12.86
N GLY D 20 21.66 -43.62 -12.39
CA GLY D 20 20.60 -43.08 -13.22
C GLY D 20 19.31 -43.05 -12.43
N TRP D 21 18.32 -42.36 -13.00
CA TRP D 21 17.01 -42.25 -12.37
C TRP D 21 16.05 -43.36 -12.80
N TYR D 22 16.19 -43.86 -14.02
CA TYR D 22 15.38 -44.96 -14.52
C TYR D 22 16.30 -45.98 -15.18
N GLY D 23 15.86 -47.24 -15.17
CA GLY D 23 16.71 -48.27 -15.73
C GLY D 23 16.02 -49.61 -15.80
N PHE D 24 16.80 -50.62 -16.19
CA PHE D 24 16.32 -51.97 -16.43
C PHE D 24 16.98 -52.96 -15.48
N ARG D 25 16.20 -53.92 -15.00
CA ARG D 25 16.74 -55.13 -14.38
C ARG D 25 16.25 -56.31 -15.20
N HIS D 26 17.15 -57.27 -15.46
CA HIS D 26 16.81 -58.39 -16.31
C HIS D 26 17.28 -59.69 -15.68
N GLN D 27 16.64 -60.77 -16.11
CA GLN D 27 17.09 -62.13 -15.80
C GLN D 27 16.97 -62.95 -17.06
N ASN D 28 18.06 -63.55 -17.48
CA ASN D 28 18.08 -64.36 -18.71
C ASN D 28 18.93 -65.59 -18.45
N SER D 29 19.41 -66.21 -19.53
CA SER D 29 20.17 -67.45 -19.41
C SER D 29 21.53 -67.22 -18.75
N GLU D 30 22.11 -66.04 -18.91
CA GLU D 30 23.44 -65.75 -18.37
C GLU D 30 23.41 -65.19 -16.96
N GLY D 31 22.24 -64.97 -16.37
CA GLY D 31 22.16 -64.46 -15.02
C GLY D 31 21.31 -63.22 -14.92
N THR D 32 21.60 -62.36 -13.95
CA THR D 32 20.87 -61.12 -13.75
C THR D 32 21.79 -59.92 -13.92
N GLY D 33 21.19 -58.76 -14.13
CA GLY D 33 21.97 -57.55 -14.32
C GLY D 33 21.10 -56.31 -14.16
N GLN D 34 21.76 -55.16 -14.16
CA GLN D 34 21.10 -53.89 -13.96
C GLN D 34 21.85 -52.82 -14.75
N ALA D 35 21.09 -51.92 -15.38
CA ALA D 35 21.68 -50.84 -16.16
C ALA D 35 20.71 -49.66 -16.15
N ALA D 36 21.26 -48.47 -15.94
CA ALA D 36 20.46 -47.26 -16.00
C ALA D 36 20.20 -46.84 -17.44
N ASP D 37 19.05 -46.20 -17.65
CA ASP D 37 18.70 -45.65 -18.95
C ASP D 37 19.05 -44.16 -18.95
N LEU D 38 19.86 -43.75 -19.93
CA LEU D 38 20.42 -42.40 -19.92
C LEU D 38 19.41 -41.36 -20.40
N LYS D 39 18.71 -41.64 -21.51
CA LYS D 39 17.83 -40.62 -22.10
C LYS D 39 16.72 -40.22 -21.15
N SER D 40 16.04 -41.20 -20.55
CA SER D 40 14.92 -40.88 -19.68
C SER D 40 15.39 -40.19 -18.41
N THR D 41 16.55 -40.60 -17.89
CA THR D 41 17.13 -39.92 -16.74
C THR D 41 17.46 -38.46 -17.09
N GLN D 42 18.07 -38.25 -18.25
CA GLN D 42 18.46 -36.90 -18.63
C GLN D 42 17.26 -36.02 -18.96
N ALA D 43 16.18 -36.61 -19.48
CA ALA D 43 14.98 -35.83 -19.79
C ALA D 43 14.32 -35.32 -18.52
N ALA D 44 14.25 -36.14 -17.48
CA ALA D 44 13.72 -35.70 -16.21
C ALA D 44 14.63 -34.68 -15.54
N ILE D 45 15.95 -34.89 -15.62
CA ILE D 45 16.89 -33.97 -14.99
C ILE D 45 16.86 -32.62 -15.69
N ASP D 46 16.73 -32.61 -17.02
CA ASP D 46 16.70 -31.34 -17.75
C ASP D 46 15.46 -30.53 -17.39
N GLN D 47 14.31 -31.19 -17.24
CA GLN D 47 13.09 -30.46 -16.91
C GLN D 47 13.15 -29.87 -15.51
N ILE D 48 13.70 -30.62 -14.55
CA ILE D 48 13.77 -30.15 -13.18
C ILE D 48 14.81 -29.03 -13.06
N ASN D 49 15.95 -29.17 -13.75
CA ASN D 49 16.94 -28.08 -13.74
C ASN D 49 16.37 -26.82 -14.38
N GLY D 50 15.65 -26.96 -15.49
CA GLY D 50 15.04 -25.80 -16.11
C GLY D 50 14.02 -25.13 -15.21
N LYS D 51 13.19 -25.94 -14.54
CA LYS D 51 12.25 -25.41 -13.57
C LYS D 51 12.97 -24.78 -12.38
N LEU D 52 14.03 -25.42 -11.89
CA LEU D 52 14.75 -24.90 -10.73
C LEU D 52 15.44 -23.58 -11.05
N ASN D 53 16.10 -23.50 -12.20
CA ASN D 53 16.78 -22.27 -12.59
C ASN D 53 15.78 -21.14 -12.80
N ARG D 54 14.56 -21.47 -13.23
CA ARG D 54 13.55 -20.45 -13.41
C ARG D 54 13.10 -19.86 -12.08
N VAL D 55 13.04 -20.69 -11.03
CA VAL D 55 12.54 -20.24 -9.74
C VAL D 55 13.59 -19.41 -8.99
N ILE D 56 14.85 -19.82 -9.05
CA ILE D 56 15.89 -19.18 -8.23
C ILE D 56 16.57 -18.07 -9.02
N GLU D 57 15.96 -17.67 -10.13
CA GLU D 57 16.50 -16.58 -10.94
C GLU D 57 16.43 -15.27 -10.16
N LYS D 58 17.59 -14.65 -9.93
CA LYS D 58 17.67 -13.41 -9.17
C LYS D 58 16.97 -12.28 -9.94
N THR D 59 15.85 -11.79 -9.40
CA THR D 59 15.05 -10.80 -10.12
C THR D 59 14.58 -9.64 -9.25
N ASN D 60 15.12 -9.46 -8.05
CA ASN D 60 14.63 -8.44 -7.12
C ASN D 60 15.80 -7.63 -6.60
N GLU D 61 15.80 -6.33 -6.90
CA GLU D 61 16.80 -5.40 -6.39
C GLU D 61 16.11 -4.10 -6.03
N LYS D 62 16.05 -3.79 -4.73
CA LYS D 62 15.42 -2.59 -4.23
C LYS D 62 16.40 -1.77 -3.40
N PHE D 63 16.19 -0.46 -3.38
CA PHE D 63 17.09 0.42 -2.65
C PHE D 63 16.35 1.22 -1.59
N HIS D 64 16.14 2.51 -1.80
CA HIS D 64 15.44 3.29 -0.79
C HIS D 64 13.95 2.99 -0.86
N GLN D 65 13.38 2.58 0.28
CA GLN D 65 11.99 2.20 0.35
C GLN D 65 11.28 3.02 1.42
N ILE D 66 10.26 2.45 2.05
CA ILE D 66 9.56 3.10 3.15
C ILE D 66 10.10 2.54 4.45
N GLU D 67 9.90 3.30 5.53
CA GLU D 67 10.20 2.78 6.86
C GLU D 67 9.17 1.72 7.23
N LYS D 68 9.60 0.77 8.04
CA LYS D 68 8.75 -0.36 8.41
C LYS D 68 8.74 -0.66 9.90
N GLU D 69 9.58 -0.01 10.70
CA GLU D 69 9.51 -0.03 12.15
C GLU D 69 9.39 1.38 12.67
N PHE D 70 8.66 1.55 13.77
CA PHE D 70 8.35 2.88 14.27
C PHE D 70 8.49 2.91 15.79
N SER D 71 9.08 3.99 16.30
CA SER D 71 9.31 4.15 17.72
C SER D 71 8.27 5.03 18.41
N GLU D 72 7.41 5.71 17.67
CA GLU D 72 6.38 6.56 18.25
C GLU D 72 5.04 6.28 17.59
N VAL D 73 3.97 6.53 18.34
CA VAL D 73 2.61 6.42 17.82
C VAL D 73 2.30 7.70 17.03
N GLU D 74 1.83 7.53 15.80
CA GLU D 74 1.59 8.69 14.94
C GLU D 74 0.17 8.70 14.39
N GLY D 75 -0.43 7.54 14.24
CA GLY D 75 -1.79 7.45 13.73
C GLY D 75 -1.83 7.22 12.22
N ARG D 76 -2.49 8.13 11.50
CA ARG D 76 -3.03 7.82 10.17
C ARG D 76 -1.96 7.38 9.19
N ILE D 77 -0.93 8.20 8.99
CA ILE D 77 0.07 7.88 7.96
C ILE D 77 0.84 6.63 8.34
N GLN D 78 1.11 6.43 9.63
CA GLN D 78 1.81 5.21 10.05
C GLN D 78 0.93 3.98 9.89
N ASP D 79 -0.38 4.12 10.15
CA ASP D 79 -1.30 3.01 9.89
C ASP D 79 -1.22 2.56 8.44
N LEU D 80 -1.15 3.51 7.51
CA LEU D 80 -1.12 3.17 6.09
C LEU D 80 0.22 2.56 5.72
N GLU D 81 1.32 3.09 6.26
CA GLU D 81 2.64 2.53 5.99
C GLU D 81 2.72 1.08 6.46
N LYS D 82 2.13 0.77 7.61
CA LYS D 82 2.13 -0.60 8.10
C LYS D 82 1.19 -1.47 7.27
N TYR D 83 0.03 -0.94 6.91
CA TYR D 83 -0.94 -1.70 6.12
C TYR D 83 -0.38 -2.04 4.74
N VAL D 84 0.34 -1.10 4.13
CA VAL D 84 0.93 -1.34 2.81
C VAL D 84 1.95 -2.47 2.89
N GLU D 85 2.81 -2.46 3.91
CA GLU D 85 3.83 -3.51 4.01
C GLU D 85 3.21 -4.84 4.41
N ASP D 86 2.21 -4.82 5.29
CA ASP D 86 1.53 -6.06 5.65
C ASP D 86 0.80 -6.67 4.46
N THR D 87 0.18 -5.84 3.63
CA THR D 87 -0.50 -6.33 2.44
C THR D 87 0.47 -6.97 1.47
N LYS D 88 1.63 -6.33 1.26
CA LYS D 88 2.64 -6.86 0.37
C LYS D 88 3.14 -8.22 0.83
N ILE D 89 3.49 -8.33 2.11
CA ILE D 89 4.06 -9.57 2.65
C ILE D 89 3.08 -10.73 2.49
N ASP D 90 1.79 -10.49 2.74
CA ASP D 90 0.80 -11.56 2.62
C ASP D 90 0.64 -12.02 1.19
N LEU D 91 0.71 -11.09 0.23
CA LEU D 91 0.55 -11.45 -1.18
C LEU D 91 1.76 -12.23 -1.68
N TRP D 92 2.96 -11.87 -1.25
CA TRP D 92 4.15 -12.61 -1.65
C TRP D 92 4.23 -13.95 -0.94
N SER D 93 3.82 -14.00 0.34
CA SER D 93 3.78 -15.27 1.05
C SER D 93 2.81 -16.23 0.37
N TYR D 94 1.69 -15.72 -0.11
CA TYR D 94 0.76 -16.55 -0.86
C TYR D 94 1.40 -17.04 -2.16
N ASN D 95 2.06 -16.13 -2.89
CA ASN D 95 2.72 -16.51 -4.13
C ASN D 95 3.74 -17.62 -3.90
N ALA D 96 4.55 -17.49 -2.85
CA ALA D 96 5.59 -18.47 -2.58
C ALA D 96 5.00 -19.81 -2.21
N GLU D 97 3.91 -19.82 -1.43
CA GLU D 97 3.28 -21.07 -1.03
C GLU D 97 2.66 -21.77 -2.22
N LEU D 98 1.94 -21.02 -3.06
CA LEU D 98 1.29 -21.61 -4.23
C LEU D 98 2.33 -22.11 -5.24
N LEU D 99 3.41 -21.35 -5.41
CA LEU D 99 4.43 -21.73 -6.39
C LEU D 99 5.03 -23.10 -6.07
N VAL D 100 5.44 -23.31 -4.82
CA VAL D 100 6.08 -24.58 -4.49
C VAL D 100 5.07 -25.72 -4.55
N ALA D 101 3.81 -25.46 -4.23
CA ALA D 101 2.80 -26.51 -4.29
C ALA D 101 2.52 -26.93 -5.73
N LEU D 102 2.41 -25.96 -6.64
CA LEU D 102 2.20 -26.27 -8.05
C LEU D 102 3.44 -26.95 -8.64
N GLU D 103 4.62 -26.39 -8.37
CA GLU D 103 5.85 -26.95 -8.93
C GLU D 103 6.07 -28.38 -8.45
N ASN D 104 5.82 -28.65 -7.16
CA ASN D 104 6.07 -29.98 -6.63
C ASN D 104 5.06 -30.98 -7.18
N GLN D 105 3.80 -30.59 -7.29
CA GLN D 105 2.81 -31.47 -7.90
C GLN D 105 3.20 -31.81 -9.34
N HIS D 106 3.74 -30.84 -10.07
CA HIS D 106 4.13 -31.06 -11.45
C HIS D 106 5.41 -31.88 -11.55
N THR D 107 6.36 -31.65 -10.63
CA THR D 107 7.59 -32.43 -10.62
C THR D 107 7.31 -33.91 -10.34
N ILE D 108 6.42 -34.19 -9.40
CA ILE D 108 6.04 -35.58 -9.14
C ILE D 108 5.35 -36.19 -10.35
N ASP D 109 4.54 -35.40 -11.05
CA ASP D 109 3.83 -35.94 -12.21
C ASP D 109 4.74 -36.12 -13.41
N LEU D 110 5.69 -35.21 -13.63
CA LEU D 110 6.56 -35.35 -14.79
C LEU D 110 7.53 -36.51 -14.63
N THR D 111 7.99 -36.77 -13.41
CA THR D 111 8.87 -37.92 -13.20
C THR D 111 8.09 -39.24 -13.28
N ASP D 112 6.84 -39.24 -12.82
CA ASP D 112 5.96 -40.38 -13.07
C ASP D 112 5.77 -40.61 -14.57
N SER D 113 5.58 -39.51 -15.31
CA SER D 113 5.38 -39.61 -16.76
C SER D 113 6.61 -40.19 -17.46
N GLU D 114 7.81 -39.80 -17.04
CA GLU D 114 9.02 -40.31 -17.67
C GLU D 114 9.16 -41.80 -17.46
N MET D 115 8.78 -42.30 -16.28
CA MET D 115 8.79 -43.73 -16.05
C MET D 115 7.80 -44.44 -16.97
N ASN D 116 6.60 -43.88 -17.09
CA ASN D 116 5.57 -44.50 -17.92
C ASN D 116 5.96 -44.46 -19.40
N LYS D 117 6.60 -43.38 -19.84
CA LYS D 117 7.03 -43.30 -21.23
C LYS D 117 8.08 -44.36 -21.55
N LEU D 118 9.04 -44.55 -20.65
CA LEU D 118 10.07 -45.56 -20.87
C LEU D 118 9.46 -46.95 -20.90
N PHE D 119 8.45 -47.20 -20.07
CA PHE D 119 7.77 -48.50 -20.08
C PHE D 119 7.03 -48.71 -21.40
N GLU D 120 6.27 -47.71 -21.84
CA GLU D 120 5.54 -47.84 -23.10
C GLU D 120 6.49 -48.01 -24.28
N LYS D 121 7.62 -47.29 -24.23
CA LYS D 121 8.61 -47.39 -25.30
C LYS D 121 9.21 -48.78 -25.38
N THR D 122 9.46 -49.42 -24.23
CA THR D 122 10.07 -50.73 -24.22
C THR D 122 9.11 -51.79 -24.75
N GLY D 123 7.83 -51.73 -24.33
CA GLY D 123 6.86 -52.68 -24.82
C GLY D 123 6.61 -52.56 -26.31
N ARG D 124 6.76 -51.35 -26.87
CA ARG D 124 6.59 -51.18 -28.30
C ARG D 124 7.77 -51.75 -29.07
N GLN D 125 8.96 -51.78 -28.45
CA GLN D 125 10.10 -52.45 -29.08
C GLN D 125 9.85 -53.95 -29.21
N LEU D 126 9.33 -54.55 -28.15
CA LEU D 126 9.19 -56.00 -28.08
C LEU D 126 8.03 -56.53 -28.93
N ARG D 127 7.05 -55.69 -29.25
CA ARG D 127 5.89 -56.07 -30.04
C ARG D 127 5.23 -57.32 -29.48
N GLU D 128 5.09 -58.36 -30.30
CA GLU D 128 4.41 -59.58 -29.91
C GLU D 128 5.35 -60.60 -29.27
N ASN D 129 6.58 -60.22 -28.96
CA ASN D 129 7.55 -61.14 -28.39
C ASN D 129 7.52 -61.16 -26.87
N ALA D 130 6.70 -60.32 -26.24
CA ALA D 130 6.69 -60.22 -24.79
C ALA D 130 5.28 -59.86 -24.32
N GLU D 131 5.05 -60.05 -23.03
CA GLU D 131 3.79 -59.69 -22.40
C GLU D 131 4.03 -58.85 -21.16
N ASP D 132 3.13 -57.91 -20.92
CA ASP D 132 3.19 -57.04 -19.76
C ASP D 132 2.66 -57.78 -18.55
N MET D 133 3.52 -58.01 -17.56
CA MET D 133 3.14 -58.72 -16.35
C MET D 133 2.37 -57.85 -15.35
N GLY D 134 2.22 -56.55 -15.63
CA GLY D 134 1.44 -55.69 -14.77
C GLY D 134 2.18 -55.06 -13.62
N ASN D 135 3.45 -55.40 -13.42
CA ASN D 135 4.25 -54.82 -12.34
C ASN D 135 5.48 -54.09 -12.88
N GLY D 136 5.44 -53.64 -14.13
CA GLY D 136 6.57 -52.98 -14.74
C GLY D 136 7.55 -53.90 -15.43
N CYS D 137 7.31 -55.21 -15.42
CA CYS D 137 8.21 -56.18 -16.01
C CYS D 137 7.58 -56.79 -17.26
N PHE D 138 8.43 -57.11 -18.24
CA PHE D 138 8.02 -57.84 -19.43
C PHE D 138 8.57 -59.26 -19.36
N LYS D 139 7.70 -60.23 -19.58
CA LYS D 139 8.11 -61.62 -19.79
C LYS D 139 8.43 -61.80 -21.27
N ILE D 140 9.68 -62.12 -21.58
CA ILE D 140 10.14 -62.26 -22.96
C ILE D 140 10.16 -63.74 -23.32
N TYR D 141 9.45 -64.11 -24.38
CA TYR D 141 9.19 -65.51 -24.72
C TYR D 141 10.20 -66.08 -25.71
N HIS D 142 11.48 -65.72 -25.61
CA HIS D 142 12.50 -66.33 -26.43
C HIS D 142 13.83 -66.23 -25.69
N LYS D 143 14.83 -66.97 -26.18
CA LYS D 143 16.16 -66.87 -25.61
C LYS D 143 16.77 -65.51 -25.92
N CYS D 144 17.22 -64.82 -24.88
CA CYS D 144 17.68 -63.43 -25.00
C CYS D 144 18.91 -63.27 -24.10
N ASP D 145 20.08 -63.53 -24.65
CA ASP D 145 21.32 -63.44 -23.89
C ASP D 145 21.66 -61.98 -23.61
N ASN D 146 22.84 -61.75 -23.05
CA ASN D 146 23.24 -60.39 -22.67
C ASN D 146 23.26 -59.45 -23.87
N ALA D 147 23.80 -59.92 -25.00
CA ALA D 147 23.79 -59.08 -26.20
C ALA D 147 22.37 -58.75 -26.64
N CYS D 148 21.44 -59.67 -26.42
CA CYS D 148 20.04 -59.42 -26.77
C CYS D 148 19.40 -58.41 -25.83
N ILE D 149 19.66 -58.53 -24.53
CA ILE D 149 19.17 -57.54 -23.57
C ILE D 149 19.74 -56.17 -23.88
N GLU D 150 21.03 -56.11 -24.22
CA GLU D 150 21.64 -54.82 -24.55
C GLU D 150 20.98 -54.20 -25.78
N SER D 151 20.62 -55.02 -26.77
CA SER D 151 19.98 -54.48 -27.96
C SER D 151 18.64 -53.84 -27.63
N ILE D 152 17.96 -54.31 -26.58
CA ILE D 152 16.73 -53.66 -26.14
C ILE D 152 17.06 -52.32 -25.48
N ARG D 153 18.11 -52.28 -24.66
CA ARG D 153 18.42 -51.07 -23.90
C ARG D 153 19.01 -49.97 -24.78
N ASN D 154 19.66 -50.32 -25.90
CA ASN D 154 20.19 -49.32 -26.81
C ASN D 154 19.35 -49.16 -28.06
N GLY D 155 18.16 -49.75 -28.10
CA GLY D 155 17.18 -49.44 -29.12
C GLY D 155 17.41 -50.04 -30.49
N THR D 156 18.13 -51.16 -30.59
CA THR D 156 18.38 -51.81 -31.86
C THR D 156 17.70 -53.17 -31.97
N TYR D 157 16.93 -53.57 -30.96
CA TYR D 157 16.24 -54.86 -30.95
C TYR D 157 15.31 -54.99 -32.16
N ASP D 158 15.58 -55.98 -33.00
CA ASP D 158 14.76 -56.27 -34.17
C ASP D 158 13.80 -57.39 -33.80
N HIS D 159 12.51 -57.05 -33.65
CA HIS D 159 11.53 -58.02 -33.18
C HIS D 159 11.29 -59.15 -34.17
N ASP D 160 11.46 -58.89 -35.46
CA ASP D 160 11.21 -59.93 -36.46
C ASP D 160 12.19 -61.08 -36.35
N VAL D 161 13.37 -60.85 -35.78
CA VAL D 161 14.36 -61.92 -35.64
C VAL D 161 13.87 -63.01 -34.71
N TYR D 162 13.12 -62.64 -33.68
CA TYR D 162 12.66 -63.58 -32.66
C TYR D 162 11.17 -63.88 -32.71
N ARG D 163 10.42 -63.27 -33.65
CA ARG D 163 8.96 -63.33 -33.61
C ARG D 163 8.46 -64.76 -33.71
N ASP D 164 9.00 -65.56 -34.62
CA ASP D 164 8.55 -66.94 -34.79
C ASP D 164 8.79 -67.74 -33.52
N GLU D 165 9.98 -67.62 -32.94
CA GLU D 165 10.27 -68.29 -31.68
C GLU D 165 9.36 -67.82 -30.57
N ALA D 166 9.10 -66.51 -30.50
CA ALA D 166 8.32 -65.96 -29.39
C ALA D 166 6.85 -66.33 -29.48
N LEU D 167 6.27 -66.26 -30.68
CA LEU D 167 4.86 -66.61 -30.85
C LEU D 167 4.61 -68.07 -30.50
N ASN D 168 5.56 -68.96 -30.78
CA ASN D 168 5.39 -70.37 -30.47
C ASN D 168 5.33 -70.60 -28.96
N ASN D 169 6.24 -69.97 -28.22
CA ASN D 169 6.23 -70.12 -26.77
C ASN D 169 5.00 -69.47 -26.15
N ARG D 170 4.54 -68.36 -26.73
CA ARG D 170 3.46 -67.60 -26.11
C ARG D 170 2.12 -68.32 -26.22
N PHE D 171 1.81 -68.89 -27.38
CA PHE D 171 0.48 -69.42 -27.65
C PHE D 171 0.43 -70.94 -27.75
N GLN D 172 1.51 -71.63 -27.42
CA GLN D 172 1.52 -73.09 -27.37
C GLN D 172 2.82 -73.59 -26.73
N PRO E 3 -0.87 -58.04 -49.63
CA PRO E 3 -0.32 -57.76 -48.30
C PRO E 3 -1.38 -57.17 -47.38
N GLY E 4 -1.08 -56.03 -46.75
CA GLY E 4 -1.98 -55.38 -45.84
C GLY E 4 -2.04 -53.89 -46.12
N ALA E 5 -2.06 -53.11 -45.04
CA ALA E 5 -2.11 -51.66 -45.15
C ALA E 5 -1.37 -51.06 -43.97
N THR E 6 -1.04 -49.77 -44.07
CA THR E 6 -0.37 -49.03 -43.02
C THR E 6 -1.16 -47.77 -42.72
N LEU E 7 -1.45 -47.52 -41.45
CA LEU E 7 -2.18 -46.34 -41.02
C LEU E 7 -1.33 -45.59 -39.99
N CYS E 8 -0.98 -44.35 -40.31
CA CYS E 8 -0.13 -43.54 -39.46
C CYS E 8 -0.92 -42.38 -38.88
N LEU E 9 -0.82 -42.20 -37.57
CA LEU E 9 -1.38 -41.04 -36.89
C LEU E 9 -0.33 -39.94 -36.85
N GLY E 10 -0.79 -38.69 -36.96
CA GLY E 10 0.16 -37.59 -36.96
C GLY E 10 -0.50 -36.27 -36.64
N HIS E 11 0.32 -35.23 -36.64
CA HIS E 11 -0.11 -33.89 -36.29
C HIS E 11 0.60 -32.90 -37.22
N HIS E 12 0.03 -31.71 -37.33
CA HIS E 12 0.58 -30.77 -38.29
C HIS E 12 1.81 -30.07 -37.74
N ALA E 13 2.47 -29.32 -38.61
CA ALA E 13 3.61 -28.50 -38.25
C ALA E 13 3.69 -27.36 -39.25
N VAL E 14 4.41 -26.32 -38.86
CA VAL E 14 4.59 -25.15 -39.72
C VAL E 14 6.08 -24.97 -39.94
N PRO E 15 6.48 -24.30 -41.03
CA PRO E 15 7.91 -24.01 -41.22
C PRO E 15 8.42 -22.88 -40.35
N ASN E 16 7.54 -22.01 -39.85
CA ASN E 16 7.92 -20.82 -39.09
C ASN E 16 7.28 -20.87 -37.70
N GLY E 17 7.97 -21.50 -36.75
CA GLY E 17 7.47 -21.59 -35.40
C GLY E 17 7.67 -20.31 -34.60
N THR E 18 7.21 -20.35 -33.35
CA THR E 18 7.36 -19.24 -32.42
C THR E 18 7.87 -19.79 -31.09
N LEU E 19 8.78 -19.06 -30.46
CA LEU E 19 9.35 -19.46 -29.19
C LEU E 19 8.54 -18.89 -28.04
N VAL E 20 8.25 -19.74 -27.04
CA VAL E 20 7.49 -19.34 -25.87
C VAL E 20 8.17 -19.87 -24.61
N LYS E 21 7.76 -19.31 -23.47
CA LYS E 21 8.24 -19.73 -22.17
C LYS E 21 7.26 -20.71 -21.52
N THR E 22 7.79 -21.72 -20.83
CA THR E 22 6.96 -22.62 -20.05
C THR E 22 7.49 -22.74 -18.63
N ILE E 23 6.92 -23.66 -17.85
CA ILE E 23 7.39 -23.89 -16.49
C ILE E 23 8.80 -24.46 -16.51
N THR E 24 9.10 -25.33 -17.46
CA THR E 24 10.39 -26.01 -17.50
C THR E 24 11.35 -25.44 -18.54
N ASP E 25 10.86 -24.92 -19.66
CA ASP E 25 11.72 -24.44 -20.73
C ASP E 25 11.64 -22.92 -20.84
N ASP E 26 12.80 -22.29 -21.00
CA ASP E 26 12.84 -20.86 -21.21
C ASP E 26 12.46 -20.48 -22.63
N GLN E 27 12.77 -21.33 -23.61
CA GLN E 27 12.38 -21.12 -25.00
C GLN E 27 12.05 -22.46 -25.61
N ILE E 28 10.83 -22.61 -26.12
CA ILE E 28 10.41 -23.84 -26.78
C ILE E 28 9.48 -23.46 -27.93
N GLU E 29 9.61 -24.16 -29.05
CA GLU E 29 8.96 -23.76 -30.29
C GLU E 29 7.59 -24.40 -30.41
N VAL E 30 6.57 -23.55 -30.61
CA VAL E 30 5.20 -23.99 -30.85
C VAL E 30 4.78 -23.47 -32.22
N THR E 31 3.61 -23.94 -32.67
CA THR E 31 3.15 -23.55 -34.00
C THR E 31 2.62 -22.13 -34.02
N ASN E 32 2.13 -21.62 -32.90
CA ASN E 32 1.51 -20.31 -32.89
C ASN E 32 1.51 -19.75 -31.47
N ALA E 33 1.44 -18.43 -31.39
CA ALA E 33 1.39 -17.72 -30.12
C ALA E 33 0.73 -16.37 -30.35
N THR E 34 0.24 -15.78 -29.27
CA THR E 34 -0.30 -14.42 -29.31
C THR E 34 0.39 -13.58 -28.25
N GLU E 35 0.70 -12.33 -28.62
CA GLU E 35 1.35 -11.41 -27.71
C GLU E 35 0.34 -10.91 -26.68
N LEU E 36 0.76 -10.88 -25.40
CA LEU E 36 -0.11 -10.45 -24.32
C LEU E 36 0.22 -9.07 -23.77
N VAL E 37 1.31 -8.45 -24.21
CA VAL E 37 1.76 -7.18 -23.65
C VAL E 37 1.68 -6.12 -24.74
N GLN E 38 0.81 -5.13 -24.54
CA GLN E 38 0.76 -3.98 -25.43
C GLN E 38 1.98 -3.10 -25.19
N SER E 39 2.86 -3.00 -26.18
CA SER E 39 4.13 -2.30 -26.02
C SER E 39 4.31 -1.14 -26.99
N SER E 40 3.27 -0.72 -27.69
CA SER E 40 3.39 0.38 -28.63
C SER E 40 2.16 1.27 -28.54
N SER E 41 2.31 2.50 -29.02
CA SER E 41 1.22 3.46 -29.07
C SER E 41 1.31 4.23 -30.37
N THR E 42 0.19 4.88 -30.74
CA THR E 42 0.20 5.79 -31.86
C THR E 42 0.83 7.13 -31.52
N GLY E 43 1.10 7.39 -30.24
CA GLY E 43 1.61 8.67 -29.81
C GLY E 43 0.57 9.75 -29.66
N LYS E 44 -0.70 9.46 -29.96
CA LYS E 44 -1.76 10.45 -29.96
C LYS E 44 -2.88 10.03 -29.02
N ILE E 45 -3.52 11.03 -28.40
CA ILE E 45 -4.64 10.81 -27.50
C ILE E 45 -5.92 10.89 -28.31
N CYS E 46 -6.69 9.80 -28.35
CA CYS E 46 -7.96 9.80 -29.06
C CYS E 46 -9.00 10.60 -28.29
N ASN E 47 -9.86 11.30 -29.03
CA ASN E 47 -10.86 12.18 -28.44
C ASN E 47 -12.20 11.48 -28.19
N ASN E 48 -12.27 10.17 -28.41
CA ASN E 48 -13.47 9.40 -28.11
C ASN E 48 -13.07 8.09 -27.45
N PRO E 49 -13.87 7.63 -26.48
CA PRO E 49 -15.15 8.20 -26.04
C PRO E 49 -15.06 9.10 -24.81
N HIS E 50 -13.86 9.32 -24.27
CA HIS E 50 -13.71 10.17 -23.10
C HIS E 50 -13.64 11.63 -23.52
N ARG E 51 -14.41 12.47 -22.83
CA ARG E 51 -14.34 13.91 -23.07
C ARG E 51 -12.98 14.43 -22.60
N ILE E 52 -12.14 14.80 -23.57
CA ILE E 52 -10.80 15.31 -23.28
C ILE E 52 -10.86 16.83 -23.26
N LEU E 53 -10.12 17.44 -22.34
CA LEU E 53 -10.01 18.89 -22.26
C LEU E 53 -8.54 19.27 -22.22
N ASP E 54 -8.05 19.87 -23.30
CA ASP E 54 -6.64 20.25 -23.40
C ASP E 54 -6.43 21.57 -22.65
N GLY E 55 -5.54 21.55 -21.65
CA GLY E 55 -5.23 22.77 -20.93
C GLY E 55 -4.41 23.75 -21.73
N ILE E 56 -3.71 23.29 -22.77
CA ILE E 56 -2.84 24.10 -23.60
C ILE E 56 -1.86 24.86 -22.70
N ASP E 57 -2.15 26.14 -22.43
CA ASP E 57 -1.26 26.98 -21.65
C ASP E 57 -1.65 27.07 -20.17
N CYS E 58 -2.68 26.34 -19.75
CA CYS E 58 -3.29 26.53 -18.44
C CYS E 58 -3.25 25.25 -17.63
N THR E 59 -2.80 25.36 -16.38
CA THR E 59 -3.01 24.29 -15.42
C THR E 59 -4.46 24.30 -14.94
N LEU E 60 -4.88 23.17 -14.37
CA LEU E 60 -6.24 23.10 -13.86
C LEU E 60 -6.48 24.12 -12.75
N ILE E 61 -5.48 24.34 -11.90
CA ILE E 61 -5.62 25.32 -10.83
C ILE E 61 -5.73 26.73 -11.40
N ASP E 62 -4.93 27.04 -12.42
CA ASP E 62 -5.01 28.37 -13.04
C ASP E 62 -6.37 28.60 -13.68
N ALA E 63 -6.95 27.56 -14.28
CA ALA E 63 -8.31 27.70 -14.80
C ALA E 63 -9.33 27.78 -13.68
N LEU E 64 -9.08 27.07 -12.57
CA LEU E 64 -9.96 27.17 -11.40
C LEU E 64 -10.00 28.59 -10.87
N LEU E 65 -8.83 29.15 -10.53
CA LEU E 65 -8.77 30.48 -9.93
C LEU E 65 -9.28 31.55 -10.88
N GLY E 66 -9.00 31.40 -12.17
CA GLY E 66 -9.46 32.36 -13.15
C GLY E 66 -8.36 33.27 -13.66
N ASP E 67 -7.17 32.71 -13.87
CA ASP E 67 -6.11 33.43 -14.56
C ASP E 67 -6.64 33.94 -15.91
N PRO E 68 -6.48 35.23 -16.22
CA PRO E 68 -7.12 35.78 -17.43
C PRO E 68 -6.87 35.01 -18.72
N HIS E 69 -5.64 34.54 -18.95
CA HIS E 69 -5.45 33.75 -20.17
C HIS E 69 -6.07 32.36 -20.07
N CYS E 70 -6.72 32.03 -18.95
CA CYS E 70 -7.45 30.79 -18.78
C CYS E 70 -8.95 31.00 -18.74
N ASP E 71 -9.42 32.16 -19.22
CA ASP E 71 -10.86 32.46 -19.16
C ASP E 71 -11.68 31.50 -20.00
N VAL E 72 -11.09 30.94 -21.06
CA VAL E 72 -11.85 30.08 -21.96
C VAL E 72 -12.36 28.83 -21.25
N PHE E 73 -11.77 28.46 -20.12
CA PHE E 73 -12.13 27.25 -19.40
C PHE E 73 -13.26 27.46 -18.39
N GLN E 74 -13.90 28.63 -18.39
CA GLN E 74 -14.94 28.89 -17.40
C GLN E 74 -16.13 27.95 -17.61
N ASN E 75 -16.59 27.34 -16.51
CA ASN E 75 -17.72 26.41 -16.51
C ASN E 75 -17.45 25.19 -17.40
N GLU E 76 -16.19 24.83 -17.57
CA GLU E 76 -15.88 23.67 -18.40
C GLU E 76 -16.01 22.38 -17.61
N THR E 77 -16.20 21.28 -18.34
CA THR E 77 -16.25 19.94 -17.78
C THR E 77 -15.33 19.05 -18.58
N TRP E 78 -15.04 17.87 -18.03
CA TRP E 78 -14.09 16.96 -18.65
C TRP E 78 -14.24 15.57 -18.04
N ASP E 79 -13.89 14.56 -18.83
CA ASP E 79 -13.54 13.26 -18.27
C ASP E 79 -12.06 13.20 -17.94
N LEU E 80 -11.22 13.76 -18.80
CA LEU E 80 -9.78 13.77 -18.60
C LEU E 80 -9.25 15.16 -18.92
N PHE E 81 -8.68 15.82 -17.90
CA PHE E 81 -7.99 17.09 -18.10
C PHE E 81 -6.52 16.80 -18.40
N VAL E 82 -6.01 17.40 -19.46
CA VAL E 82 -4.63 17.15 -19.91
C VAL E 82 -3.82 18.41 -19.65
N GLU E 83 -2.82 18.30 -18.78
CA GLU E 83 -1.93 19.40 -18.47
C GLU E 83 -0.67 19.29 -19.31
N ARG E 84 -0.39 20.35 -20.07
CA ARG E 84 0.81 20.41 -20.89
C ARG E 84 1.97 20.96 -20.10
N SER E 85 3.18 20.49 -20.44
CA SER E 85 4.37 20.98 -19.76
C SER E 85 4.71 22.42 -20.12
N LYS E 86 4.06 23.00 -21.12
CA LYS E 86 4.29 24.39 -21.50
C LYS E 86 3.38 25.35 -20.76
N ALA E 87 2.57 24.88 -19.83
CA ALA E 87 1.65 25.76 -19.11
C ALA E 87 2.42 26.78 -18.28
N PHE E 88 1.80 27.93 -18.08
CA PHE E 88 2.40 29.00 -17.31
C PHE E 88 1.31 29.80 -16.62
N SER E 89 1.68 30.46 -15.53
CA SER E 89 0.80 31.38 -14.85
C SER E 89 1.14 32.80 -15.27
N ASN E 90 0.12 33.65 -15.41
CA ASN E 90 0.32 35.03 -15.82
C ASN E 90 -0.63 35.94 -15.06
N CYS E 91 -0.73 35.73 -13.74
CA CYS E 91 -1.56 36.58 -12.90
C CYS E 91 -0.80 36.94 -11.63
N TYR E 92 -1.51 37.20 -10.54
CA TYR E 92 -0.85 37.57 -9.30
C TYR E 92 -0.07 36.37 -8.77
N PRO E 93 1.20 36.55 -8.38
CA PRO E 93 1.99 35.41 -7.91
C PRO E 93 1.37 34.78 -6.66
N TYR E 94 1.29 33.45 -6.66
CA TYR E 94 0.54 32.77 -5.63
C TYR E 94 1.19 31.41 -5.35
N ASP E 95 0.75 30.79 -4.25
CA ASP E 95 1.05 29.40 -3.96
C ASP E 95 -0.20 28.77 -3.35
N VAL E 96 -0.24 27.45 -3.37
CA VAL E 96 -1.36 26.71 -2.79
C VAL E 96 -0.82 25.70 -1.80
N PRO E 97 -0.91 25.95 -0.49
CA PRO E 97 -0.64 24.88 0.48
C PRO E 97 -1.59 23.72 0.22
N ASP E 98 -1.01 22.52 0.09
CA ASP E 98 -1.73 21.32 -0.33
C ASP E 98 -2.26 21.51 -1.77
N TYR E 99 -1.36 21.88 -2.67
CA TYR E 99 -1.71 22.04 -4.08
C TYR E 99 -2.15 20.72 -4.68
N ALA E 100 -1.43 19.64 -4.37
CA ALA E 100 -1.72 18.34 -4.98
C ALA E 100 -3.12 17.87 -4.62
N SER E 101 -3.58 18.17 -3.39
CA SER E 101 -4.91 17.75 -2.99
C SER E 101 -6.00 18.56 -3.68
N LEU E 102 -5.81 19.88 -3.78
CA LEU E 102 -6.80 20.70 -4.46
C LEU E 102 -6.88 20.34 -5.94
N ARG E 103 -5.72 20.16 -6.58
CA ARG E 103 -5.70 19.67 -7.95
C ARG E 103 -6.43 18.33 -8.06
N SER E 104 -6.19 17.43 -7.11
CA SER E 104 -6.80 16.10 -7.18
C SER E 104 -8.31 16.16 -7.03
N LEU E 105 -8.80 16.87 -6.01
CA LEU E 105 -10.24 16.86 -5.75
C LEU E 105 -11.02 17.59 -6.83
N VAL E 106 -10.44 18.65 -7.41
CA VAL E 106 -11.11 19.33 -8.51
C VAL E 106 -11.08 18.46 -9.76
N ALA E 107 -9.95 17.83 -10.04
CA ALA E 107 -9.87 16.92 -11.18
C ALA E 107 -10.89 15.80 -11.06
N SER E 108 -11.06 15.25 -9.85
CA SER E 108 -12.01 14.16 -9.67
C SER E 108 -13.44 14.64 -9.78
N SER E 109 -13.70 15.92 -9.48
CA SER E 109 -15.05 16.44 -9.61
C SER E 109 -15.45 16.61 -11.06
N GLY E 110 -14.50 16.93 -11.93
CA GLY E 110 -14.75 16.96 -13.36
C GLY E 110 -15.54 18.14 -13.88
N THR E 111 -15.63 19.22 -13.11
CA THR E 111 -16.39 20.38 -13.56
C THR E 111 -15.79 21.63 -12.92
N LEU E 112 -16.00 22.76 -13.58
CA LEU E 112 -15.65 24.07 -13.05
C LEU E 112 -16.86 24.97 -12.95
N GLU E 113 -18.06 24.40 -13.02
CA GLU E 113 -19.30 25.16 -12.92
C GLU E 113 -19.29 26.05 -11.69
N PHE E 114 -19.41 27.36 -11.91
CA PHE E 114 -19.27 28.36 -10.87
C PHE E 114 -20.59 29.10 -10.72
N ILE E 115 -21.03 29.30 -9.48
CA ILE E 115 -22.30 29.93 -9.17
C ILE E 115 -22.00 31.18 -8.34
N THR E 116 -22.21 32.36 -8.93
CA THR E 116 -22.00 33.59 -8.21
C THR E 116 -23.05 33.73 -7.10
N GLU E 117 -22.58 34.05 -5.89
CA GLU E 117 -23.46 34.24 -4.75
C GLU E 117 -23.35 35.68 -4.25
N GLY E 118 -24.44 36.16 -3.68
CA GLY E 118 -24.52 37.55 -3.26
C GLY E 118 -23.86 37.84 -1.93
N PHE E 119 -22.53 37.77 -1.89
CA PHE E 119 -21.81 38.17 -0.69
C PHE E 119 -21.93 39.67 -0.49
N THR E 120 -22.02 40.09 0.77
CA THR E 120 -22.10 41.50 1.14
C THR E 120 -20.82 41.87 1.88
N TRP E 121 -20.10 42.87 1.36
CA TRP E 121 -18.85 43.33 1.95
C TRP E 121 -19.01 44.82 2.28
N THR E 122 -19.58 45.10 3.44
CA THR E 122 -19.80 46.48 3.88
C THR E 122 -18.56 47.01 4.58
N GLY E 123 -18.12 48.20 4.19
CA GLY E 123 -16.99 48.84 4.82
C GLY E 123 -15.65 48.63 4.13
N VAL E 124 -15.62 47.88 3.03
CA VAL E 124 -14.39 47.66 2.27
C VAL E 124 -14.68 47.93 0.80
N THR E 125 -13.61 48.23 0.06
CA THR E 125 -13.69 48.40 -1.38
C THR E 125 -13.32 47.10 -2.07
N GLN E 126 -14.05 46.77 -3.13
CA GLN E 126 -13.97 45.47 -3.77
C GLN E 126 -13.22 45.56 -5.10
N ASN E 127 -13.00 44.38 -5.69
CA ASN E 127 -12.57 44.24 -7.08
C ASN E 127 -11.18 44.84 -7.32
N GLY E 128 -10.28 44.64 -6.37
CA GLY E 128 -8.91 45.06 -6.57
C GLY E 128 -8.25 44.27 -7.69
N GLY E 129 -7.39 44.94 -8.45
CA GLY E 129 -6.72 44.33 -9.58
C GLY E 129 -5.22 44.59 -9.53
N SER E 130 -4.55 44.10 -10.57
CA SER E 130 -3.10 44.22 -10.63
C SER E 130 -2.65 44.25 -12.09
N ASN E 131 -1.56 44.97 -12.35
CA ASN E 131 -0.93 44.93 -13.65
C ASN E 131 -0.07 43.70 -13.85
N ALA E 132 0.19 42.93 -12.78
CA ALA E 132 0.77 41.60 -12.94
C ALA E 132 -0.26 40.58 -13.43
N CYS E 133 -1.53 40.96 -13.47
CA CYS E 133 -2.62 40.07 -13.86
C CYS E 133 -3.54 40.79 -14.84
N LYS E 134 -3.01 41.12 -16.02
CA LYS E 134 -3.76 41.92 -16.97
C LYS E 134 -4.89 41.11 -17.59
N ARG E 135 -6.08 41.71 -17.63
CA ARG E 135 -7.22 41.18 -18.38
C ARG E 135 -7.57 42.21 -19.45
N GLY E 136 -7.04 42.00 -20.66
CA GLY E 136 -7.13 42.99 -21.70
C GLY E 136 -5.98 43.97 -21.61
N PRO E 137 -6.27 45.25 -21.83
CA PRO E 137 -5.20 46.26 -21.73
C PRO E 137 -4.88 46.63 -20.29
N GLY E 138 -5.90 46.66 -19.43
CA GLY E 138 -5.77 47.20 -18.10
C GLY E 138 -5.52 46.14 -17.03
N SER E 139 -5.63 46.58 -15.78
CA SER E 139 -5.39 45.71 -14.64
C SER E 139 -6.51 44.70 -14.48
N GLY E 140 -6.22 43.64 -13.74
CA GLY E 140 -7.20 42.61 -13.49
C GLY E 140 -6.79 41.73 -12.34
N PHE E 141 -7.53 40.64 -12.18
CA PHE E 141 -7.33 39.72 -11.06
C PHE E 141 -7.91 38.37 -11.47
N PHE E 142 -7.77 37.39 -10.58
CA PHE E 142 -8.43 36.12 -10.78
C PHE E 142 -9.94 36.34 -10.85
N SER E 143 -10.57 35.75 -11.86
CA SER E 143 -11.98 36.02 -12.12
C SER E 143 -12.87 35.57 -10.97
N ARG E 144 -12.43 34.59 -10.20
CA ARG E 144 -13.26 33.99 -9.16
C ARG E 144 -12.94 34.53 -7.76
N LEU E 145 -11.98 35.44 -7.63
CA LEU E 145 -11.56 35.96 -6.34
C LEU E 145 -11.78 37.47 -6.29
N ASN E 146 -12.04 37.97 -5.08
CA ASN E 146 -12.37 39.38 -4.86
C ASN E 146 -11.34 39.97 -3.90
N TRP E 147 -10.50 40.87 -4.42
CA TRP E 147 -9.47 41.52 -3.62
C TRP E 147 -10.10 42.66 -2.83
N LEU E 148 -10.19 42.51 -1.51
CA LEU E 148 -10.79 43.50 -0.65
C LEU E 148 -9.70 44.31 0.04
N THR E 149 -9.84 45.63 -0.01
CA THR E 149 -8.92 46.56 0.64
C THR E 149 -9.73 47.58 1.43
N LYS E 150 -9.03 48.52 2.07
CA LYS E 150 -9.69 49.48 2.94
C LYS E 150 -10.62 50.40 2.15
N SER E 151 -11.68 50.84 2.83
CA SER E 151 -12.64 51.80 2.27
C SER E 151 -12.59 53.05 3.12
N GLY E 152 -12.29 54.18 2.47
CA GLY E 152 -12.06 55.40 3.21
C GLY E 152 -10.78 55.31 4.02
N SER E 153 -10.91 55.26 5.35
CA SER E 153 -9.75 55.23 6.23
C SER E 153 -9.76 54.04 7.19
N THR E 154 -10.65 53.07 6.99
CA THR E 154 -10.77 51.95 7.92
C THR E 154 -11.00 50.65 7.16
N TYR E 155 -10.57 49.56 7.77
CA TYR E 155 -10.89 48.20 7.33
C TYR E 155 -11.63 47.53 8.47
N PRO E 156 -12.96 47.46 8.43
CA PRO E 156 -13.70 46.90 9.57
C PRO E 156 -13.55 45.39 9.66
N VAL E 157 -14.10 44.79 10.70
CA VAL E 157 -14.11 43.34 10.82
C VAL E 157 -15.22 42.80 9.92
N LEU E 158 -14.85 41.90 9.02
CA LEU E 158 -15.81 41.30 8.10
C LEU E 158 -16.40 40.06 8.74
N ASN E 159 -17.74 39.95 8.72
CA ASN E 159 -18.45 38.84 9.34
C ASN E 159 -19.64 38.50 8.45
N VAL E 160 -19.40 37.68 7.42
CA VAL E 160 -20.42 37.33 6.46
C VAL E 160 -20.78 35.86 6.63
N THR E 161 -21.99 35.52 6.20
CA THR E 161 -22.48 34.15 6.27
C THR E 161 -23.13 33.79 4.94
N MET E 162 -23.07 32.50 4.61
CA MET E 162 -23.69 31.99 3.39
C MET E 162 -24.20 30.59 3.64
N PRO E 163 -25.51 30.40 3.77
CA PRO E 163 -26.04 29.06 4.01
C PRO E 163 -26.01 28.22 2.75
N ASN E 164 -25.91 26.91 2.95
CA ASN E 164 -25.98 25.94 1.86
C ASN E 164 -27.32 25.23 1.99
N ASN E 165 -28.32 25.76 1.27
CA ASN E 165 -29.66 25.18 1.24
C ASN E 165 -29.89 24.34 0.00
N ASP E 166 -28.83 23.83 -0.61
CA ASP E 166 -28.92 22.96 -1.78
C ASP E 166 -28.62 21.52 -1.39
N ASN E 167 -28.81 20.62 -2.36
CA ASN E 167 -28.62 19.19 -2.14
C ASN E 167 -27.30 18.69 -2.71
N PHE E 168 -26.28 19.56 -2.79
CA PHE E 168 -24.97 19.17 -3.26
C PHE E 168 -23.91 19.90 -2.44
N ASP E 169 -22.68 19.43 -2.54
CA ASP E 169 -21.56 20.08 -1.86
C ASP E 169 -21.14 21.34 -2.62
N LYS E 170 -20.73 22.36 -1.86
CA LYS E 170 -20.20 23.60 -2.41
C LYS E 170 -18.71 23.69 -2.10
N LEU E 171 -17.91 23.97 -3.12
CA LEU E 171 -16.48 24.18 -2.96
C LEU E 171 -16.19 25.67 -3.04
N TYR E 172 -15.63 26.23 -1.96
CA TYR E 172 -15.28 27.64 -1.89
C TYR E 172 -13.76 27.79 -1.97
N ILE E 173 -13.30 28.65 -2.89
CA ILE E 173 -11.89 28.95 -3.04
C ILE E 173 -11.68 30.39 -2.59
N TRP E 174 -10.83 30.56 -1.58
CA TRP E 174 -10.50 31.88 -1.04
C TRP E 174 -8.99 31.97 -0.86
N GLY E 175 -8.53 33.15 -0.43
CA GLY E 175 -7.10 33.39 -0.35
C GLY E 175 -6.73 34.38 0.73
N VAL E 176 -5.42 34.48 0.97
CA VAL E 176 -4.84 35.36 1.98
C VAL E 176 -3.67 36.10 1.34
N HIS E 177 -3.66 37.43 1.45
CA HIS E 177 -2.65 38.26 0.83
C HIS E 177 -1.47 38.47 1.78
N HIS E 178 -0.27 38.16 1.30
CA HIS E 178 0.96 38.36 2.07
C HIS E 178 1.71 39.57 1.53
N PRO E 179 1.54 40.75 2.11
CA PRO E 179 2.31 41.91 1.64
C PRO E 179 3.79 41.75 1.95
N SER E 180 4.59 42.58 1.28
CA SER E 180 6.04 42.47 1.39
C SER E 180 6.67 43.45 2.38
N THR E 181 5.96 44.51 2.77
CA THR E 181 6.47 45.46 3.75
C THR E 181 5.37 45.82 4.74
N ASN E 182 5.77 46.44 5.85
CA ASN E 182 4.81 46.82 6.89
C ASN E 182 3.91 47.95 6.42
N GLN E 183 4.46 48.91 5.66
CA GLN E 183 3.61 49.98 5.15
C GLN E 183 2.68 49.49 4.06
N GLU E 184 3.12 48.52 3.25
CA GLU E 184 2.23 47.89 2.30
C GLU E 184 1.06 47.21 3.00
N GLN E 185 1.32 46.61 4.16
CA GLN E 185 0.26 45.99 4.94
C GLN E 185 -0.73 47.05 5.46
N THR E 186 -0.21 48.13 6.01
CA THR E 186 -1.07 49.15 6.59
C THR E 186 -1.75 50.01 5.54
N SER E 187 -1.13 50.18 4.37
CA SER E 187 -1.75 50.99 3.33
C SER E 187 -3.00 50.33 2.77
N LEU E 188 -3.03 49.00 2.68
CA LEU E 188 -4.14 48.29 2.09
C LEU E 188 -5.20 47.89 3.10
N TYR E 189 -4.79 47.47 4.31
CA TYR E 189 -5.72 46.87 5.26
C TYR E 189 -5.71 47.59 6.61
N VAL E 190 -5.02 48.71 6.73
CA VAL E 190 -5.01 49.55 7.94
C VAL E 190 -4.37 48.83 9.11
N GLN E 191 -4.94 47.69 9.52
CA GLN E 191 -4.42 46.97 10.68
C GLN E 191 -3.00 46.48 10.44
N ALA E 192 -2.24 46.36 11.53
CA ALA E 192 -0.85 45.94 11.42
C ALA E 192 -0.74 44.46 11.05
N SER E 193 -1.66 43.63 11.53
CA SER E 193 -1.64 42.20 11.25
C SER E 193 -3.05 41.75 10.92
N GLY E 194 -3.23 41.17 9.74
CA GLY E 194 -4.52 40.68 9.31
C GLY E 194 -4.81 39.28 9.85
N ARG E 195 -5.99 38.79 9.49
CA ARG E 195 -6.43 37.47 9.92
C ARG E 195 -7.63 37.03 9.10
N VAL E 196 -7.62 35.78 8.61
CA VAL E 196 -8.75 35.21 7.88
C VAL E 196 -9.16 33.93 8.60
N THR E 197 -10.42 33.86 9.01
CA THR E 197 -10.98 32.67 9.64
C THR E 197 -12.22 32.25 8.87
N VAL E 198 -12.10 31.15 8.13
CA VAL E 198 -13.21 30.58 7.38
C VAL E 198 -13.62 29.28 8.07
N SER E 199 -14.92 29.13 8.32
CA SER E 199 -15.37 28.02 9.14
C SER E 199 -16.75 27.54 8.71
N THR E 200 -17.00 26.26 8.96
CA THR E 200 -18.33 25.66 8.92
C THR E 200 -18.67 25.18 10.33
N ARG E 201 -19.70 24.35 10.44
CA ARG E 201 -19.94 23.67 11.71
C ARG E 201 -18.97 22.52 11.94
N ARG E 202 -18.33 22.03 10.89
CA ARG E 202 -17.41 20.90 11.00
C ARG E 202 -15.97 21.33 11.23
N SER E 203 -15.55 22.47 10.67
CA SER E 203 -14.14 22.80 10.62
C SER E 203 -13.94 24.30 10.73
N GLN E 204 -12.71 24.68 11.06
CA GLN E 204 -12.28 26.07 11.05
C GLN E 204 -10.86 26.13 10.52
N GLN E 205 -10.57 27.15 9.73
CA GLN E 205 -9.23 27.40 9.22
C GLN E 205 -8.89 28.86 9.48
N THR E 206 -7.79 29.10 10.17
CA THR E 206 -7.32 30.45 10.45
C THR E 206 -5.95 30.64 9.83
N ILE E 207 -5.79 31.69 9.04
CA ILE E 207 -4.54 32.03 8.39
C ILE E 207 -4.11 33.42 8.85
N ILE E 208 -2.88 33.54 9.30
CA ILE E 208 -2.28 34.83 9.62
C ILE E 208 -1.31 35.18 8.48
N PRO E 209 -1.43 36.37 7.89
CA PRO E 209 -0.52 36.73 6.80
C PRO E 209 0.93 36.81 7.27
N ASN E 210 1.83 36.77 6.30
CA ASN E 210 3.27 36.77 6.54
C ASN E 210 3.87 37.91 5.74
N ILE E 211 4.34 38.95 6.44
CA ILE E 211 4.87 40.14 5.80
C ILE E 211 6.38 39.97 5.65
N GLY E 212 6.88 40.18 4.44
CA GLY E 212 8.28 40.01 4.15
C GLY E 212 8.53 39.92 2.67
N SER E 213 9.81 40.01 2.32
CA SER E 213 10.22 40.05 0.92
C SER E 213 10.38 38.64 0.37
N ARG E 214 9.78 38.38 -0.79
CA ARG E 214 9.96 37.19 -1.58
C ARG E 214 10.67 37.54 -2.88
N PRO E 215 11.08 36.55 -3.67
CA PRO E 215 11.69 36.86 -4.97
C PRO E 215 10.73 37.62 -5.88
N TRP E 216 11.32 38.47 -6.71
CA TRP E 216 10.60 39.24 -7.71
C TRP E 216 9.98 38.30 -8.75
N VAL E 217 8.64 38.32 -8.85
CA VAL E 217 7.92 37.50 -9.81
C VAL E 217 6.87 38.40 -10.47
N ARG E 218 7.05 38.66 -11.77
CA ARG E 218 6.16 39.52 -12.55
C ARG E 218 5.96 40.87 -11.87
N GLY E 219 7.05 41.45 -11.37
CA GLY E 219 7.03 42.75 -10.76
C GLY E 219 6.80 42.76 -9.26
N LEU E 220 6.27 41.69 -8.69
CA LEU E 220 5.76 41.70 -7.33
C LEU E 220 6.63 40.86 -6.41
N SER E 221 6.81 41.36 -5.19
CA SER E 221 7.41 40.61 -4.10
C SER E 221 6.37 40.05 -3.15
N SER E 222 5.09 40.41 -3.33
CA SER E 222 4.01 39.87 -2.52
C SER E 222 3.52 38.55 -3.08
N ARG E 223 2.67 37.88 -2.31
CA ARG E 223 2.12 36.58 -2.68
C ARG E 223 0.68 36.49 -2.20
N ILE E 224 -0.05 35.54 -2.77
CA ILE E 224 -1.37 35.15 -2.30
C ILE E 224 -1.35 33.65 -2.04
N SER E 225 -1.82 33.24 -0.87
CA SER E 225 -1.96 31.83 -0.54
C SER E 225 -3.42 31.41 -0.73
N ILE E 226 -3.63 30.33 -1.46
CA ILE E 226 -4.97 29.85 -1.81
C ILE E 226 -5.37 28.73 -0.88
N TYR E 227 -6.59 28.81 -0.34
CA TYR E 227 -7.15 27.79 0.53
C TYR E 227 -8.54 27.43 0.03
N TRP E 228 -9.11 26.35 0.56
CA TRP E 228 -10.42 25.90 0.12
C TRP E 228 -11.22 25.37 1.29
N THR E 229 -12.54 25.40 1.12
CA THR E 229 -13.49 24.91 2.12
C THR E 229 -14.69 24.33 1.39
N ILE E 230 -15.09 23.13 1.79
CA ILE E 230 -16.29 22.49 1.27
C ILE E 230 -17.40 22.65 2.28
N VAL E 231 -18.57 23.08 1.82
CA VAL E 231 -19.75 23.24 2.67
C VAL E 231 -20.78 22.20 2.26
N LYS E 232 -21.03 21.25 3.15
CA LYS E 232 -21.98 20.18 2.87
C LYS E 232 -23.41 20.70 2.98
N PRO E 233 -24.37 19.98 2.40
CA PRO E 233 -25.77 20.43 2.46
C PRO E 233 -26.25 20.54 3.90
N GLY E 234 -26.99 21.62 4.18
CA GLY E 234 -27.48 21.90 5.51
C GLY E 234 -26.50 22.61 6.41
N ASP E 235 -25.25 22.74 6.00
CA ASP E 235 -24.26 23.48 6.77
C ASP E 235 -24.27 24.94 6.32
N VAL E 236 -23.37 25.74 6.87
CA VAL E 236 -23.30 27.16 6.56
C VAL E 236 -21.84 27.60 6.56
N LEU E 237 -21.50 28.49 5.63
CA LEU E 237 -20.17 29.08 5.57
C LEU E 237 -20.15 30.38 6.36
N VAL E 238 -19.05 30.61 7.09
CA VAL E 238 -18.84 31.85 7.81
C VAL E 238 -17.43 32.32 7.56
N ILE E 239 -17.28 33.54 7.03
CA ILE E 239 -16.00 34.16 6.78
C ILE E 239 -15.82 35.30 7.77
N ASN E 240 -14.66 35.34 8.43
CA ASN E 240 -14.35 36.35 9.42
C ASN E 240 -12.94 36.86 9.16
N SER E 241 -12.81 38.17 8.96
CA SER E 241 -11.50 38.74 8.66
C SER E 241 -11.43 40.19 9.08
N ASN E 242 -10.27 40.58 9.62
CA ASN E 242 -9.95 41.98 9.89
C ASN E 242 -8.79 42.46 9.01
N GLY E 243 -8.61 41.83 7.86
CA GLY E 243 -7.58 42.23 6.91
C GLY E 243 -7.07 41.06 6.09
N ASN E 244 -6.61 41.37 4.87
CA ASN E 244 -5.87 40.48 3.98
C ASN E 244 -6.74 39.39 3.36
N LEU E 245 -8.05 39.54 3.31
CA LEU E 245 -8.93 38.52 2.78
C LEU E 245 -9.04 38.66 1.27
N ILE E 246 -8.68 37.59 0.54
CA ILE E 246 -8.99 37.45 -0.87
C ILE E 246 -10.28 36.64 -0.93
N ALA E 247 -11.40 37.32 -1.07
CA ALA E 247 -12.70 36.71 -0.85
C ALA E 247 -13.18 35.94 -2.08
N PRO E 248 -14.00 34.92 -1.87
CA PRO E 248 -14.62 34.23 -3.00
C PRO E 248 -15.84 34.98 -3.51
N ARG E 249 -16.15 34.74 -4.79
CA ARG E 249 -17.34 35.30 -5.41
C ARG E 249 -18.49 34.31 -5.47
N GLY E 250 -18.27 33.08 -5.00
CA GLY E 250 -19.28 32.04 -5.09
C GLY E 250 -18.64 30.69 -4.83
N TYR E 251 -19.30 29.65 -5.34
CA TYR E 251 -18.85 28.28 -5.13
C TYR E 251 -18.78 27.54 -6.46
N PHE E 252 -17.96 26.48 -6.46
CA PHE E 252 -17.93 25.52 -7.55
C PHE E 252 -18.80 24.33 -7.16
N LYS E 253 -19.72 23.96 -8.05
CA LYS E 253 -20.56 22.80 -7.80
C LYS E 253 -19.72 21.53 -7.83
N MET E 254 -19.91 20.67 -6.84
CA MET E 254 -19.11 19.47 -6.69
C MET E 254 -19.88 18.25 -7.21
N ARG E 255 -19.16 17.36 -7.88
CA ARG E 255 -19.74 16.12 -8.37
C ARG E 255 -18.78 14.98 -8.06
N THR E 256 -19.32 13.76 -8.11
CA THR E 256 -18.53 12.55 -8.06
C THR E 256 -18.68 11.81 -9.38
N GLY E 257 -17.65 11.06 -9.75
CA GLY E 257 -17.67 10.33 -11.01
C GLY E 257 -16.28 9.89 -11.41
N LYS E 258 -16.11 9.71 -12.71
CA LYS E 258 -14.92 9.06 -13.28
C LYS E 258 -13.90 10.05 -13.80
N SER E 259 -14.05 11.34 -13.52
CA SER E 259 -13.13 12.33 -14.07
C SER E 259 -11.75 12.23 -13.39
N SER E 260 -10.74 12.70 -14.11
CA SER E 260 -9.39 12.72 -13.58
C SER E 260 -8.57 13.76 -14.35
N ILE E 261 -7.25 13.70 -14.20
CA ILE E 261 -6.33 14.63 -14.84
C ILE E 261 -5.05 13.87 -15.16
N MET E 262 -4.36 14.30 -16.21
CA MET E 262 -3.15 13.63 -16.66
C MET E 262 -2.17 14.66 -17.21
N ARG E 263 -0.89 14.43 -16.99
CA ARG E 263 0.18 15.24 -17.58
C ARG E 263 0.68 14.53 -18.84
N SER E 264 0.57 15.21 -19.97
CA SER E 264 1.01 14.63 -21.23
C SER E 264 1.22 15.75 -22.25
N ASP E 265 2.18 15.53 -23.14
CA ASP E 265 2.41 16.42 -24.27
C ASP E 265 2.01 15.79 -25.60
N ALA E 266 1.27 14.67 -25.56
CA ALA E 266 0.82 14.02 -26.77
C ALA E 266 -0.34 14.79 -27.40
N PRO E 267 -0.35 14.94 -28.73
CA PRO E 267 -1.45 15.69 -29.36
C PRO E 267 -2.74 14.89 -29.38
N ILE E 268 -3.86 15.61 -29.39
CA ILE E 268 -5.17 15.00 -29.47
C ILE E 268 -5.48 14.68 -30.92
N ASP E 269 -6.04 13.49 -31.16
CA ASP E 269 -6.32 13.01 -32.50
C ASP E 269 -7.78 12.59 -32.59
N THR E 270 -8.26 12.41 -33.82
CA THR E 270 -9.64 12.02 -34.08
C THR E 270 -9.68 10.51 -34.27
N CYS E 271 -9.77 9.79 -33.16
CA CYS E 271 -9.88 8.34 -33.17
C CYS E 271 -10.71 7.91 -31.97
N ILE E 272 -10.87 6.60 -31.80
CA ILE E 272 -11.63 6.03 -30.70
C ILE E 272 -10.73 5.05 -29.95
N SER E 273 -10.60 5.25 -28.64
CA SER E 273 -9.79 4.36 -27.82
C SER E 273 -10.19 4.54 -26.36
N GLU E 274 -10.38 3.42 -25.66
CA GLU E 274 -10.81 3.45 -24.27
C GLU E 274 -9.66 3.73 -23.31
N CYS E 275 -8.45 3.31 -23.66
CA CYS E 275 -7.30 3.44 -22.78
C CYS E 275 -6.44 4.63 -23.20
N ILE E 276 -6.09 5.48 -22.23
CA ILE E 276 -5.28 6.66 -22.46
C ILE E 276 -4.05 6.56 -21.57
N THR E 277 -2.88 6.86 -22.14
CA THR E 277 -1.63 6.97 -21.41
C THR E 277 -0.96 8.29 -21.80
N PRO E 278 -0.05 8.80 -20.97
CA PRO E 278 0.68 10.01 -21.38
C PRO E 278 1.42 9.86 -22.70
N ASN E 279 1.79 8.65 -23.08
CA ASN E 279 2.39 8.41 -24.39
C ASN E 279 1.39 8.43 -25.53
N GLY E 280 0.10 8.48 -25.22
CA GLY E 280 -0.96 8.35 -26.20
C GLY E 280 -1.91 7.21 -25.86
N SER E 281 -2.97 7.13 -26.66
CA SER E 281 -3.91 6.04 -26.51
C SER E 281 -3.28 4.72 -26.92
N ILE E 282 -3.72 3.63 -26.29
CA ILE E 282 -3.24 2.30 -26.63
C ILE E 282 -4.42 1.34 -26.75
N PRO E 283 -4.33 0.34 -27.60
CA PRO E 283 -5.38 -0.68 -27.66
C PRO E 283 -5.44 -1.46 -26.34
N ASN E 284 -6.62 -2.02 -26.07
CA ASN E 284 -6.85 -2.77 -24.84
C ASN E 284 -7.32 -4.19 -25.14
N ASP E 285 -6.92 -4.75 -26.28
CA ASP E 285 -7.25 -6.13 -26.57
C ASP E 285 -6.34 -7.11 -25.84
N LYS E 286 -5.19 -6.66 -25.39
CA LYS E 286 -4.26 -7.45 -24.60
C LYS E 286 -4.46 -7.16 -23.12
N PRO E 287 -4.23 -8.15 -22.24
CA PRO E 287 -4.47 -7.95 -20.82
C PRO E 287 -3.37 -7.20 -20.10
N PHE E 288 -2.18 -7.09 -20.68
CA PHE E 288 -1.06 -6.39 -20.05
C PHE E 288 -0.50 -5.35 -21.01
N GLN E 289 0.22 -4.38 -20.46
CA GLN E 289 0.85 -3.37 -21.29
C GLN E 289 2.13 -2.89 -20.62
N ASN E 290 3.02 -2.32 -21.44
CA ASN E 290 4.35 -1.90 -21.01
C ASN E 290 4.62 -0.46 -21.43
N VAL E 291 3.57 0.32 -21.69
CA VAL E 291 3.74 1.66 -22.24
C VAL E 291 3.96 2.65 -21.10
N ASN E 292 3.03 2.70 -20.16
CA ASN E 292 3.16 3.63 -19.04
C ASN E 292 2.35 3.11 -17.87
N LYS E 293 2.90 3.27 -16.66
CA LYS E 293 2.15 2.91 -15.46
C LYS E 293 1.01 3.89 -15.20
N ILE E 294 1.06 5.07 -15.80
CA ILE E 294 -0.05 6.03 -15.75
C ILE E 294 -1.02 5.71 -16.87
N THR E 295 -2.27 5.39 -16.52
CA THR E 295 -3.30 5.12 -17.51
C THR E 295 -4.63 5.68 -17.02
N TYR E 296 -5.59 5.77 -17.93
CA TYR E 296 -6.95 6.19 -17.61
C TYR E 296 -7.91 5.45 -18.54
N GLY E 297 -8.92 4.82 -17.96
CA GLY E 297 -9.94 4.12 -18.71
C GLY E 297 -9.82 2.61 -18.59
N ALA E 298 -10.49 1.92 -19.51
CA ALA E 298 -10.42 0.46 -19.60
C ALA E 298 -9.08 0.07 -20.20
N CYS E 299 -8.14 -0.29 -19.34
CA CYS E 299 -6.74 -0.39 -19.76
C CYS E 299 -6.16 -1.74 -19.39
N PRO E 300 -5.21 -2.24 -20.19
CA PRO E 300 -4.40 -3.37 -19.74
C PRO E 300 -3.57 -2.98 -18.53
N LYS E 301 -3.28 -3.96 -17.69
CA LYS E 301 -2.50 -3.71 -16.49
C LYS E 301 -1.02 -3.56 -16.83
N TYR E 302 -0.36 -2.62 -16.17
CA TYR E 302 1.05 -2.36 -16.47
C TYR E 302 1.94 -3.44 -15.86
N VAL E 303 2.90 -3.91 -16.65
CA VAL E 303 3.88 -4.90 -16.23
C VAL E 303 5.25 -4.48 -16.73
N LYS E 304 6.28 -5.06 -16.14
CA LYS E 304 7.65 -4.70 -16.51
C LYS E 304 8.09 -5.34 -17.81
N GLN E 305 7.53 -6.50 -18.16
CA GLN E 305 7.96 -7.19 -19.38
C GLN E 305 7.44 -6.45 -20.60
N ASN E 306 8.27 -6.39 -21.64
CA ASN E 306 7.83 -5.82 -22.91
C ASN E 306 7.26 -6.88 -23.85
N THR E 307 7.24 -8.15 -23.46
CA THR E 307 6.62 -9.19 -24.28
C THR E 307 6.35 -10.43 -23.42
N LEU E 308 5.17 -11.02 -23.64
CA LEU E 308 4.79 -12.29 -23.01
C LEU E 308 3.94 -13.06 -24.02
N LYS E 309 4.51 -14.11 -24.59
CA LYS E 309 3.86 -14.87 -25.65
C LYS E 309 3.04 -16.00 -25.06
N LEU E 310 1.72 -15.97 -25.30
CA LEU E 310 0.84 -17.07 -24.91
C LEU E 310 0.72 -18.04 -26.07
N ALA E 311 1.13 -19.29 -25.84
CA ALA E 311 1.06 -20.30 -26.88
C ALA E 311 -0.38 -20.58 -27.27
N THR E 312 -0.64 -20.65 -28.59
CA THR E 312 -1.96 -20.94 -29.11
C THR E 312 -1.95 -22.16 -30.04
N GLY E 313 -0.92 -22.99 -29.93
CA GLY E 313 -0.83 -24.18 -30.75
C GLY E 313 0.12 -25.17 -30.11
N MET E 314 0.16 -26.35 -30.70
CA MET E 314 0.97 -27.44 -30.15
C MET E 314 2.45 -27.17 -30.36
N ARG E 315 3.27 -28.05 -29.80
CA ARG E 315 4.71 -28.05 -30.05
C ARG E 315 4.98 -28.22 -31.54
N ASN E 316 5.86 -27.38 -32.08
CA ASN E 316 6.17 -27.39 -33.50
C ASN E 316 7.41 -28.24 -33.72
N VAL E 317 7.25 -29.37 -34.41
CA VAL E 317 8.33 -30.29 -34.70
C VAL E 317 8.45 -30.46 -36.21
N PRO E 318 9.17 -29.57 -36.91
CA PRO E 318 9.32 -29.75 -38.36
C PRO E 318 10.25 -30.91 -38.69
N GLU E 319 10.43 -31.18 -39.98
CA GLU E 319 11.31 -32.25 -40.41
C GLU E 319 12.65 -31.69 -40.90
N GLY F 1 6.45 -33.70 -24.02
CA GLY F 1 5.22 -33.58 -23.25
C GLY F 1 5.02 -34.72 -22.27
N LEU F 2 3.98 -34.60 -21.45
CA LEU F 2 3.69 -35.61 -20.42
C LEU F 2 3.23 -36.93 -21.01
N PHE F 3 2.79 -36.96 -22.27
CA PHE F 3 2.19 -38.16 -22.82
C PHE F 3 3.04 -38.85 -23.87
N GLY F 4 4.12 -38.22 -24.33
CA GLY F 4 5.11 -38.91 -25.12
C GLY F 4 4.77 -39.09 -26.59
N ALA F 5 3.71 -38.45 -27.08
CA ALA F 5 3.34 -38.56 -28.50
C ALA F 5 4.03 -37.48 -29.31
N ILE F 6 3.59 -36.23 -29.14
CA ILE F 6 4.19 -35.13 -29.88
C ILE F 6 5.61 -34.89 -29.37
N ALA F 7 6.56 -34.78 -30.29
CA ALA F 7 7.99 -34.80 -29.98
C ALA F 7 8.35 -36.03 -29.14
N GLY F 8 7.69 -37.16 -29.46
CA GLY F 8 7.90 -38.41 -28.76
C GLY F 8 7.94 -39.59 -29.69
N PHE F 9 7.02 -40.54 -29.53
CA PHE F 9 7.04 -41.69 -30.44
C PHE F 9 6.57 -41.33 -31.83
N ILE F 10 5.98 -40.16 -32.02
CA ILE F 10 5.78 -39.59 -33.35
C ILE F 10 6.98 -38.70 -33.67
N GLU F 11 7.72 -39.06 -34.71
CA GLU F 11 9.06 -38.50 -34.90
C GLU F 11 9.00 -37.00 -35.19
N ASN F 12 8.05 -36.57 -36.01
CA ASN F 12 7.95 -35.15 -36.34
C ASN F 12 6.53 -34.86 -36.82
N GLY F 13 6.27 -33.58 -37.10
CA GLY F 13 4.98 -33.16 -37.58
C GLY F 13 4.90 -33.14 -39.10
N TRP F 14 3.69 -32.91 -39.60
CA TRP F 14 3.40 -32.90 -41.04
C TRP F 14 3.13 -31.47 -41.48
N GLU F 15 4.10 -30.87 -42.18
CA GLU F 15 3.84 -29.55 -42.75
C GLU F 15 2.80 -29.61 -43.86
N GLY F 16 2.61 -30.76 -44.50
CA GLY F 16 1.65 -30.89 -45.57
C GLY F 16 0.20 -30.94 -45.14
N MET F 17 -0.08 -31.15 -43.86
CA MET F 17 -1.45 -31.17 -43.35
C MET F 17 -1.85 -29.76 -42.95
N ILE F 18 -2.67 -29.12 -43.77
CA ILE F 18 -3.02 -27.72 -43.59
C ILE F 18 -4.50 -27.53 -43.29
N ASP F 19 -5.26 -28.62 -43.12
CA ASP F 19 -6.70 -28.52 -42.89
C ASP F 19 -7.09 -29.12 -41.55
N GLY F 20 -6.14 -29.36 -40.66
CA GLY F 20 -6.46 -29.87 -39.34
C GLY F 20 -5.19 -30.01 -38.53
N TRP F 21 -5.38 -30.22 -37.23
CA TRP F 21 -4.26 -30.36 -36.31
C TRP F 21 -3.80 -31.79 -36.15
N TYR F 22 -4.71 -32.76 -36.28
CA TYR F 22 -4.38 -34.18 -36.19
C TYR F 22 -5.07 -34.91 -37.35
N GLY F 23 -4.47 -36.01 -37.78
CA GLY F 23 -5.07 -36.73 -38.89
C GLY F 23 -4.37 -38.04 -39.17
N PHE F 24 -4.78 -38.67 -40.27
CA PHE F 24 -4.30 -39.98 -40.67
C PHE F 24 -3.58 -39.90 -42.00
N ARG F 25 -2.49 -40.65 -42.12
CA ARG F 25 -1.91 -40.98 -43.41
C ARG F 25 -1.92 -42.49 -43.57
N HIS F 26 -2.25 -42.96 -44.77
CA HIS F 26 -2.40 -44.39 -45.00
C HIS F 26 -1.67 -44.82 -46.26
N GLN F 27 -1.36 -46.11 -46.30
CA GLN F 27 -0.85 -46.78 -47.49
C GLN F 27 -1.56 -48.11 -47.63
N ASN F 28 -2.20 -48.32 -48.77
CA ASN F 28 -2.91 -49.57 -49.02
C ASN F 28 -2.65 -49.97 -50.48
N SER F 29 -3.49 -50.86 -51.01
CA SER F 29 -3.28 -51.36 -52.36
C SER F 29 -3.55 -50.29 -53.41
N GLU F 30 -4.46 -49.36 -53.11
CA GLU F 30 -4.86 -48.33 -54.07
C GLU F 30 -3.98 -47.09 -54.00
N GLY F 31 -3.00 -47.04 -53.10
CA GLY F 31 -2.10 -45.92 -52.99
C GLY F 31 -1.98 -45.33 -51.61
N THR F 32 -1.65 -44.05 -51.53
CA THR F 32 -1.48 -43.33 -50.28
C THR F 32 -2.47 -42.17 -50.18
N GLY F 33 -2.65 -41.68 -48.96
CA GLY F 33 -3.59 -40.58 -48.75
C GLY F 33 -3.40 -39.94 -47.40
N GLN F 34 -4.13 -38.85 -47.21
CA GLN F 34 -4.06 -38.05 -45.98
C GLN F 34 -5.42 -37.43 -45.70
N ALA F 35 -5.82 -37.45 -44.43
CA ALA F 35 -7.08 -36.86 -44.02
C ALA F 35 -6.96 -36.37 -42.59
N ALA F 36 -7.42 -35.15 -42.33
CA ALA F 36 -7.43 -34.61 -40.99
C ALA F 36 -8.58 -35.19 -40.19
N ASP F 37 -8.37 -35.31 -38.88
CA ASP F 37 -9.42 -35.77 -37.97
C ASP F 37 -10.08 -34.56 -37.34
N LEU F 38 -11.41 -34.47 -37.49
CA LEU F 38 -12.13 -33.26 -37.09
C LEU F 38 -12.34 -33.20 -35.59
N LYS F 39 -12.76 -34.31 -34.97
CA LYS F 39 -13.11 -34.28 -33.56
C LYS F 39 -11.92 -33.92 -32.68
N SER F 40 -10.77 -34.55 -32.92
CA SER F 40 -9.60 -34.29 -32.09
C SER F 40 -9.05 -32.89 -32.36
N THR F 41 -9.09 -32.44 -33.62
CA THR F 41 -8.67 -31.08 -33.94
C THR F 41 -9.56 -30.05 -33.23
N GLN F 42 -10.87 -30.27 -33.26
CA GLN F 42 -11.79 -29.33 -32.64
C GLN F 42 -11.67 -29.33 -31.12
N ALA F 43 -11.35 -30.46 -30.52
CA ALA F 43 -11.20 -30.52 -29.08
C ALA F 43 -10.00 -29.70 -28.62
N ALA F 44 -8.89 -29.77 -29.35
CA ALA F 44 -7.73 -28.96 -29.01
C ALA F 44 -8.00 -27.48 -29.25
N ILE F 45 -8.70 -27.15 -30.34
CA ILE F 45 -8.98 -25.76 -30.65
C ILE F 45 -9.94 -25.16 -29.64
N ASP F 46 -10.95 -25.94 -29.23
CA ASP F 46 -11.93 -25.42 -28.27
C ASP F 46 -11.29 -25.15 -26.91
N GLN F 47 -10.37 -26.01 -26.46
CA GLN F 47 -9.72 -25.81 -25.18
C GLN F 47 -8.80 -24.59 -25.20
N ILE F 48 -8.06 -24.41 -26.29
CA ILE F 48 -7.14 -23.29 -26.37
C ILE F 48 -7.89 -21.97 -26.54
N ASN F 49 -8.95 -21.97 -27.34
CA ASN F 49 -9.76 -20.76 -27.47
C ASN F 49 -10.40 -20.37 -26.14
N GLY F 50 -10.91 -21.35 -25.40
CA GLY F 50 -11.50 -21.06 -24.10
C GLY F 50 -10.48 -20.52 -23.13
N LYS F 51 -9.30 -21.11 -23.10
CA LYS F 51 -8.21 -20.60 -22.27
C LYS F 51 -7.83 -19.19 -22.71
N LEU F 52 -7.77 -18.96 -24.03
CA LEU F 52 -7.37 -17.66 -24.55
C LEU F 52 -8.41 -16.58 -24.23
N ASN F 53 -9.69 -16.89 -24.40
CA ASN F 53 -10.73 -15.90 -24.12
C ASN F 53 -10.79 -15.50 -22.65
N ARG F 54 -10.49 -16.44 -21.75
CA ARG F 54 -10.43 -16.09 -20.33
C ARG F 54 -9.25 -15.19 -20.03
N VAL F 55 -8.14 -15.36 -20.76
CA VAL F 55 -6.93 -14.60 -20.49
C VAL F 55 -7.06 -13.16 -20.99
N ILE F 56 -7.64 -12.97 -22.17
CA ILE F 56 -7.71 -11.65 -22.79
C ILE F 56 -9.03 -10.95 -22.48
N GLU F 57 -9.79 -11.46 -21.52
CA GLU F 57 -11.07 -10.86 -21.15
C GLU F 57 -10.83 -9.49 -20.53
N LYS F 58 -11.39 -8.45 -21.14
CA LYS F 58 -11.23 -7.07 -20.65
C LYS F 58 -11.90 -6.95 -19.30
N THR F 59 -11.11 -6.78 -18.24
CA THR F 59 -11.66 -6.77 -16.89
C THR F 59 -11.09 -5.67 -16.02
N ASN F 60 -10.39 -4.69 -16.59
CA ASN F 60 -9.70 -3.67 -15.79
C ASN F 60 -10.10 -2.30 -16.33
N GLU F 61 -10.79 -1.52 -15.50
CA GLU F 61 -11.17 -0.16 -15.84
C GLU F 61 -10.97 0.69 -14.60
N LYS F 62 -10.00 1.59 -14.64
CA LYS F 62 -9.70 2.48 -13.54
C LYS F 62 -9.75 3.92 -14.03
N PHE F 63 -10.08 4.83 -13.12
CA PHE F 63 -10.18 6.23 -13.51
C PHE F 63 -9.21 7.08 -12.70
N HIS F 64 -9.71 7.86 -11.74
CA HIS F 64 -8.82 8.69 -10.95
C HIS F 64 -8.04 7.83 -9.95
N GLN F 65 -6.71 7.94 -10.01
CA GLN F 65 -5.85 7.12 -9.16
C GLN F 65 -4.90 8.01 -8.35
N ILE F 66 -3.71 7.52 -8.06
CA ILE F 66 -2.70 8.32 -7.39
C ILE F 66 -1.72 8.83 -8.42
N GLU F 67 -1.01 9.89 -8.07
CA GLU F 67 0.08 10.36 -8.92
C GLU F 67 1.24 9.36 -8.85
N LYS F 68 2.00 9.28 -9.95
CA LYS F 68 3.08 8.31 -10.05
C LYS F 68 4.38 8.91 -10.57
N GLU F 69 4.38 10.15 -11.02
CA GLU F 69 5.58 10.91 -11.32
C GLU F 69 5.55 12.20 -10.54
N PHE F 70 6.73 12.67 -10.11
CA PHE F 70 6.82 13.82 -9.22
C PHE F 70 7.97 14.71 -9.67
N SER F 71 7.75 16.02 -9.64
CA SER F 71 8.76 16.97 -10.08
C SER F 71 9.53 17.59 -8.93
N GLU F 72 9.10 17.40 -7.69
CA GLU F 72 9.79 17.94 -6.52
C GLU F 72 9.98 16.86 -5.47
N VAL F 73 11.01 17.03 -4.65
CA VAL F 73 11.30 16.13 -3.55
C VAL F 73 10.40 16.50 -2.36
N GLU F 74 9.72 15.50 -1.79
CA GLU F 74 8.80 15.74 -0.69
C GLU F 74 9.07 14.88 0.54
N GLY F 75 9.67 13.72 0.35
CA GLY F 75 9.98 12.85 1.48
C GLY F 75 8.89 11.82 1.73
N ARG F 76 8.32 11.85 2.93
CA ARG F 76 7.61 10.71 3.49
C ARG F 76 6.43 10.28 2.61
N ILE F 77 5.51 11.20 2.31
CA ILE F 77 4.29 10.81 1.62
C ILE F 77 4.61 10.35 0.20
N GLN F 78 5.60 10.98 -0.45
CA GLN F 78 5.97 10.57 -1.80
C GLN F 78 6.68 9.22 -1.79
N ASP F 79 7.50 8.96 -0.77
CA ASP F 79 8.13 7.64 -0.63
C ASP F 79 7.07 6.54 -0.63
N LEU F 80 5.98 6.76 0.09
CA LEU F 80 4.94 5.76 0.20
C LEU F 80 4.17 5.61 -1.10
N GLU F 81 3.87 6.73 -1.76
CA GLU F 81 3.17 6.67 -3.05
C GLU F 81 3.97 5.89 -4.08
N LYS F 82 5.29 6.08 -4.11
CA LYS F 82 6.12 5.33 -5.05
C LYS F 82 6.22 3.87 -4.65
N TYR F 83 6.34 3.59 -3.36
CA TYR F 83 6.44 2.21 -2.89
C TYR F 83 5.17 1.42 -3.21
N VAL F 84 4.01 2.06 -3.06
CA VAL F 84 2.74 1.39 -3.33
C VAL F 84 2.66 1.00 -4.81
N GLU F 85 3.02 1.92 -5.69
CA GLU F 85 2.92 1.63 -7.11
C GLU F 85 3.98 0.62 -7.55
N ASP F 86 5.19 0.73 -7.01
CA ASP F 86 6.23 -0.25 -7.33
C ASP F 86 5.86 -1.64 -6.83
N THR F 87 5.26 -1.72 -5.65
CA THR F 87 4.82 -3.01 -5.11
C THR F 87 3.73 -3.62 -5.99
N LYS F 88 2.78 -2.79 -6.44
CA LYS F 88 1.72 -3.26 -7.31
C LYS F 88 2.28 -3.80 -8.62
N ILE F 89 3.17 -3.04 -9.26
CA ILE F 89 3.72 -3.42 -10.56
C ILE F 89 4.46 -4.75 -10.47
N ASP F 90 5.24 -4.95 -9.40
CA ASP F 90 5.99 -6.19 -9.26
C ASP F 90 5.06 -7.38 -9.05
N LEU F 91 3.96 -7.20 -8.32
CA LEU F 91 3.04 -8.31 -8.10
C LEU F 91 2.28 -8.67 -9.37
N TRP F 92 1.91 -7.67 -10.18
CA TRP F 92 1.25 -7.95 -11.44
C TRP F 92 2.23 -8.50 -12.47
N SER F 93 3.47 -8.02 -12.46
CA SER F 93 4.48 -8.57 -13.33
C SER F 93 4.73 -10.05 -13.01
N TYR F 94 4.72 -10.39 -11.73
CA TYR F 94 4.85 -11.80 -11.34
C TYR F 94 3.64 -12.61 -11.80
N ASN F 95 2.43 -12.08 -11.60
CA ASN F 95 1.23 -12.78 -12.02
C ASN F 95 1.26 -13.08 -13.51
N ALA F 96 1.67 -12.09 -14.31
CA ALA F 96 1.69 -12.26 -15.76
C ALA F 96 2.73 -13.30 -16.19
N GLU F 97 3.90 -13.28 -15.54
CA GLU F 97 4.95 -14.24 -15.91
C GLU F 97 4.55 -15.67 -15.58
N LEU F 98 3.99 -15.88 -14.39
CA LEU F 98 3.57 -17.23 -14.00
C LEU F 98 2.41 -17.72 -14.85
N LEU F 99 1.49 -16.81 -15.19
CA LEU F 99 0.30 -17.20 -15.94
C LEU F 99 0.67 -17.78 -17.29
N VAL F 100 1.51 -17.08 -18.06
CA VAL F 100 1.84 -17.59 -19.38
C VAL F 100 2.67 -18.86 -19.28
N ALA F 101 3.50 -18.98 -18.24
CA ALA F 101 4.29 -20.19 -18.07
C ALA F 101 3.42 -21.40 -17.74
N LEU F 102 2.43 -21.22 -16.85
CA LEU F 102 1.52 -22.31 -16.54
C LEU F 102 0.64 -22.65 -17.73
N GLU F 103 0.09 -21.62 -18.38
CA GLU F 103 -0.79 -21.85 -19.53
C GLU F 103 -0.04 -22.58 -20.65
N ASN F 104 1.19 -22.17 -20.94
CA ASN F 104 1.92 -22.75 -22.05
C ASN F 104 2.31 -24.19 -21.77
N GLN F 105 2.75 -24.48 -20.54
CA GLN F 105 3.03 -25.87 -20.16
C GLN F 105 1.79 -26.73 -20.33
N HIS F 106 0.63 -26.19 -20.00
CA HIS F 106 -0.63 -26.93 -20.11
C HIS F 106 -1.08 -27.06 -21.55
N THR F 107 -0.86 -26.03 -22.37
CA THR F 107 -1.22 -26.09 -23.78
C THR F 107 -0.41 -27.15 -24.51
N ILE F 108 0.89 -27.23 -24.23
CA ILE F 108 1.72 -28.26 -24.83
C ILE F 108 1.27 -29.64 -24.38
N ASP F 109 0.85 -29.77 -23.13
CA ASP F 109 0.44 -31.07 -22.61
C ASP F 109 -0.94 -31.49 -23.11
N LEU F 110 -1.87 -30.55 -23.25
CA LEU F 110 -3.21 -30.93 -23.71
C LEU F 110 -3.20 -31.32 -25.18
N THR F 111 -2.37 -30.64 -25.99
CA THR F 111 -2.26 -31.01 -27.40
C THR F 111 -1.50 -32.31 -27.58
N ASP F 112 -0.50 -32.56 -26.72
CA ASP F 112 0.11 -33.88 -26.66
C ASP F 112 -0.91 -34.95 -26.27
N SER F 113 -1.77 -34.64 -25.30
CA SER F 113 -2.78 -35.59 -24.86
C SER F 113 -3.78 -35.93 -25.96
N GLU F 114 -4.21 -34.93 -26.73
CA GLU F 114 -5.16 -35.19 -27.79
C GLU F 114 -4.57 -36.10 -28.86
N MET F 115 -3.27 -35.94 -29.14
CA MET F 115 -2.61 -36.83 -30.09
C MET F 115 -2.60 -38.26 -29.56
N ASN F 116 -2.25 -38.43 -28.29
CA ASN F 116 -2.18 -39.77 -27.73
C ASN F 116 -3.56 -40.40 -27.63
N LYS F 117 -4.59 -39.61 -27.33
CA LYS F 117 -5.95 -40.13 -27.26
C LYS F 117 -6.41 -40.65 -28.61
N LEU F 118 -6.13 -39.90 -29.68
CA LEU F 118 -6.51 -40.34 -31.01
C LEU F 118 -5.78 -41.62 -31.40
N PHE F 119 -4.52 -41.75 -31.01
CA PHE F 119 -3.76 -42.96 -31.30
C PHE F 119 -4.37 -44.15 -30.57
N GLU F 120 -4.64 -43.99 -29.28
CA GLU F 120 -5.22 -45.09 -28.50
C GLU F 120 -6.61 -45.45 -28.99
N LYS F 121 -7.41 -44.45 -29.39
CA LYS F 121 -8.74 -44.71 -29.90
C LYS F 121 -8.69 -45.51 -31.20
N THR F 122 -7.69 -45.21 -32.05
CA THR F 122 -7.57 -45.93 -33.31
C THR F 122 -7.15 -47.38 -33.08
N GLY F 123 -6.21 -47.61 -32.16
CA GLY F 123 -5.80 -48.96 -31.85
C GLY F 123 -6.92 -49.79 -31.25
N ARG F 124 -7.83 -49.15 -30.53
CA ARG F 124 -8.98 -49.87 -30.00
C ARG F 124 -9.97 -50.24 -31.09
N GLN F 125 -10.07 -49.43 -32.15
CA GLN F 125 -10.89 -49.80 -33.29
C GLN F 125 -10.35 -51.05 -33.96
N LEU F 126 -9.03 -51.10 -34.17
CA LEU F 126 -8.43 -52.20 -34.93
C LEU F 126 -8.38 -53.48 -34.13
N ARG F 127 -8.41 -53.39 -32.80
CA ARG F 127 -8.40 -54.57 -31.93
C ARG F 127 -7.25 -55.51 -32.30
N GLU F 128 -7.57 -56.76 -32.62
CA GLU F 128 -6.56 -57.76 -32.95
C GLU F 128 -6.19 -57.79 -34.43
N ASN F 129 -6.66 -56.82 -35.20
CA ASN F 129 -6.40 -56.79 -36.64
C ASN F 129 -5.15 -56.00 -37.01
N ALA F 130 -4.48 -55.38 -36.04
CA ALA F 130 -3.33 -54.53 -36.34
C ALA F 130 -2.36 -54.57 -35.18
N GLU F 131 -1.14 -54.12 -35.46
CA GLU F 131 -0.10 -54.05 -34.44
C GLU F 131 0.53 -52.66 -34.44
N ASP F 132 0.89 -52.19 -33.25
CA ASP F 132 1.50 -50.89 -33.06
C ASP F 132 2.99 -50.98 -33.41
N MET F 133 3.39 -50.26 -34.46
CA MET F 133 4.77 -50.28 -34.90
C MET F 133 5.70 -49.45 -34.02
N GLY F 134 5.15 -48.74 -33.03
CA GLY F 134 5.96 -47.99 -32.10
C GLY F 134 6.32 -46.58 -32.54
N ASN F 135 5.96 -46.19 -33.76
CA ASN F 135 6.27 -44.86 -34.29
C ASN F 135 5.00 -44.10 -34.68
N GLY F 136 3.86 -44.44 -34.08
CA GLY F 136 2.61 -43.79 -34.41
C GLY F 136 1.84 -44.43 -35.54
N CYS F 137 2.35 -45.49 -36.15
CA CYS F 137 1.69 -46.16 -37.26
C CYS F 137 1.21 -47.54 -36.83
N PHE F 138 0.09 -47.97 -37.39
CA PHE F 138 -0.42 -49.33 -37.21
C PHE F 138 -0.20 -50.13 -38.48
N LYS F 139 0.37 -51.32 -38.32
CA LYS F 139 0.41 -52.31 -39.39
C LYS F 139 -0.90 -53.09 -39.39
N ILE F 140 -1.67 -52.97 -40.46
CA ILE F 140 -2.97 -53.62 -40.57
C ILE F 140 -2.80 -54.89 -41.39
N TYR F 141 -3.15 -56.03 -40.80
CA TYR F 141 -2.87 -57.34 -41.37
C TYR F 141 -4.01 -57.89 -42.22
N HIS F 142 -4.69 -57.04 -42.98
CA HIS F 142 -5.68 -57.51 -43.92
C HIS F 142 -5.82 -56.49 -45.04
N LYS F 143 -6.34 -56.93 -46.18
CA LYS F 143 -6.63 -56.02 -47.28
C LYS F 143 -7.61 -54.96 -46.82
N CYS F 144 -7.28 -53.69 -47.07
CA CYS F 144 -8.05 -52.57 -46.53
C CYS F 144 -8.07 -51.47 -47.60
N ASP F 145 -9.07 -51.53 -48.47
CA ASP F 145 -9.19 -50.58 -49.58
C ASP F 145 -9.59 -49.20 -49.02
N ASN F 146 -9.88 -48.27 -49.93
CA ASN F 146 -10.21 -46.91 -49.53
C ASN F 146 -11.43 -46.88 -48.62
N ALA F 147 -12.47 -47.65 -48.95
CA ALA F 147 -13.65 -47.71 -48.09
C ALA F 147 -13.31 -48.23 -46.70
N CYS F 148 -12.36 -49.15 -46.61
CA CYS F 148 -11.95 -49.70 -45.32
C CYS F 148 -11.20 -48.66 -44.50
N ILE F 149 -10.29 -47.92 -45.14
CA ILE F 149 -9.59 -46.83 -44.45
C ILE F 149 -10.59 -45.76 -44.01
N GLU F 150 -11.53 -45.40 -44.89
CA GLU F 150 -12.52 -44.40 -44.53
C GLU F 150 -13.37 -44.84 -43.35
N SER F 151 -13.64 -46.15 -43.22
CA SER F 151 -14.43 -46.63 -42.10
C SER F 151 -13.68 -46.51 -40.79
N ILE F 152 -12.34 -46.55 -40.82
CA ILE F 152 -11.56 -46.31 -39.62
C ILE F 152 -11.59 -44.83 -39.26
N ARG F 153 -11.50 -43.96 -40.26
CA ARG F 153 -11.43 -42.52 -39.98
C ARG F 153 -12.77 -41.96 -39.54
N ASN F 154 -13.88 -42.57 -39.92
CA ASN F 154 -15.18 -42.12 -39.45
C ASN F 154 -15.78 -43.04 -38.38
N GLY F 155 -15.00 -43.99 -37.87
CA GLY F 155 -15.38 -44.72 -36.68
C GLY F 155 -16.44 -45.78 -36.85
N THR F 156 -16.60 -46.34 -38.04
CA THR F 156 -17.58 -47.39 -38.28
C THR F 156 -16.94 -48.74 -38.60
N TYR F 157 -15.61 -48.81 -38.58
CA TYR F 157 -14.87 -50.03 -38.85
C TYR F 157 -15.27 -51.13 -37.88
N ASP F 158 -15.79 -52.23 -38.42
CA ASP F 158 -16.16 -53.41 -37.65
C ASP F 158 -15.00 -54.40 -37.71
N HIS F 159 -14.29 -54.56 -36.59
CA HIS F 159 -13.09 -55.40 -36.58
C HIS F 159 -13.40 -56.86 -36.85
N ASP F 160 -14.60 -57.31 -36.48
CA ASP F 160 -14.94 -58.73 -36.64
C ASP F 160 -15.00 -59.15 -38.10
N VAL F 161 -15.25 -58.22 -39.02
CA VAL F 161 -15.33 -58.58 -40.43
C VAL F 161 -13.98 -59.08 -40.94
N TYR F 162 -12.89 -58.52 -40.44
CA TYR F 162 -11.55 -58.82 -40.94
C TYR F 162 -10.73 -59.67 -39.99
N ARG F 163 -11.29 -60.02 -38.82
CA ARG F 163 -10.52 -60.67 -37.78
C ARG F 163 -9.91 -61.98 -38.24
N ASP F 164 -10.71 -62.82 -38.91
CA ASP F 164 -10.21 -64.12 -39.35
C ASP F 164 -9.06 -63.96 -40.33
N GLU F 165 -9.21 -63.07 -41.30
CA GLU F 165 -8.10 -62.77 -42.21
C GLU F 165 -6.89 -62.22 -41.45
N ALA F 166 -7.12 -61.34 -40.48
CA ALA F 166 -6.02 -60.67 -39.80
C ALA F 166 -5.29 -61.61 -38.85
N LEU F 167 -6.02 -62.40 -38.07
CA LEU F 167 -5.38 -63.33 -37.15
C LEU F 167 -4.51 -64.33 -37.90
N ASN F 168 -4.95 -64.76 -39.08
CA ASN F 168 -4.17 -65.71 -39.86
C ASN F 168 -2.88 -65.10 -40.36
N ASN F 169 -2.93 -63.86 -40.87
CA ASN F 169 -1.71 -63.21 -41.36
C ASN F 169 -0.75 -62.90 -40.21
N ARG F 170 -1.27 -62.55 -39.04
CA ARG F 170 -0.40 -62.19 -37.93
C ARG F 170 0.38 -63.39 -37.42
N PHE F 171 -0.29 -64.54 -37.34
CA PHE F 171 0.29 -65.72 -36.70
C PHE F 171 0.64 -66.79 -37.73
N ILE G 3 36.02 49.39 47.06
CA ILE G 3 36.50 48.05 46.72
C ILE G 3 37.31 48.06 45.44
N VAL G 4 38.64 47.91 45.56
CA VAL G 4 39.51 47.73 44.40
C VAL G 4 39.77 46.24 44.20
N ASN G 5 39.60 45.76 42.97
CA ASN G 5 39.88 44.38 42.58
C ASN G 5 40.90 44.35 41.46
N VAL G 6 42.00 43.61 41.65
CA VAL G 6 42.95 43.43 40.57
C VAL G 6 42.77 42.01 40.07
N PRO G 7 42.09 41.81 38.94
CA PRO G 7 41.77 40.45 38.51
C PRO G 7 42.91 39.74 37.82
N ASN G 8 42.87 38.41 37.88
CA ASN G 8 43.78 37.58 37.11
C ASN G 8 43.09 37.35 35.78
N CYS G 9 43.54 38.05 34.74
CA CYS G 9 42.93 37.94 33.42
C CYS G 9 43.37 36.70 32.67
N ASN G 10 44.30 35.92 33.22
CA ASN G 10 44.77 34.68 32.63
C ASN G 10 44.28 33.45 33.39
N THR G 11 43.10 33.55 33.98
CA THR G 11 42.47 32.38 34.57
C THR G 11 41.91 31.50 33.46
N THR G 12 41.61 30.25 33.80
CA THR G 12 41.13 29.31 32.79
C THR G 12 39.88 29.83 32.10
N LYS G 13 38.93 30.38 32.85
CA LYS G 13 37.72 30.94 32.24
C LYS G 13 38.08 32.03 31.23
N TYR G 14 38.94 32.97 31.63
CA TYR G 14 39.22 34.13 30.80
C TYR G 14 40.03 33.76 29.56
N GLN G 15 40.98 32.83 29.71
CA GLN G 15 41.75 32.40 28.55
C GLN G 15 40.87 31.69 27.52
N GLN G 16 39.90 30.91 27.99
CA GLN G 16 39.02 30.21 27.05
C GLN G 16 38.10 31.20 26.32
N LEU G 17 37.64 32.23 27.03
CA LEU G 17 36.84 33.27 26.37
C LEU G 17 37.66 34.00 25.32
N ALA G 18 38.95 34.22 25.60
CA ALA G 18 39.80 34.90 24.63
C ALA G 18 40.16 33.99 23.46
N ARG G 19 40.52 32.74 23.74
CA ARG G 19 40.85 31.80 22.67
C ARG G 19 39.67 31.58 21.74
N THR G 20 38.47 31.45 22.29
CA THR G 20 37.27 31.36 21.45
C THR G 20 37.13 32.60 20.58
N ALA G 21 37.37 33.78 21.15
CA ALA G 21 37.26 35.01 20.37
C ALA G 21 38.28 35.04 19.23
N VAL G 22 39.51 34.60 19.51
CA VAL G 22 40.53 34.57 18.46
C VAL G 22 40.13 33.59 17.36
N ALA G 23 39.54 32.45 17.74
CA ALA G 23 39.14 31.45 16.75
C ALA G 23 38.00 31.96 15.89
N ILE G 24 37.04 32.67 16.48
CA ILE G 24 35.95 33.24 15.69
C ILE G 24 36.50 34.27 14.70
N TYR G 25 37.41 35.12 15.16
CA TYR G 25 38.00 36.13 14.28
C TYR G 25 38.75 35.49 13.13
N ASN G 26 39.60 34.49 13.43
CA ASN G 26 40.31 33.78 12.37
C ASN G 26 39.35 33.16 11.37
N TYR G 27 38.25 32.60 11.86
CA TYR G 27 37.27 31.99 10.97
C TYR G 27 36.60 33.04 10.09
N HIS G 28 36.19 34.16 10.68
CA HIS G 28 35.41 35.15 9.95
C HIS G 28 36.27 35.98 8.99
N GLU G 29 37.50 36.29 9.38
CA GLU G 29 38.37 37.14 8.56
C GLU G 29 39.43 36.35 7.81
N GLN G 30 39.37 35.01 7.86
CA GLN G 30 40.40 34.15 7.26
C GLN G 30 41.80 34.58 7.68
N ALA G 31 41.96 34.89 8.95
CA ALA G 31 43.25 35.24 9.52
C ALA G 31 43.79 34.04 10.30
N HIS G 32 45.00 34.16 10.83
CA HIS G 32 45.57 33.15 11.70
C HIS G 32 46.34 33.82 12.82
N LEU G 33 45.60 34.46 13.72
CA LEU G 33 46.19 34.93 14.95
C LEU G 33 46.32 33.78 15.93
N THR G 34 47.30 33.88 16.82
CA THR G 34 47.48 32.92 17.89
C THR G 34 47.46 33.66 19.21
N PHE G 35 46.57 33.23 20.11
CA PHE G 35 46.45 33.88 21.41
C PHE G 35 47.74 33.73 22.19
N VAL G 36 48.14 34.81 22.88
CA VAL G 36 49.33 34.82 23.73
C VAL G 36 48.95 34.95 25.20
N GLU G 37 48.22 36.00 25.56
CA GLU G 37 47.88 36.28 26.95
C GLU G 37 46.86 37.42 26.97
N ASN G 38 46.11 37.49 28.07
CA ASN G 38 45.21 38.60 28.30
C ASN G 38 45.95 39.69 29.08
N LEU G 39 45.66 40.95 28.74
CA LEU G 39 46.27 42.10 29.40
C LEU G 39 45.33 42.73 30.43
N ASN G 40 44.08 43.00 30.05
CA ASN G 40 43.09 43.50 30.96
C ASN G 40 41.77 42.81 30.70
N CYS G 41 40.88 42.86 31.68
CA CYS G 41 39.61 42.15 31.60
C CYS G 41 38.61 42.84 32.53
N LYS G 42 37.34 42.85 32.11
CA LYS G 42 36.31 43.58 32.83
C LYS G 42 34.95 42.95 32.51
N GLU G 43 34.12 42.82 33.55
CA GLU G 43 32.75 42.33 33.42
C GLU G 43 31.79 43.49 33.63
N GLN G 44 30.81 43.62 32.74
CA GLN G 44 29.81 44.68 32.85
C GLN G 44 28.51 44.17 32.23
N GLY G 45 27.56 43.81 33.07
CA GLY G 45 26.28 43.33 32.56
C GLY G 45 26.45 41.96 31.92
N ASN G 46 25.91 41.83 30.70
CA ASN G 46 25.98 40.59 29.94
C ASN G 46 27.29 40.42 29.19
N TYR G 47 28.31 41.24 29.47
CA TYR G 47 29.46 41.32 28.58
C TYR G 47 30.78 41.21 29.33
N TYR G 48 31.74 40.55 28.69
CA TYR G 48 33.13 40.56 29.11
C TYR G 48 33.91 41.43 28.13
N TYR G 49 34.75 42.31 28.66
CA TYR G 49 35.60 43.18 27.85
C TYR G 49 37.04 42.78 28.13
N ILE G 50 37.70 42.19 27.14
CA ILE G 50 39.02 41.60 27.30
C ILE G 50 39.99 42.30 26.34
N THR G 51 41.16 42.67 26.86
CA THR G 51 42.26 43.16 26.06
C THR G 51 43.33 42.09 26.03
N LEU G 52 43.66 41.59 24.84
CA LEU G 52 44.53 40.44 24.68
C LEU G 52 45.65 40.75 23.69
N ALA G 53 46.70 39.94 23.77
CA ALA G 53 47.80 39.95 22.82
C ALA G 53 47.71 38.72 21.94
N ALA G 54 47.97 38.90 20.64
CA ALA G 54 47.96 37.80 19.68
C ALA G 54 49.01 38.06 18.62
N THR G 55 49.71 37.01 18.22
CA THR G 55 50.72 37.07 17.19
C THR G 55 50.19 36.52 15.88
N ASP G 56 50.76 36.99 14.77
CA ASP G 56 50.47 36.43 13.46
C ASP G 56 51.51 35.35 13.14
N ASP G 57 51.45 34.81 11.92
CA ASP G 57 52.38 33.75 11.54
C ASP G 57 53.82 34.23 11.48
N ALA G 58 54.05 35.53 11.32
CA ALA G 58 55.39 36.09 11.35
C ALA G 58 55.86 36.41 12.76
N GLY G 59 55.06 36.10 13.77
CA GLY G 59 55.42 36.42 15.15
C GLY G 59 55.19 37.86 15.54
N LYS G 60 54.46 38.63 14.74
CA LYS G 60 54.17 40.03 15.05
C LYS G 60 53.05 40.07 16.09
N LYS G 61 53.38 40.55 17.29
CA LYS G 61 52.37 40.69 18.34
C LYS G 61 51.59 41.98 18.14
N ALA G 62 50.28 41.90 18.38
CA ALA G 62 49.41 43.06 18.35
C ALA G 62 48.42 42.93 19.51
N ILE G 63 47.77 44.03 19.84
CA ILE G 63 46.86 44.11 20.97
C ILE G 63 45.45 44.31 20.45
N TYR G 64 44.51 43.50 20.96
CA TYR G 64 43.14 43.50 20.47
C TYR G 64 42.19 43.69 21.64
N GLU G 65 41.04 44.30 21.36
CA GLU G 65 39.99 44.49 22.34
C GLU G 65 38.76 43.71 21.90
N ALA G 66 38.31 42.80 22.75
CA ALA G 66 37.18 41.93 22.44
C ALA G 66 36.02 42.22 23.37
N LYS G 67 34.82 42.22 22.81
CA LYS G 67 33.57 42.33 23.56
C LYS G 67 32.80 41.03 23.39
N ILE G 68 32.62 40.30 24.49
CA ILE G 68 32.04 38.95 24.44
C ILE G 68 30.78 38.96 25.29
N GLY G 69 29.66 38.58 24.68
CA GLY G 69 28.38 38.52 25.35
C GLY G 69 28.04 37.10 25.80
N VAL G 70 27.35 37.00 26.93
CA VAL G 70 26.87 35.74 27.46
C VAL G 70 25.44 35.93 27.94
N VAL G 71 24.52 35.12 27.41
CA VAL G 71 23.15 35.05 27.91
C VAL G 71 22.96 33.62 28.39
N GLU G 72 23.10 33.42 29.71
CA GLU G 72 23.15 32.05 30.25
C GLU G 72 21.83 31.32 30.04
N SER G 73 20.71 32.02 30.22
CA SER G 73 19.41 31.37 30.07
C SER G 73 19.20 30.83 28.67
N ALA G 74 19.87 31.40 27.68
CA ALA G 74 19.81 30.90 26.30
C ALA G 74 20.98 29.98 25.95
N GLY G 75 21.95 29.85 26.85
CA GLY G 75 23.18 29.15 26.50
C GLY G 75 23.93 29.79 25.37
N TRP G 76 23.89 31.11 25.26
CA TRP G 76 24.49 31.82 24.13
C TRP G 76 25.79 32.49 24.54
N THR G 77 26.81 32.35 23.69
CA THR G 77 28.07 33.08 23.82
C THR G 77 28.42 33.67 22.46
N GLY G 78 28.65 34.97 22.42
CA GLY G 78 28.92 35.64 21.17
C GLY G 78 30.02 36.68 21.24
N VAL G 79 30.86 36.73 20.22
CA VAL G 79 31.89 37.75 20.11
C VAL G 79 31.30 38.91 19.30
N GLU G 80 30.99 40.00 19.99
CA GLU G 80 30.35 41.14 19.33
C GLU G 80 31.34 42.13 18.76
N GLU G 81 32.52 42.24 19.36
CA GLU G 81 33.56 43.14 18.87
C GLU G 81 34.91 42.46 19.01
N PHE G 82 35.77 42.67 18.03
CA PHE G 82 37.15 42.21 18.08
C PHE G 82 37.94 43.22 17.24
N LYS G 83 38.46 44.24 17.91
CA LYS G 83 39.04 45.39 17.22
C LYS G 83 40.53 45.46 17.52
N LEU G 84 41.33 45.68 16.48
CA LEU G 84 42.75 45.91 16.68
C LEU G 84 42.96 47.27 17.33
N VAL G 85 43.83 47.31 18.34
CA VAL G 85 44.18 48.55 18.99
C VAL G 85 45.57 49.02 18.58
N GLY G 86 46.48 48.08 18.33
CA GLY G 86 47.83 48.41 17.92
C GLY G 86 48.72 47.18 17.93
N ILE H 3 -38.60 51.52 41.85
CA ILE H 3 -37.42 52.10 41.20
C ILE H 3 -36.27 51.13 41.24
N VAL H 4 -35.88 50.70 42.45
CA VAL H 4 -34.88 49.66 42.57
C VAL H 4 -35.55 48.35 42.20
N ASN H 5 -34.85 47.53 41.43
CA ASN H 5 -35.38 46.23 41.03
C ASN H 5 -34.58 45.17 41.77
N VAL H 6 -35.30 44.41 42.59
CA VAL H 6 -34.74 43.39 43.47
C VAL H 6 -35.12 42.02 42.93
N PRO H 7 -34.17 41.12 42.73
CA PRO H 7 -34.48 39.83 42.12
C PRO H 7 -35.12 38.88 43.14
N ASN H 8 -35.84 37.90 42.60
CA ASN H 8 -36.45 36.82 43.37
C ASN H 8 -35.47 35.67 43.48
N CYS H 9 -34.95 35.44 44.69
CA CYS H 9 -33.91 34.44 44.89
C CYS H 9 -34.43 33.00 44.83
N ASN H 10 -35.75 32.80 44.75
CA ASN H 10 -36.31 31.47 44.67
C ASN H 10 -36.81 31.15 43.27
N THR H 11 -36.26 31.83 42.27
CA THR H 11 -36.55 31.55 40.87
C THR H 11 -35.74 30.36 40.39
N THR H 12 -36.18 29.79 39.27
CA THR H 12 -35.48 28.64 38.70
C THR H 12 -34.01 28.98 38.40
N LYS H 13 -33.78 30.15 37.80
CA LYS H 13 -32.41 30.55 37.46
C LYS H 13 -31.51 30.61 38.69
N TYR H 14 -31.98 31.27 39.75
CA TYR H 14 -31.13 31.45 40.93
C TYR H 14 -30.96 30.15 41.71
N GLN H 15 -32.01 29.33 41.80
CA GLN H 15 -31.90 28.05 42.48
C GLN H 15 -30.90 27.14 41.77
N GLN H 16 -30.91 27.17 40.43
CA GLN H 16 -29.98 26.35 39.66
C GLN H 16 -28.55 26.85 39.81
N LEU H 17 -28.37 28.17 39.88
CA LEU H 17 -27.03 28.72 40.12
C LEU H 17 -26.49 28.27 41.46
N ALA H 18 -27.35 28.19 42.48
CA ALA H 18 -26.90 27.77 43.79
C ALA H 18 -26.61 26.27 43.82
N ARG H 19 -27.48 25.46 43.21
CA ARG H 19 -27.23 24.02 43.14
C ARG H 19 -25.95 23.72 42.40
N THR H 20 -25.70 24.43 41.28
CA THR H 20 -24.42 24.28 40.59
C THR H 20 -23.26 24.67 41.48
N ALA H 21 -23.41 25.76 42.25
CA ALA H 21 -22.33 26.17 43.14
C ALA H 21 -22.04 25.11 44.19
N VAL H 22 -23.08 24.49 44.75
CA VAL H 22 -22.89 23.42 45.72
C VAL H 22 -22.21 22.22 45.08
N ALA H 23 -22.58 21.90 43.83
CA ALA H 23 -22.01 20.73 43.18
C ALA H 23 -20.53 20.93 42.85
N ILE H 24 -20.16 22.14 42.42
CA ILE H 24 -18.74 22.42 42.14
C ILE H 24 -17.93 22.33 43.42
N TYR H 25 -18.46 22.87 44.53
CA TYR H 25 -17.75 22.75 45.81
C TYR H 25 -17.58 21.28 46.20
N ASN H 26 -18.65 20.50 46.11
CA ASN H 26 -18.55 19.08 46.41
C ASN H 26 -17.52 18.39 45.54
N TYR H 27 -17.48 18.73 44.26
CA TYR H 27 -16.50 18.13 43.35
C TYR H 27 -15.07 18.54 43.72
N HIS H 28 -14.85 19.82 44.00
CA HIS H 28 -13.50 20.28 44.24
C HIS H 28 -12.97 19.86 45.61
N GLU H 29 -13.83 19.85 46.63
CA GLU H 29 -13.42 19.54 47.99
C GLU H 29 -13.79 18.13 48.44
N GLN H 30 -14.32 17.30 47.55
CA GLN H 30 -14.81 15.96 47.91
C GLN H 30 -15.73 16.01 49.12
N ALA H 31 -16.65 16.97 49.11
CA ALA H 31 -17.65 17.12 50.15
C ALA H 31 -18.99 16.57 49.66
N HIS H 32 -19.99 16.61 50.54
CA HIS H 32 -21.35 16.23 50.18
C HIS H 32 -22.35 17.17 50.86
N LEU H 33 -22.35 18.44 50.43
CA LEU H 33 -23.39 19.36 50.84
C LEU H 33 -24.63 19.19 49.97
N THR H 34 -25.78 19.51 50.54
CA THR H 34 -27.06 19.48 49.83
C THR H 34 -27.72 20.84 49.95
N PHE H 35 -28.06 21.44 48.81
CA PHE H 35 -28.71 22.75 48.80
C PHE H 35 -30.07 22.67 49.47
N VAL H 36 -30.38 23.70 50.27
CA VAL H 36 -31.67 23.82 50.94
C VAL H 36 -32.50 24.97 50.37
N GLU H 37 -31.93 26.18 50.37
CA GLU H 37 -32.65 27.37 49.94
C GLU H 37 -31.67 28.52 49.82
N ASN H 38 -32.05 29.51 49.03
CA ASN H 38 -31.29 30.75 48.92
C ASN H 38 -31.76 31.75 49.95
N LEU H 39 -30.82 32.50 50.52
CA LEU H 39 -31.13 33.52 51.52
C LEU H 39 -31.14 34.92 50.92
N ASN H 40 -30.09 35.29 50.19
CA ASN H 40 -30.08 36.53 49.43
C ASN H 40 -29.35 36.28 48.11
N CYS H 41 -29.56 37.18 47.15
CA CYS H 41 -29.00 37.00 45.82
C CYS H 41 -28.87 38.37 45.17
N LYS H 42 -27.86 38.50 44.31
CA LYS H 42 -27.55 39.78 43.69
C LYS H 42 -26.86 39.55 42.35
N GLU H 43 -27.31 40.29 41.33
CA GLU H 43 -26.70 40.28 40.01
C GLU H 43 -26.00 41.60 39.77
N GLN H 44 -24.74 41.54 39.33
CA GLN H 44 -23.96 42.75 39.07
C GLN H 44 -22.95 42.44 37.97
N GLY H 45 -23.22 42.93 36.77
CA GLY H 45 -22.32 42.68 35.65
C GLY H 45 -22.38 41.22 35.25
N ASN H 46 -21.22 40.61 35.05
CA ASN H 46 -21.13 39.20 34.69
C ASN H 46 -21.20 38.27 35.90
N TYR H 47 -21.58 38.75 37.07
CA TYR H 47 -21.44 37.96 38.28
C TYR H 47 -22.75 37.91 39.06
N TYR H 48 -23.03 36.75 39.62
CA TYR H 48 -24.11 36.54 40.58
C TYR H 48 -23.53 36.29 41.96
N TYR H 49 -24.08 36.94 42.97
CA TYR H 49 -23.66 36.79 44.36
C TYR H 49 -24.81 36.18 45.15
N ILE H 50 -24.65 34.93 45.58
CA ILE H 50 -25.72 34.18 46.21
C ILE H 50 -25.29 33.75 47.60
N THR H 51 -26.17 33.95 48.58
CA THR H 51 -26.01 33.42 49.93
C THR H 51 -27.04 32.32 50.11
N LEU H 52 -26.58 31.10 50.40
CA LEU H 52 -27.45 29.94 50.43
C LEU H 52 -27.23 29.16 51.72
N ALA H 53 -28.21 28.32 52.04
CA ALA H 53 -28.12 27.37 53.13
C ALA H 53 -27.90 25.97 52.57
N ALA H 54 -27.04 25.19 53.22
CA ALA H 54 -26.76 23.83 52.79
C ALA H 54 -26.47 22.97 54.00
N THR H 55 -27.01 21.75 54.00
CA THR H 55 -26.75 20.79 55.07
C THR H 55 -25.73 19.77 54.60
N ASP H 56 -24.98 19.23 55.55
CA ASP H 56 -24.07 18.12 55.29
C ASP H 56 -24.75 16.81 55.62
N ASP H 57 -23.99 15.71 55.52
CA ASP H 57 -24.53 14.39 55.81
C ASP H 57 -24.91 14.23 57.28
N ALA H 58 -24.39 15.09 58.15
CA ALA H 58 -24.76 15.06 59.56
C ALA H 58 -26.04 15.82 59.86
N GLY H 59 -26.69 16.38 58.84
CA GLY H 59 -27.91 17.14 59.04
C GLY H 59 -27.72 18.54 59.55
N LYS H 60 -26.48 19.01 59.72
CA LYS H 60 -26.24 20.35 60.21
C LYS H 60 -26.30 21.35 59.07
N LYS H 61 -27.09 22.39 59.25
CA LYS H 61 -27.26 23.43 58.24
C LYS H 61 -26.25 24.54 58.46
N ALA H 62 -25.68 25.04 57.37
CA ALA H 62 -24.74 26.15 57.42
C ALA H 62 -25.00 27.10 56.26
N ILE H 63 -24.43 28.29 56.36
CA ILE H 63 -24.66 29.36 55.40
C ILE H 63 -23.38 29.61 54.62
N TYR H 64 -23.51 29.67 53.29
CA TYR H 64 -22.38 29.82 52.39
C TYR H 64 -22.61 31.00 51.46
N GLU H 65 -21.51 31.61 51.02
CA GLU H 65 -21.52 32.72 50.09
C GLU H 65 -20.83 32.28 48.81
N ALA H 66 -21.54 32.38 47.69
CA ALA H 66 -21.01 31.95 46.40
C ALA H 66 -20.89 33.15 45.46
N LYS H 67 -19.79 33.17 44.70
CA LYS H 67 -19.58 34.14 43.63
C LYS H 67 -19.53 33.35 42.32
N ILE H 68 -20.50 33.60 41.45
CA ILE H 68 -20.67 32.82 40.22
C ILE H 68 -20.59 33.76 39.03
N GLY H 69 -19.69 33.48 38.10
CA GLY H 69 -19.56 34.27 36.88
C GLY H 69 -20.27 33.61 35.72
N VAL H 70 -20.86 34.43 34.86
CA VAL H 70 -21.51 33.96 33.64
C VAL H 70 -21.11 34.90 32.51
N VAL H 71 -20.52 34.35 31.46
CA VAL H 71 -20.16 35.09 30.25
C VAL H 71 -20.95 34.48 29.10
N GLU H 72 -22.01 35.17 28.68
CA GLU H 72 -23.00 34.58 27.77
C GLU H 72 -22.40 34.22 26.42
N SER H 73 -21.58 35.10 25.84
CA SER H 73 -21.03 34.84 24.51
C SER H 73 -20.14 33.60 24.49
N ALA H 74 -19.56 33.23 25.64
CA ALA H 74 -18.76 32.02 25.73
C ALA H 74 -19.54 30.82 26.22
N GLY H 75 -20.78 31.02 26.64
CA GLY H 75 -21.52 29.95 27.30
C GLY H 75 -20.82 29.43 28.54
N TRP H 76 -20.16 30.32 29.28
CA TRP H 76 -19.35 29.93 30.42
C TRP H 76 -20.07 30.25 31.72
N THR H 77 -20.05 29.30 32.64
CA THR H 77 -20.52 29.49 34.00
C THR H 77 -19.43 28.97 34.93
N GLY H 78 -18.98 29.81 35.85
CA GLY H 78 -17.92 29.41 36.74
C GLY H 78 -18.14 29.85 38.17
N VAL H 79 -17.83 28.97 39.11
CA VAL H 79 -17.92 29.27 40.53
C VAL H 79 -16.56 29.78 40.97
N GLU H 80 -16.46 31.07 41.25
CA GLU H 80 -15.19 31.67 41.63
C GLU H 80 -14.95 31.66 43.13
N GLU H 81 -16.00 31.71 43.94
CA GLU H 81 -15.88 31.68 45.39
C GLU H 81 -17.02 30.87 45.98
N PHE H 82 -16.71 30.11 47.04
CA PHE H 82 -17.71 29.38 47.80
C PHE H 82 -17.20 29.27 49.23
N LYS H 83 -17.63 30.20 50.08
CA LYS H 83 -17.06 30.38 51.41
C LYS H 83 -18.11 30.13 52.49
N LEU H 84 -17.74 29.36 53.51
CA LEU H 84 -18.62 29.17 54.65
C LEU H 84 -18.70 30.46 55.46
N VAL H 85 -19.92 30.87 55.78
CA VAL H 85 -20.14 32.09 56.55
C VAL H 85 -20.58 31.80 57.98
N GLY H 86 -21.33 30.75 58.22
CA GLY H 86 -21.77 30.43 59.58
C GLY H 86 -22.82 29.35 59.56
N SER H 87 -23.36 29.09 60.75
CA SER H 87 -24.37 28.06 60.93
C SER H 87 -25.66 28.66 61.47
N CYS I 9 -3.84 65.06 -20.30
CA CYS I 9 -4.58 64.50 -19.17
C CYS I 9 -5.59 63.46 -19.64
N ASN I 10 -5.61 63.21 -20.94
CA ASN I 10 -6.47 62.20 -21.55
C ASN I 10 -5.63 61.11 -22.19
N THR I 11 -4.52 60.76 -21.55
CA THR I 11 -3.64 59.70 -22.04
C THR I 11 -4.30 58.33 -21.90
N LYS I 13 -2.51 56.10 -20.23
CA LYS I 13 -2.51 55.88 -18.78
C LYS I 13 -3.84 56.31 -18.17
N TYR I 14 -4.14 57.61 -18.25
CA TYR I 14 -5.35 58.13 -17.61
C TYR I 14 -6.62 57.57 -18.23
N GLN I 15 -6.59 57.26 -19.53
CA GLN I 15 -7.78 56.71 -20.18
C GLN I 15 -8.01 55.26 -19.77
N GLN I 16 -6.93 54.49 -19.59
CA GLN I 16 -7.08 53.12 -19.13
C GLN I 16 -7.58 53.07 -17.69
N LEU I 17 -7.12 54.01 -16.86
CA LEU I 17 -7.60 54.06 -15.48
C LEU I 17 -9.09 54.34 -15.41
N ALA I 18 -9.59 55.20 -16.31
CA ALA I 18 -10.99 55.56 -16.28
C ALA I 18 -11.87 54.41 -16.77
N ARG I 19 -11.50 53.79 -17.90
CA ARG I 19 -12.27 52.66 -18.41
C ARG I 19 -12.22 51.48 -17.44
N THR I 20 -11.11 51.31 -16.72
CA THR I 20 -11.07 50.30 -15.66
C THR I 20 -12.09 50.60 -14.58
N ALA I 21 -12.29 51.88 -14.27
CA ALA I 21 -13.28 52.26 -13.26
C ALA I 21 -14.70 52.05 -13.78
N VAL I 22 -14.94 52.34 -15.06
CA VAL I 22 -16.28 52.17 -15.62
C VAL I 22 -16.64 50.70 -15.75
N ALA I 23 -15.64 49.86 -16.09
CA ALA I 23 -15.90 48.42 -16.20
C ALA I 23 -16.19 47.81 -14.83
N ILE I 24 -15.45 48.23 -13.81
CA ILE I 24 -15.70 47.73 -12.46
C ILE I 24 -17.08 48.19 -11.97
N TYR I 25 -17.49 49.40 -12.37
CA TYR I 25 -18.84 49.85 -12.04
C TYR I 25 -19.90 49.00 -12.73
N ASN I 26 -19.70 48.69 -14.02
CA ASN I 26 -20.66 47.86 -14.75
C ASN I 26 -20.77 46.47 -14.14
N TYR I 27 -19.71 46.00 -13.48
CA TYR I 27 -19.77 44.72 -12.78
C TYR I 27 -20.50 44.87 -11.45
N HIS I 28 -20.11 45.85 -10.64
CA HIS I 28 -20.66 45.96 -9.28
C HIS I 28 -22.15 46.28 -9.30
N GLU I 29 -22.57 47.21 -10.17
CA GLU I 29 -23.95 47.66 -10.19
C GLU I 29 -24.77 47.03 -11.33
N GLN I 30 -24.16 46.16 -12.13
CA GLN I 30 -24.85 45.48 -13.23
C GLN I 30 -25.39 46.47 -14.25
N ALA I 31 -24.79 47.67 -14.32
CA ALA I 31 -25.15 48.64 -15.33
C ALA I 31 -24.31 48.41 -16.59
N HIS I 32 -24.55 49.22 -17.62
CA HIS I 32 -23.84 49.10 -18.90
C HIS I 32 -23.51 50.51 -19.40
N LEU I 33 -22.47 51.10 -18.82
CA LEU I 33 -21.98 52.40 -19.26
C LEU I 33 -20.93 52.21 -20.36
N THR I 34 -20.57 53.33 -20.99
CA THR I 34 -19.52 53.34 -22.01
C THR I 34 -18.67 54.58 -21.80
N PHE I 35 -17.35 54.41 -21.80
CA PHE I 35 -16.45 55.53 -21.55
C PHE I 35 -16.49 56.53 -22.70
N VAL I 36 -16.52 57.81 -22.33
CA VAL I 36 -16.49 58.90 -23.31
C VAL I 36 -15.12 59.56 -23.26
N GLU I 37 -14.90 60.43 -22.29
CA GLU I 37 -13.60 61.02 -22.05
C GLU I 37 -13.54 61.69 -20.68
N ASN I 46 -1.06 58.62 -3.59
CA ASN I 46 -1.50 57.23 -3.66
C ASN I 46 -2.81 57.09 -4.43
N TYR I 47 -3.43 58.23 -4.79
CA TYR I 47 -4.76 58.23 -5.35
C TYR I 47 -4.81 59.08 -6.61
N TYR I 48 -5.71 58.70 -7.52
CA TYR I 48 -6.02 59.46 -8.72
C TYR I 48 -7.50 59.86 -8.68
N TYR I 49 -7.76 61.14 -8.89
CA TYR I 49 -9.13 61.68 -8.88
C TYR I 49 -9.47 62.10 -10.31
N ILE I 50 -10.33 61.31 -10.96
CA ILE I 50 -10.65 61.49 -12.37
C ILE I 50 -12.14 61.82 -12.49
N THR I 51 -12.42 62.90 -13.22
CA THR I 51 -13.79 63.27 -13.58
C THR I 51 -14.04 62.87 -15.02
N LEU I 52 -15.01 61.99 -15.25
CA LEU I 52 -15.25 61.41 -16.57
C LEU I 52 -16.72 61.56 -16.94
N ALA I 53 -17.00 61.25 -18.21
CA ALA I 53 -18.35 61.23 -18.74
C ALA I 53 -18.65 59.85 -19.30
N ALA I 54 -19.92 59.46 -19.24
CA ALA I 54 -20.32 58.12 -19.69
C ALA I 54 -21.70 58.15 -20.34
N LYS I 67 -11.82 58.46 -8.31
CA LYS I 67 -11.16 57.98 -7.11
C LYS I 67 -10.56 56.60 -7.32
N ILE I 68 -9.28 56.55 -7.69
CA ILE I 68 -8.58 55.31 -7.98
C ILE I 68 -7.28 55.28 -7.19
N GLY I 69 -7.04 54.18 -6.49
CA GLY I 69 -5.85 54.02 -5.66
C GLY I 69 -4.86 53.06 -6.29
N VAL I 70 -3.58 53.30 -6.02
CA VAL I 70 -2.49 52.45 -6.51
C VAL I 70 -1.45 52.31 -5.40
N VAL I 71 -1.05 51.07 -5.14
CA VAL I 71 0.07 50.77 -4.24
C VAL I 71 1.03 49.89 -5.05
N GLU I 72 2.10 50.50 -5.57
CA GLU I 72 2.93 49.85 -6.57
C GLU I 72 3.79 48.72 -5.99
N SER I 73 4.07 48.73 -4.68
CA SER I 73 4.81 47.62 -4.08
C SER I 73 3.94 46.37 -4.01
N ALA I 74 2.66 46.54 -3.71
CA ALA I 74 1.72 45.43 -3.69
C ALA I 74 1.18 45.10 -5.08
N GLY I 75 1.31 46.03 -6.03
CA GLY I 75 0.70 45.85 -7.33
C GLY I 75 -0.82 45.95 -7.30
N TRP I 76 -1.37 46.71 -6.36
CA TRP I 76 -2.81 46.81 -6.19
C TRP I 76 -3.37 48.04 -6.89
N THR I 77 -4.52 47.87 -7.53
CA THR I 77 -5.28 48.97 -8.11
C THR I 77 -6.75 48.75 -7.80
N GLY I 78 -7.39 49.76 -7.22
CA GLY I 78 -8.79 49.65 -6.84
C GLY I 78 -9.53 50.95 -7.01
N VAL I 79 -10.83 50.85 -7.20
CA VAL I 79 -11.71 52.00 -7.36
C VAL I 79 -12.48 52.16 -6.05
N GLU I 80 -11.97 53.03 -5.17
CA GLU I 80 -12.61 53.21 -3.87
C GLU I 80 -13.95 53.91 -3.99
N GLU I 81 -14.07 54.88 -4.90
CA GLU I 81 -15.30 55.61 -5.09
C GLU I 81 -15.53 55.87 -6.57
N PHE I 82 -16.80 56.02 -6.94
CA PHE I 82 -17.15 56.26 -8.34
C PHE I 82 -18.42 57.11 -8.44
#